data_1O73
# 
_entry.id   1O73 
# 
_audit_conform.dict_name       mmcif_pdbx.dic 
_audit_conform.dict_version    5.397 
_audit_conform.dict_location   http://mmcif.pdb.org/dictionaries/ascii/mmcif_pdbx.dic 
# 
loop_
_database_2.database_id 
_database_2.database_code 
_database_2.pdbx_database_accession 
_database_2.pdbx_DOI 
PDB   1O73         pdb_00001o73 10.2210/pdb1o73/pdb 
PDBE  EBI-11442    ?            ?                   
WWPDB D_1290011442 ?            ?                   
# 
loop_
_pdbx_audit_revision_history.ordinal 
_pdbx_audit_revision_history.data_content_type 
_pdbx_audit_revision_history.major_revision 
_pdbx_audit_revision_history.minor_revision 
_pdbx_audit_revision_history.revision_date 
1 'Structure model' 1 0 2003-04-24 
2 'Structure model' 1 1 2011-05-08 
3 'Structure model' 1 2 2011-07-13 
4 'Structure model' 1 3 2023-12-13 
5 'Structure model' 1 4 2024-10-16 
# 
_pdbx_audit_revision_details.ordinal             1 
_pdbx_audit_revision_details.revision_ordinal    1 
_pdbx_audit_revision_details.data_content_type   'Structure model' 
_pdbx_audit_revision_details.provider            repository 
_pdbx_audit_revision_details.type                'Initial release' 
_pdbx_audit_revision_details.description         ? 
_pdbx_audit_revision_details.details             ? 
# 
loop_
_pdbx_audit_revision_group.ordinal 
_pdbx_audit_revision_group.revision_ordinal 
_pdbx_audit_revision_group.data_content_type 
_pdbx_audit_revision_group.group 
1 2 'Structure model' 'Version format compliance' 
2 3 'Structure model' 'Version format compliance' 
3 4 'Structure model' 'Data collection'           
4 4 'Structure model' 'Database references'       
5 4 'Structure model' Other                       
6 4 'Structure model' 'Refinement description'    
7 5 'Structure model' 'Structure summary'         
# 
loop_
_pdbx_audit_revision_category.ordinal 
_pdbx_audit_revision_category.revision_ordinal 
_pdbx_audit_revision_category.data_content_type 
_pdbx_audit_revision_category.category 
1 4 'Structure model' chem_comp_atom                
2 4 'Structure model' chem_comp_bond                
3 4 'Structure model' database_2                    
4 4 'Structure model' pdbx_database_status          
5 4 'Structure model' pdbx_initial_refinement_model 
6 5 'Structure model' pdbx_entry_details            
7 5 'Structure model' pdbx_modification_feature     
# 
loop_
_pdbx_audit_revision_item.ordinal 
_pdbx_audit_revision_item.revision_ordinal 
_pdbx_audit_revision_item.data_content_type 
_pdbx_audit_revision_item.item 
1 4 'Structure model' '_database_2.pdbx_DOI'                         
2 4 'Structure model' '_database_2.pdbx_database_accession'          
3 4 'Structure model' '_pdbx_database_status.status_code_sf'         
4 5 'Structure model' '_pdbx_entry_details.has_protein_modification' 
# 
_pdbx_database_status.status_code                     REL 
_pdbx_database_status.entry_id                        1O73 
_pdbx_database_status.deposit_site                    PDBE 
_pdbx_database_status.process_site                    PDBE 
_pdbx_database_status.SG_entry                        . 
_pdbx_database_status.recvd_initial_deposition_date   2002-10-23 
_pdbx_database_status.pdb_format_compatible           Y 
_pdbx_database_status.status_code_sf                  REL 
_pdbx_database_status.status_code_mr                  ? 
_pdbx_database_status.status_code_cs                  ? 
_pdbx_database_status.methods_development_category    ? 
_pdbx_database_status.status_code_nmr_data            ? 
# 
loop_
_pdbx_database_related.db_name 
_pdbx_database_related.db_id 
_pdbx_database_related.content_type 
_pdbx_database_related.details 
PDB 1FG4 unspecified 'STRUCTURE OF TRYPAREDOXIN II'                                          
PDB 1I5G unspecified 'TRYPAREDOXIN II COMPLEXED WITH GLUTATHIONYLSPERMIDINE'                 
PDB 1O6J unspecified 'TRYPAREDOXIN II FROM C.FASCICULATA SOLVED BY SULPHUR PHASING'          
PDB 1O81 unspecified 'TRYPAREDOXIN II FROM C.FASCICULATA SOLVED BY SULPHUR PHASING'          
PDB 1OC8 unspecified 'TRYPAREDOXIN II FROM C.FASCICULATA SOLVED BY MR'                       
PDB 1OC9 unspecified 'TRYPAREDOXIN II FROM C.FASCICULATA SOLVED BY MR'                       
PDB 1EWX unspecified 'CRYSTAL STRUCTURE OF NATIVE TRYPAREDOXIN I FROM CRITHIDIA FASCICULATA' 
PDB 1EZK unspecified 'CRYSTAL STRUCTURE OF RECOMBINANT TRYPAREDOXIN I'                       
PDB 1O7U unspecified 'RADIATION DAMAGED TRYPAREDOXIN-I'                                      
PDB 1O85 unspecified 'RADIATION-REDUCED TRYPAREDOXIN-I'                                      
PDB 1O8W unspecified 'RADIATION-REDUCED TRYPARDOXIN-I'                                       
PDB 1O8X unspecified 'MUTANT TRYPAREDOXIN-I CYS43ALA'                                        
PDB 1QK8 unspecified .                                                                       
# 
loop_
_audit_author.name 
_audit_author.pdbx_ordinal 
'Gabrielsen, M.' 1 
'Alphey, M.S.'   2 
'Bond, C.S.'     3 
'Hunter, W.N.'   4 
# 
_citation.id                        primary 
_citation.title                     
;Tryparedoxins from Crithidia Fasciculata and Trypanosoma Brucei: Photoreduction of the Redox Disulfide Using Synchrotron Radiation and Evidence for a Conformational Switch Implicated in Function
;
_citation.journal_abbrev            J.Biol.Chem. 
_citation.journal_volume            278 
_citation.page_first                25919 
_citation.page_last                 ? 
_citation.year                      2003 
_citation.journal_id_ASTM           JBCHA3 
_citation.country                   US 
_citation.journal_id_ISSN           0021-9258 
_citation.journal_id_CSD            0071 
_citation.book_publisher            ? 
_citation.pdbx_database_id_PubMed   12707277 
_citation.pdbx_database_id_DOI      10.1074/JBC.M301526200 
# 
loop_
_citation_author.citation_id 
_citation_author.name 
_citation_author.ordinal 
_citation_author.identifier_ORCID 
primary 'Alphey, M.S.'    1  ? 
primary 'Gabrielsen, M.'  2  ? 
primary 'Micossi, E.'     3  ? 
primary 'Leonard, G.A.'   4  ? 
primary 'Mcsweeney, S.M.' 5  ? 
primary 'Ravelli, R.B.G.' 6  ? 
primary 'Tetaud, E.'      7  ? 
primary 'Fairlamb, A.H.'  8  ? 
primary 'Bond, C.S.'      9  ? 
primary 'Hunter, W.N.'    10 ? 
# 
loop_
_entity.id 
_entity.type 
_entity.src_method 
_entity.pdbx_description 
_entity.formula_weight 
_entity.pdbx_number_of_molecules 
_entity.pdbx_ec 
_entity.pdbx_mutation 
_entity.pdbx_fragment 
_entity.details 
1 polymer man TRYPAREDOXIN 15904.936 1  ? ? ? ? 
2 water   nat water        18.015    63 ? ? ? ? 
# 
_entity_poly.entity_id                      1 
_entity_poly.type                           'polypeptide(L)' 
_entity_poly.nstd_linkage                   no 
_entity_poly.nstd_monomer                   no 
_entity_poly.pdbx_seq_one_letter_code       
;MSGLAKYLPGATNLLSKSGEVSLGSLVGKTVFLYFSASWCPPCRGFTPVLAEFYEKHHVAKNFEVVLISWDENESDFHDY
YGKMPWLALPFDQRSTVSELGKTFGVESIPTLITINADTGAIIGTQARTRVIEDPDGANFPWPN
;
_entity_poly.pdbx_seq_one_letter_code_can   
;MSGLAKYLPGATNLLSKSGEVSLGSLVGKTVFLYFSASWCPPCRGFTPVLAEFYEKHHVAKNFEVVLISWDENESDFHDY
YGKMPWLALPFDQRSTVSELGKTFGVESIPTLITINADTGAIIGTQARTRVIEDPDGANFPWPN
;
_entity_poly.pdbx_strand_id                 A 
_entity_poly.pdbx_target_identifier         ? 
# 
_pdbx_entity_nonpoly.entity_id   2 
_pdbx_entity_nonpoly.name        water 
_pdbx_entity_nonpoly.comp_id     HOH 
# 
loop_
_entity_poly_seq.entity_id 
_entity_poly_seq.num 
_entity_poly_seq.mon_id 
_entity_poly_seq.hetero 
1 1   MET n 
1 2   SER n 
1 3   GLY n 
1 4   LEU n 
1 5   ALA n 
1 6   LYS n 
1 7   TYR n 
1 8   LEU n 
1 9   PRO n 
1 10  GLY n 
1 11  ALA n 
1 12  THR n 
1 13  ASN n 
1 14  LEU n 
1 15  LEU n 
1 16  SER n 
1 17  LYS n 
1 18  SER n 
1 19  GLY n 
1 20  GLU n 
1 21  VAL n 
1 22  SER n 
1 23  LEU n 
1 24  GLY n 
1 25  SER n 
1 26  LEU n 
1 27  VAL n 
1 28  GLY n 
1 29  LYS n 
1 30  THR n 
1 31  VAL n 
1 32  PHE n 
1 33  LEU n 
1 34  TYR n 
1 35  PHE n 
1 36  SER n 
1 37  ALA n 
1 38  SER n 
1 39  TRP n 
1 40  CYS n 
1 41  PRO n 
1 42  PRO n 
1 43  CYS n 
1 44  ARG n 
1 45  GLY n 
1 46  PHE n 
1 47  THR n 
1 48  PRO n 
1 49  VAL n 
1 50  LEU n 
1 51  ALA n 
1 52  GLU n 
1 53  PHE n 
1 54  TYR n 
1 55  GLU n 
1 56  LYS n 
1 57  HIS n 
1 58  HIS n 
1 59  VAL n 
1 60  ALA n 
1 61  LYS n 
1 62  ASN n 
1 63  PHE n 
1 64  GLU n 
1 65  VAL n 
1 66  VAL n 
1 67  LEU n 
1 68  ILE n 
1 69  SER n 
1 70  TRP n 
1 71  ASP n 
1 72  GLU n 
1 73  ASN n 
1 74  GLU n 
1 75  SER n 
1 76  ASP n 
1 77  PHE n 
1 78  HIS n 
1 79  ASP n 
1 80  TYR n 
1 81  TYR n 
1 82  GLY n 
1 83  LYS n 
1 84  MET n 
1 85  PRO n 
1 86  TRP n 
1 87  LEU n 
1 88  ALA n 
1 89  LEU n 
1 90  PRO n 
1 91  PHE n 
1 92  ASP n 
1 93  GLN n 
1 94  ARG n 
1 95  SER n 
1 96  THR n 
1 97  VAL n 
1 98  SER n 
1 99  GLU n 
1 100 LEU n 
1 101 GLY n 
1 102 LYS n 
1 103 THR n 
1 104 PHE n 
1 105 GLY n 
1 106 VAL n 
1 107 GLU n 
1 108 SER n 
1 109 ILE n 
1 110 PRO n 
1 111 THR n 
1 112 LEU n 
1 113 ILE n 
1 114 THR n 
1 115 ILE n 
1 116 ASN n 
1 117 ALA n 
1 118 ASP n 
1 119 THR n 
1 120 GLY n 
1 121 ALA n 
1 122 ILE n 
1 123 ILE n 
1 124 GLY n 
1 125 THR n 
1 126 GLN n 
1 127 ALA n 
1 128 ARG n 
1 129 THR n 
1 130 ARG n 
1 131 VAL n 
1 132 ILE n 
1 133 GLU n 
1 134 ASP n 
1 135 PRO n 
1 136 ASP n 
1 137 GLY n 
1 138 ALA n 
1 139 ASN n 
1 140 PHE n 
1 141 PRO n 
1 142 TRP n 
1 143 PRO n 
1 144 ASN n 
# 
_entity_src_gen.entity_id                          1 
_entity_src_gen.pdbx_src_id                        1 
_entity_src_gen.pdbx_alt_source_flag               sample 
_entity_src_gen.pdbx_seq_type                      ? 
_entity_src_gen.pdbx_beg_seq_num                   ? 
_entity_src_gen.pdbx_end_seq_num                   ? 
_entity_src_gen.gene_src_common_name               ? 
_entity_src_gen.gene_src_genus                     ? 
_entity_src_gen.pdbx_gene_src_gene                 ? 
_entity_src_gen.gene_src_species                   ? 
_entity_src_gen.gene_src_strain                    427 
_entity_src_gen.gene_src_tissue                    ? 
_entity_src_gen.gene_src_tissue_fraction           ? 
_entity_src_gen.gene_src_details                   ? 
_entity_src_gen.pdbx_gene_src_fragment             ? 
_entity_src_gen.pdbx_gene_src_scientific_name      'TRYPANOSOMA BRUCEI BRUCEI' 
_entity_src_gen.pdbx_gene_src_ncbi_taxonomy_id     5702 
_entity_src_gen.pdbx_gene_src_variant              ? 
_entity_src_gen.pdbx_gene_src_cell_line            ? 
_entity_src_gen.pdbx_gene_src_atcc                 ? 
_entity_src_gen.pdbx_gene_src_organ                ? 
_entity_src_gen.pdbx_gene_src_organelle            ? 
_entity_src_gen.pdbx_gene_src_cell                 ? 
_entity_src_gen.pdbx_gene_src_cellular_location    ? 
_entity_src_gen.host_org_common_name               ? 
_entity_src_gen.pdbx_host_org_scientific_name      'ESCHERICHIA COLI' 
_entity_src_gen.pdbx_host_org_ncbi_taxonomy_id     511693 
_entity_src_gen.host_org_genus                     ? 
_entity_src_gen.pdbx_host_org_gene                 ? 
_entity_src_gen.pdbx_host_org_organ                ? 
_entity_src_gen.host_org_species                   ? 
_entity_src_gen.pdbx_host_org_tissue               ? 
_entity_src_gen.pdbx_host_org_tissue_fraction      ? 
_entity_src_gen.pdbx_host_org_strain               BL21 
_entity_src_gen.pdbx_host_org_variant              ? 
_entity_src_gen.pdbx_host_org_cell_line            ? 
_entity_src_gen.pdbx_host_org_atcc                 ? 
_entity_src_gen.pdbx_host_org_culture_collection   ? 
_entity_src_gen.pdbx_host_org_cell                 ? 
_entity_src_gen.pdbx_host_org_organelle            ? 
_entity_src_gen.pdbx_host_org_cellular_location    ? 
_entity_src_gen.pdbx_host_org_vector_type          ? 
_entity_src_gen.pdbx_host_org_vector               ? 
_entity_src_gen.host_org_details                   ? 
_entity_src_gen.expression_system_id               ? 
_entity_src_gen.plasmid_name                       PET-15B 
_entity_src_gen.plasmid_details                    ? 
_entity_src_gen.pdbx_description                   ? 
# 
loop_
_chem_comp.id 
_chem_comp.type 
_chem_comp.mon_nstd_flag 
_chem_comp.name 
_chem_comp.pdbx_synonyms 
_chem_comp.formula 
_chem_comp.formula_weight 
ALA 'L-peptide linking' y ALANINE         ? 'C3 H7 N O2'     89.093  
ARG 'L-peptide linking' y ARGININE        ? 'C6 H15 N4 O2 1' 175.209 
ASN 'L-peptide linking' y ASPARAGINE      ? 'C4 H8 N2 O3'    132.118 
ASP 'L-peptide linking' y 'ASPARTIC ACID' ? 'C4 H7 N O4'     133.103 
CYS 'L-peptide linking' y CYSTEINE        ? 'C3 H7 N O2 S'   121.158 
GLN 'L-peptide linking' y GLUTAMINE       ? 'C5 H10 N2 O3'   146.144 
GLU 'L-peptide linking' y 'GLUTAMIC ACID' ? 'C5 H9 N O4'     147.129 
GLY 'peptide linking'   y GLYCINE         ? 'C2 H5 N O2'     75.067  
HIS 'L-peptide linking' y HISTIDINE       ? 'C6 H10 N3 O2 1' 156.162 
HOH non-polymer         . WATER           ? 'H2 O'           18.015  
ILE 'L-peptide linking' y ISOLEUCINE      ? 'C6 H13 N O2'    131.173 
LEU 'L-peptide linking' y LEUCINE         ? 'C6 H13 N O2'    131.173 
LYS 'L-peptide linking' y LYSINE          ? 'C6 H15 N2 O2 1' 147.195 
MET 'L-peptide linking' y METHIONINE      ? 'C5 H11 N O2 S'  149.211 
PHE 'L-peptide linking' y PHENYLALANINE   ? 'C9 H11 N O2'    165.189 
PRO 'L-peptide linking' y PROLINE         ? 'C5 H9 N O2'     115.130 
SER 'L-peptide linking' y SERINE          ? 'C3 H7 N O3'     105.093 
THR 'L-peptide linking' y THREONINE       ? 'C4 H9 N O3'     119.119 
TRP 'L-peptide linking' y TRYPTOPHAN      ? 'C11 H12 N2 O2'  204.225 
TYR 'L-peptide linking' y TYROSINE        ? 'C9 H11 N O3'    181.189 
VAL 'L-peptide linking' y VALINE          ? 'C5 H11 N O2'    117.146 
# 
loop_
_pdbx_poly_seq_scheme.asym_id 
_pdbx_poly_seq_scheme.entity_id 
_pdbx_poly_seq_scheme.seq_id 
_pdbx_poly_seq_scheme.mon_id 
_pdbx_poly_seq_scheme.ndb_seq_num 
_pdbx_poly_seq_scheme.pdb_seq_num 
_pdbx_poly_seq_scheme.auth_seq_num 
_pdbx_poly_seq_scheme.pdb_mon_id 
_pdbx_poly_seq_scheme.auth_mon_id 
_pdbx_poly_seq_scheme.pdb_strand_id 
_pdbx_poly_seq_scheme.pdb_ins_code 
_pdbx_poly_seq_scheme.hetero 
A 1 1   MET 1   1   1   MET MET A . n 
A 1 2   SER 2   2   2   SER SER A . n 
A 1 3   GLY 3   3   3   GLY GLY A . n 
A 1 4   LEU 4   4   4   LEU LEU A . n 
A 1 5   ALA 5   5   5   ALA ALA A . n 
A 1 6   LYS 6   6   6   LYS LYS A . n 
A 1 7   TYR 7   7   7   TYR TYR A . n 
A 1 8   LEU 8   8   8   LEU LEU A . n 
A 1 9   PRO 9   9   9   PRO PRO A . n 
A 1 10  GLY 10  10  10  GLY GLY A . n 
A 1 11  ALA 11  11  11  ALA ALA A . n 
A 1 12  THR 12  12  12  THR THR A . n 
A 1 13  ASN 13  13  13  ASN ASN A . n 
A 1 14  LEU 14  14  14  LEU LEU A . n 
A 1 15  LEU 15  15  15  LEU LEU A . n 
A 1 16  SER 16  16  16  SER SER A . n 
A 1 17  LYS 17  17  17  LYS LYS A . n 
A 1 18  SER 18  18  18  SER SER A . n 
A 1 19  GLY 19  19  19  GLY GLY A . n 
A 1 20  GLU 20  20  20  GLU GLU A . n 
A 1 21  VAL 21  21  21  VAL VAL A . n 
A 1 22  SER 22  22  22  SER SER A . n 
A 1 23  LEU 23  23  23  LEU LEU A . n 
A 1 24  GLY 24  24  24  GLY GLY A . n 
A 1 25  SER 25  25  25  SER SER A . n 
A 1 26  LEU 26  26  26  LEU LEU A . n 
A 1 27  VAL 27  27  27  VAL VAL A . n 
A 1 28  GLY 28  28  28  GLY GLY A . n 
A 1 29  LYS 29  29  29  LYS LYS A . n 
A 1 30  THR 30  30  30  THR THR A . n 
A 1 31  VAL 31  31  31  VAL VAL A . n 
A 1 32  PHE 32  32  32  PHE PHE A . n 
A 1 33  LEU 33  33  33  LEU LEU A . n 
A 1 34  TYR 34  34  34  TYR TYR A . n 
A 1 35  PHE 35  35  35  PHE PHE A . n 
A 1 36  SER 36  36  36  SER SER A . n 
A 1 37  ALA 37  37  37  ALA ALA A . n 
A 1 38  SER 38  38  38  SER SER A . n 
A 1 39  TRP 39  39  39  TRP TRP A . n 
A 1 40  CYS 40  40  40  CYS CYS A . n 
A 1 41  PRO 41  41  41  PRO PRO A . n 
A 1 42  PRO 42  42  42  PRO PRO A . n 
A 1 43  CYS 43  43  43  CYS CYS A . n 
A 1 44  ARG 44  44  44  ARG ARG A . n 
A 1 45  GLY 45  45  45  GLY GLY A . n 
A 1 46  PHE 46  46  46  PHE PHE A . n 
A 1 47  THR 47  47  47  THR THR A . n 
A 1 48  PRO 48  48  48  PRO PRO A . n 
A 1 49  VAL 49  49  49  VAL VAL A . n 
A 1 50  LEU 50  50  50  LEU LEU A . n 
A 1 51  ALA 51  51  51  ALA ALA A . n 
A 1 52  GLU 52  52  52  GLU GLU A . n 
A 1 53  PHE 53  53  53  PHE PHE A . n 
A 1 54  TYR 54  54  54  TYR TYR A . n 
A 1 55  GLU 55  55  55  GLU GLU A . n 
A 1 56  LYS 56  56  56  LYS LYS A . n 
A 1 57  HIS 57  57  57  HIS HIS A . n 
A 1 58  HIS 58  58  58  HIS HIS A . n 
A 1 59  VAL 59  59  59  VAL VAL A . n 
A 1 60  ALA 60  60  60  ALA ALA A . n 
A 1 61  LYS 61  61  61  LYS LYS A . n 
A 1 62  ASN 62  62  62  ASN ASN A . n 
A 1 63  PHE 63  63  63  PHE PHE A . n 
A 1 64  GLU 64  64  64  GLU GLU A . n 
A 1 65  VAL 65  65  65  VAL VAL A . n 
A 1 66  VAL 66  66  66  VAL VAL A . n 
A 1 67  LEU 67  67  67  LEU LEU A . n 
A 1 68  ILE 68  68  68  ILE ILE A . n 
A 1 69  SER 69  69  69  SER SER A . n 
A 1 70  TRP 70  70  70  TRP TRP A . n 
A 1 71  ASP 71  71  71  ASP ASP A . n 
A 1 72  GLU 72  72  72  GLU GLU A . n 
A 1 73  ASN 73  73  73  ASN ASN A . n 
A 1 74  GLU 74  74  74  GLU GLU A . n 
A 1 75  SER 75  75  75  SER SER A . n 
A 1 76  ASP 76  76  76  ASP ASP A . n 
A 1 77  PHE 77  77  77  PHE PHE A . n 
A 1 78  HIS 78  78  78  HIS HIS A . n 
A 1 79  ASP 79  79  79  ASP ASP A . n 
A 1 80  TYR 80  80  80  TYR TYR A . n 
A 1 81  TYR 81  81  81  TYR TYR A . n 
A 1 82  GLY 82  82  82  GLY GLY A . n 
A 1 83  LYS 83  83  83  LYS LYS A . n 
A 1 84  MET 84  84  84  MET MET A . n 
A 1 85  PRO 85  85  85  PRO PRO A . n 
A 1 86  TRP 86  86  86  TRP TRP A . n 
A 1 87  LEU 87  87  87  LEU LEU A . n 
A 1 88  ALA 88  88  88  ALA ALA A . n 
A 1 89  LEU 89  89  89  LEU LEU A . n 
A 1 90  PRO 90  90  90  PRO PRO A . n 
A 1 91  PHE 91  91  91  PHE PHE A . n 
A 1 92  ASP 92  92  92  ASP ASP A . n 
A 1 93  GLN 93  93  93  GLN GLN A . n 
A 1 94  ARG 94  94  94  ARG ARG A . n 
A 1 95  SER 95  95  95  SER SER A . n 
A 1 96  THR 96  96  96  THR THR A . n 
A 1 97  VAL 97  97  97  VAL VAL A . n 
A 1 98  SER 98  98  98  SER SER A . n 
A 1 99  GLU 99  99  99  GLU GLU A . n 
A 1 100 LEU 100 100 100 LEU LEU A . n 
A 1 101 GLY 101 101 101 GLY GLY A . n 
A 1 102 LYS 102 102 102 LYS LYS A . n 
A 1 103 THR 103 103 103 THR THR A . n 
A 1 104 PHE 104 104 104 PHE PHE A . n 
A 1 105 GLY 105 105 105 GLY GLY A . n 
A 1 106 VAL 106 106 106 VAL VAL A . n 
A 1 107 GLU 107 107 107 GLU GLU A . n 
A 1 108 SER 108 108 108 SER SER A . n 
A 1 109 ILE 109 109 109 ILE ILE A . n 
A 1 110 PRO 110 110 110 PRO PRO A . n 
A 1 111 THR 111 111 111 THR THR A . n 
A 1 112 LEU 112 112 112 LEU LEU A . n 
A 1 113 ILE 113 113 113 ILE ILE A . n 
A 1 114 THR 114 114 114 THR THR A . n 
A 1 115 ILE 115 115 115 ILE ILE A . n 
A 1 116 ASN 116 116 116 ASN ASN A . n 
A 1 117 ALA 117 117 117 ALA ALA A . n 
A 1 118 ASP 118 118 118 ASP ASP A . n 
A 1 119 THR 119 119 119 THR THR A . n 
A 1 120 GLY 120 120 120 GLY GLY A . n 
A 1 121 ALA 121 121 121 ALA ALA A . n 
A 1 122 ILE 122 122 122 ILE ILE A . n 
A 1 123 ILE 123 123 123 ILE ILE A . n 
A 1 124 GLY 124 124 124 GLY GLY A . n 
A 1 125 THR 125 125 125 THR THR A . n 
A 1 126 GLN 126 126 126 GLN GLN A . n 
A 1 127 ALA 127 127 127 ALA ALA A . n 
A 1 128 ARG 128 128 128 ARG ARG A . n 
A 1 129 THR 129 129 129 THR THR A . n 
A 1 130 ARG 130 130 130 ARG ARG A . n 
A 1 131 VAL 131 131 131 VAL VAL A . n 
A 1 132 ILE 132 132 132 ILE ILE A . n 
A 1 133 GLU 133 133 133 GLU GLU A . n 
A 1 134 ASP 134 134 134 ASP ASP A . n 
A 1 135 PRO 135 135 135 PRO PRO A . n 
A 1 136 ASP 136 136 136 ASP ASP A . n 
A 1 137 GLY 137 137 137 GLY GLY A . n 
A 1 138 ALA 138 138 138 ALA ALA A . n 
A 1 139 ASN 139 139 139 ASN ASN A . n 
A 1 140 PHE 140 140 140 PHE PHE A . n 
A 1 141 PRO 141 141 141 PRO PRO A . n 
A 1 142 TRP 142 142 142 TRP TRP A . n 
A 1 143 PRO 143 143 143 PRO PRO A . n 
A 1 144 ASN 144 144 144 ASN ASN A . n 
# 
loop_
_pdbx_nonpoly_scheme.asym_id 
_pdbx_nonpoly_scheme.entity_id 
_pdbx_nonpoly_scheme.mon_id 
_pdbx_nonpoly_scheme.ndb_seq_num 
_pdbx_nonpoly_scheme.pdb_seq_num 
_pdbx_nonpoly_scheme.auth_seq_num 
_pdbx_nonpoly_scheme.pdb_mon_id 
_pdbx_nonpoly_scheme.auth_mon_id 
_pdbx_nonpoly_scheme.pdb_strand_id 
_pdbx_nonpoly_scheme.pdb_ins_code 
B 2 HOH 1  2001 2001 HOH HOH A . 
B 2 HOH 2  2002 2002 HOH HOH A . 
B 2 HOH 3  2003 2003 HOH HOH A . 
B 2 HOH 4  2004 2004 HOH HOH A . 
B 2 HOH 5  2005 2005 HOH HOH A . 
B 2 HOH 6  2006 2006 HOH HOH A . 
B 2 HOH 7  2007 2007 HOH HOH A . 
B 2 HOH 8  2008 2008 HOH HOH A . 
B 2 HOH 9  2009 2009 HOH HOH A . 
B 2 HOH 10 2010 2010 HOH HOH A . 
B 2 HOH 11 2011 2011 HOH HOH A . 
B 2 HOH 12 2012 2012 HOH HOH A . 
B 2 HOH 13 2013 2013 HOH HOH A . 
B 2 HOH 14 2014 2014 HOH HOH A . 
B 2 HOH 15 2015 2015 HOH HOH A . 
B 2 HOH 16 2016 2016 HOH HOH A . 
B 2 HOH 17 2017 2017 HOH HOH A . 
B 2 HOH 18 2018 2018 HOH HOH A . 
B 2 HOH 19 2019 2019 HOH HOH A . 
B 2 HOH 20 2020 2020 HOH HOH A . 
B 2 HOH 21 2021 2021 HOH HOH A . 
B 2 HOH 22 2022 2022 HOH HOH A . 
B 2 HOH 23 2023 2023 HOH HOH A . 
B 2 HOH 24 2024 2024 HOH HOH A . 
B 2 HOH 25 2025 2025 HOH HOH A . 
B 2 HOH 26 2026 2026 HOH HOH A . 
B 2 HOH 27 2027 2027 HOH HOH A . 
B 2 HOH 28 2028 2028 HOH HOH A . 
B 2 HOH 29 2029 2029 HOH HOH A . 
B 2 HOH 30 2030 2030 HOH HOH A . 
B 2 HOH 31 2031 2031 HOH HOH A . 
B 2 HOH 32 2032 2032 HOH HOH A . 
B 2 HOH 33 2033 2033 HOH HOH A . 
B 2 HOH 34 2034 2034 HOH HOH A . 
B 2 HOH 35 2035 2035 HOH HOH A . 
B 2 HOH 36 2036 2036 HOH HOH A . 
B 2 HOH 37 2037 2037 HOH HOH A . 
B 2 HOH 38 2038 2038 HOH HOH A . 
B 2 HOH 39 2039 2039 HOH HOH A . 
B 2 HOH 40 2040 2040 HOH HOH A . 
B 2 HOH 41 2041 2041 HOH HOH A . 
B 2 HOH 42 2042 2042 HOH HOH A . 
B 2 HOH 43 2043 2043 HOH HOH A . 
B 2 HOH 44 2044 2044 HOH HOH A . 
B 2 HOH 45 2045 2045 HOH HOH A . 
B 2 HOH 46 2046 2046 HOH HOH A . 
B 2 HOH 47 2047 2047 HOH HOH A . 
B 2 HOH 48 2048 2048 HOH HOH A . 
B 2 HOH 49 2049 2049 HOH HOH A . 
B 2 HOH 50 2050 2050 HOH HOH A . 
B 2 HOH 51 2051 2051 HOH HOH A . 
B 2 HOH 52 2052 2052 HOH HOH A . 
B 2 HOH 53 2053 2053 HOH HOH A . 
B 2 HOH 54 2054 2054 HOH HOH A . 
B 2 HOH 55 2055 2055 HOH HOH A . 
B 2 HOH 56 2056 2056 HOH HOH A . 
B 2 HOH 57 2057 2057 HOH HOH A . 
B 2 HOH 58 2058 2058 HOH HOH A . 
B 2 HOH 59 2059 2059 HOH HOH A . 
B 2 HOH 60 2060 2060 HOH HOH A . 
B 2 HOH 61 2061 2061 HOH HOH A . 
B 2 HOH 62 2062 2062 HOH HOH A . 
B 2 HOH 63 2063 2063 HOH HOH A . 
# 
loop_
_software.name 
_software.classification 
_software.version 
_software.citation_id 
_software.pdbx_ordinal 
REFMAC    refinement       5.1.24 ? 1 
DENZO     'data reduction' .      ? 2 
SCALEPACK 'data scaling'   .      ? 3 
AMoRE     phasing          .      ? 4 
# 
_cell.entry_id           1O73 
_cell.length_a           30.600 
_cell.length_b           31.460 
_cell.length_c           56.930 
_cell.angle_alpha        90.00 
_cell.angle_beta         93.43 
_cell.angle_gamma        90.00 
_cell.Z_PDB              2 
_cell.pdbx_unique_axis   ? 
# 
_symmetry.entry_id                         1O73 
_symmetry.space_group_name_H-M             'P 1 21 1' 
_symmetry.pdbx_full_space_group_name_H-M   ? 
_symmetry.cell_setting                     ? 
_symmetry.Int_Tables_number                4 
# 
_exptl.entry_id          1O73 
_exptl.method            'X-RAY DIFFRACTION' 
_exptl.crystals_number   1 
# 
_exptl_crystal.id                    1 
_exptl_crystal.density_meas          ? 
_exptl_crystal.density_Matthews      2.5 
_exptl_crystal.density_percent_sol   50 
_exptl_crystal.description           ? 
# 
_exptl_crystal_grow.crystal_id      1 
_exptl_crystal_grow.method          ? 
_exptl_crystal_grow.temp            ? 
_exptl_crystal_grow.temp_details    ? 
_exptl_crystal_grow.pH              4.60 
_exptl_crystal_grow.pdbx_pH_range   ? 
_exptl_crystal_grow.pdbx_details    '50 MM HEPES PH 7.5, 30% PEG4000, 100 MM SODIUM ACETATE PH 4.6, 200 MM AMMONIUM ACETATE' 
# 
_diffrn.id                     1 
_diffrn.ambient_temp           100.0 
_diffrn.ambient_temp_details   ? 
_diffrn.crystal_id             1 
# 
_diffrn_detector.diffrn_id              1 
_diffrn_detector.detector               'IMAGE PLATE' 
_diffrn_detector.type                   'RIGAKU IMAGE PLATE' 
_diffrn_detector.pdbx_collection_date   ? 
_diffrn_detector.details                'ROTATING ANODE' 
# 
_diffrn_radiation.diffrn_id                        1 
_diffrn_radiation.wavelength_id                    1 
_diffrn_radiation.pdbx_monochromatic_or_laue_m_l   M 
_diffrn_radiation.monochromator                    ? 
_diffrn_radiation.pdbx_diffrn_protocol             'SINGLE WAVELENGTH' 
_diffrn_radiation.pdbx_scattering_type             x-ray 
# 
_diffrn_radiation_wavelength.id           1 
_diffrn_radiation_wavelength.wavelength   1.5418 
_diffrn_radiation_wavelength.wt           1.0 
# 
_diffrn_source.diffrn_id                   1 
_diffrn_source.source                      'ROTATING ANODE' 
_diffrn_source.type                        'RIGAKU RU200' 
_diffrn_source.pdbx_synchrotron_site       ? 
_diffrn_source.pdbx_synchrotron_beamline   ? 
_diffrn_source.pdbx_wavelength             1.5418 
_diffrn_source.pdbx_wavelength_list        ? 
# 
_reflns.pdbx_diffrn_id               1 
_reflns.pdbx_ordinal                 1 
_reflns.entry_id                     1O73 
_reflns.observed_criterion_sigma_I   2.000 
_reflns.observed_criterion_sigma_F   ? 
_reflns.d_resolution_low             56.800 
_reflns.d_resolution_high            2.280 
_reflns.number_obs                   5030 
_reflns.number_all                   ? 
_reflns.percent_possible_obs         98.7 
_reflns.pdbx_Rmerge_I_obs            0.07300 
_reflns.pdbx_Rsym_value              ? 
_reflns.pdbx_netI_over_sigmaI        19.6000 
_reflns.B_iso_Wilson_estimate        ? 
_reflns.pdbx_redundancy              8.100 
# 
_reflns_shell.pdbx_diffrn_id         1 
_reflns_shell.pdbx_ordinal           1 
_reflns_shell.d_res_high             2.28 
_reflns_shell.d_res_low              2.36 
_reflns_shell.percent_possible_all   94.7 
_reflns_shell.Rmerge_I_obs           0.21700 
_reflns_shell.pdbx_Rsym_value        ? 
_reflns_shell.meanI_over_sigI_obs    6.500 
_reflns_shell.pdbx_redundancy        3.40 
# 
_refine.pdbx_refine_id                           'X-RAY DIFFRACTION' 
_refine.entry_id                                 1O73 
_refine.pdbx_diffrn_id                           1 
_refine.pdbx_TLS_residual_ADP_flag               ? 
_refine.ls_number_reflns_obs                     4794 
_refine.ls_number_reflns_all                     ? 
_refine.pdbx_ls_sigma_I                          ? 
_refine.pdbx_ls_sigma_F                          ? 
_refine.pdbx_data_cutoff_high_absF               ? 
_refine.pdbx_data_cutoff_low_absF                ? 
_refine.pdbx_data_cutoff_high_rms_absF           ? 
_refine.ls_d_res_low                             56.80 
_refine.ls_d_res_high                            2.28 
_refine.ls_percent_reflns_obs                    98.6 
_refine.ls_R_factor_obs                          ? 
_refine.ls_R_factor_all                          ? 
_refine.ls_R_factor_R_work                       0.177 
_refine.ls_R_factor_R_free                       0.244 
_refine.ls_R_factor_R_free_error                 ? 
_refine.ls_R_factor_R_free_error_details         ? 
_refine.ls_percent_reflns_R_free                 4.600 
_refine.ls_number_reflns_R_free                  229 
_refine.ls_number_parameters                     ? 
_refine.ls_number_restraints                     ? 
_refine.occupancy_min                            ? 
_refine.occupancy_max                            ? 
_refine.correlation_coeff_Fo_to_Fc               0.944 
_refine.correlation_coeff_Fo_to_Fc_free          0.902 
_refine.B_iso_mean                               26.62 
_refine.aniso_B[1][1]                            1.28000 
_refine.aniso_B[2][2]                            -0.95000 
_refine.aniso_B[3][3]                            -0.28000 
_refine.aniso_B[1][2]                            0.00000 
_refine.aniso_B[1][3]                            0.45000 
_refine.aniso_B[2][3]                            0.00000 
_refine.solvent_model_details                    'BABINET MODEL PLUS MASK' 
_refine.solvent_model_param_ksol                 ? 
_refine.solvent_model_param_bsol                 ? 
_refine.pdbx_solvent_vdw_probe_radii             1.40 
_refine.pdbx_solvent_ion_probe_radii             0.80 
_refine.pdbx_solvent_shrinkage_radii             0.80 
_refine.pdbx_ls_cross_valid_method               THROUGHOUT 
_refine.details                                  'HYDROGENS HAVE BEEN ADDED IN THE RIDING POSITIONS' 
_refine.pdbx_starting_model                      'PDB ENTRY 1QK8' 
_refine.pdbx_method_to_determine_struct          'MOLECULAR REPLACEMENT' 
_refine.pdbx_isotropic_thermal_model             ? 
_refine.pdbx_stereochemistry_target_values       'MAXIMUM LIKELIHOOD' 
_refine.pdbx_stereochem_target_val_spec_case     ? 
_refine.pdbx_R_Free_selection_details            RANDOM 
_refine.pdbx_overall_ESU_R                       0.802 
_refine.pdbx_overall_ESU_R_Free                  0.275 
_refine.overall_SU_ML                            0.215 
_refine.pdbx_overall_phase_error                 ? 
_refine.overall_SU_B                             8.827 
_refine.overall_SU_R_Cruickshank_DPI             ? 
_refine.pdbx_overall_SU_R_free_Cruickshank_DPI   ? 
_refine.pdbx_overall_SU_R_Blow_DPI               ? 
_refine.pdbx_overall_SU_R_free_Blow_DPI          ? 
# 
_refine_hist.pdbx_refine_id                   'X-RAY DIFFRACTION' 
_refine_hist.cycle_id                         LAST 
_refine_hist.pdbx_number_atoms_protein        1124 
_refine_hist.pdbx_number_atoms_nucleic_acid   0 
_refine_hist.pdbx_number_atoms_ligand         0 
_refine_hist.number_atoms_solvent             63 
_refine_hist.number_atoms_total               1187 
_refine_hist.d_res_high                       2.28 
_refine_hist.d_res_low                        56.80 
# 
loop_
_refine_ls_restr.type 
_refine_ls_restr.dev_ideal 
_refine_ls_restr.dev_ideal_target 
_refine_ls_restr.weight 
_refine_ls_restr.number 
_refine_ls_restr.pdbx_refine_id 
_refine_ls_restr.pdbx_restraint_function 
r_bond_refined_d             0.049 0.021 ? 1159 'X-RAY DIFFRACTION' ? 
r_bond_other_d               0.002 0.020 ? 1018 'X-RAY DIFFRACTION' ? 
r_angle_refined_deg          3.040 1.945 ? 1581 'X-RAY DIFFRACTION' ? 
r_angle_other_deg            1.361 3.000 ? 2376 'X-RAY DIFFRACTION' ? 
r_dihedral_angle_1_deg       ?     ?     ? ?    'X-RAY DIFFRACTION' ? 
r_dihedral_angle_2_deg       ?     ?     ? ?    'X-RAY DIFFRACTION' ? 
r_dihedral_angle_3_deg       ?     ?     ? ?    'X-RAY DIFFRACTION' ? 
r_dihedral_angle_4_deg       ?     ?     ? ?    'X-RAY DIFFRACTION' ? 
r_chiral_restr               0.207 0.200 ? 172  'X-RAY DIFFRACTION' ? 
r_gen_planes_refined         0.020 0.020 ? 1292 'X-RAY DIFFRACTION' ? 
r_gen_planes_other           0.019 0.020 ? 240  'X-RAY DIFFRACTION' ? 
r_nbd_refined                0.218 0.200 ? 221  'X-RAY DIFFRACTION' ? 
r_nbd_other                  0.247 0.200 ? 1097 'X-RAY DIFFRACTION' ? 
r_nbtor_refined              ?     ?     ? ?    'X-RAY DIFFRACTION' ? 
r_nbtor_other                0.110 0.200 ? 647  'X-RAY DIFFRACTION' ? 
r_xyhbond_nbd_refined        0.217 0.200 ? 16   'X-RAY DIFFRACTION' ? 
r_xyhbond_nbd_other          ?     ?     ? ?    'X-RAY DIFFRACTION' ? 
r_metal_ion_refined          ?     ?     ? ?    'X-RAY DIFFRACTION' ? 
r_metal_ion_other            ?     ?     ? ?    'X-RAY DIFFRACTION' ? 
r_symmetry_vdw_refined       0.146 0.200 ? 14   'X-RAY DIFFRACTION' ? 
r_symmetry_vdw_other         0.328 0.200 ? 39   'X-RAY DIFFRACTION' ? 
r_symmetry_hbond_refined     0.085 0.200 ? 3    'X-RAY DIFFRACTION' ? 
r_symmetry_hbond_other       ?     ?     ? ?    'X-RAY DIFFRACTION' ? 
r_symmetry_metal_ion_refined ?     ?     ? ?    'X-RAY DIFFRACTION' ? 
r_symmetry_metal_ion_other   ?     ?     ? ?    'X-RAY DIFFRACTION' ? 
r_mcbond_it                  1.824 1.500 ? 718  'X-RAY DIFFRACTION' ? 
r_mcbond_other               ?     ?     ? ?    'X-RAY DIFFRACTION' ? 
r_mcangle_it                 2.854 2.000 ? 1161 'X-RAY DIFFRACTION' ? 
r_mcangle_other              ?     ?     ? ?    'X-RAY DIFFRACTION' ? 
r_scbond_it                  4.271 3.000 ? 441  'X-RAY DIFFRACTION' ? 
r_scbond_other               ?     ?     ? ?    'X-RAY DIFFRACTION' ? 
r_scangle_it                 5.995 4.500 ? 420  'X-RAY DIFFRACTION' ? 
r_scangle_other              ?     ?     ? ?    'X-RAY DIFFRACTION' ? 
r_long_range_B_refined       ?     ?     ? ?    'X-RAY DIFFRACTION' ? 
r_long_range_B_other         ?     ?     ? ?    'X-RAY DIFFRACTION' ? 
r_rigid_bond_restr           ?     ?     ? ?    'X-RAY DIFFRACTION' ? 
r_sphericity_free            ?     ?     ? ?    'X-RAY DIFFRACTION' ? 
r_sphericity_bonded          ?     ?     ? ?    'X-RAY DIFFRACTION' ? 
# 
_refine_ls_shell.pdbx_refine_id                   'X-RAY DIFFRACTION' 
_refine_ls_shell.pdbx_total_number_of_bins_used   20 
_refine_ls_shell.d_res_high                       2.28 
_refine_ls_shell.d_res_low                        2.34 
_refine_ls_shell.number_reflns_R_work             324 
_refine_ls_shell.R_factor_R_work                  0.2040 
_refine_ls_shell.percent_reflns_obs               ? 
_refine_ls_shell.R_factor_R_free                  0.2470 
_refine_ls_shell.R_factor_R_free_error            ? 
_refine_ls_shell.percent_reflns_R_free            ? 
_refine_ls_shell.number_reflns_R_free             23 
_refine_ls_shell.number_reflns_all                ? 
_refine_ls_shell.R_factor_all                     ? 
# 
_struct.entry_id                  1O73 
_struct.title                     'Tryparedoxin from Trypanosoma brucei' 
_struct.pdbx_model_details        ? 
_struct.pdbx_CASP_flag            ? 
_struct.pdbx_model_type_details   ? 
# 
_struct_keywords.entry_id        1O73 
_struct_keywords.pdbx_keywords   'ELECTRON TRANSPORT' 
_struct_keywords.text            'ELECTRON TRANSPORT, TRYPAREDOXIN, TRYPANOSOMATID, TRYPANOSOMA BRUCEI, THIOREDOXIN' 
# 
loop_
_struct_asym.id 
_struct_asym.pdbx_blank_PDB_chainid_flag 
_struct_asym.pdbx_modified 
_struct_asym.entity_id 
_struct_asym.details 
A N N 1 ? 
B N N 2 ? 
# 
_struct_ref.id                         1 
_struct_ref.db_name                    UNP 
_struct_ref.db_code                    O77404 
_struct_ref.entity_id                  1 
_struct_ref.pdbx_seq_one_letter_code   ? 
_struct_ref.pdbx_align_begin           ? 
_struct_ref.pdbx_db_accession          O77404 
_struct_ref.pdbx_db_isoform            ? 
# 
_struct_ref_seq.align_id                      1 
_struct_ref_seq.ref_id                        1 
_struct_ref_seq.pdbx_PDB_id_code              1O73 
_struct_ref_seq.pdbx_strand_id                A 
_struct_ref_seq.seq_align_beg                 1 
_struct_ref_seq.pdbx_seq_align_beg_ins_code   ? 
_struct_ref_seq.seq_align_end                 144 
_struct_ref_seq.pdbx_seq_align_end_ins_code   ? 
_struct_ref_seq.pdbx_db_accession             O77404 
_struct_ref_seq.db_align_beg                  1 
_struct_ref_seq.pdbx_db_align_beg_ins_code    ? 
_struct_ref_seq.db_align_end                  144 
_struct_ref_seq.pdbx_db_align_end_ins_code    ? 
_struct_ref_seq.pdbx_auth_seq_align_beg       1 
_struct_ref_seq.pdbx_auth_seq_align_end       144 
# 
_pdbx_struct_assembly.id                   1 
_pdbx_struct_assembly.details              author_and_software_defined_assembly 
_pdbx_struct_assembly.method_details       PQS 
_pdbx_struct_assembly.oligomeric_details   monomeric 
_pdbx_struct_assembly.oligomeric_count     1 
# 
_pdbx_struct_assembly_gen.assembly_id       1 
_pdbx_struct_assembly_gen.oper_expression   1 
_pdbx_struct_assembly_gen.asym_id_list      A,B 
# 
_pdbx_struct_oper_list.id                   1 
_pdbx_struct_oper_list.type                 'identity operation' 
_pdbx_struct_oper_list.name                 1_555 
_pdbx_struct_oper_list.symmetry_operation   x,y,z 
_pdbx_struct_oper_list.matrix[1][1]         1.0000000000 
_pdbx_struct_oper_list.matrix[1][2]         0.0000000000 
_pdbx_struct_oper_list.matrix[1][3]         0.0000000000 
_pdbx_struct_oper_list.vector[1]            0.0000000000 
_pdbx_struct_oper_list.matrix[2][1]         0.0000000000 
_pdbx_struct_oper_list.matrix[2][2]         1.0000000000 
_pdbx_struct_oper_list.matrix[2][3]         0.0000000000 
_pdbx_struct_oper_list.vector[2]            0.0000000000 
_pdbx_struct_oper_list.matrix[3][1]         0.0000000000 
_pdbx_struct_oper_list.matrix[3][2]         0.0000000000 
_pdbx_struct_oper_list.matrix[3][3]         1.0000000000 
_pdbx_struct_oper_list.vector[3]            0.0000000000 
# 
_struct_biol.id   1 
# 
loop_
_struct_conf.conf_type_id 
_struct_conf.id 
_struct_conf.pdbx_PDB_helix_id 
_struct_conf.beg_label_comp_id 
_struct_conf.beg_label_asym_id 
_struct_conf.beg_label_seq_id 
_struct_conf.pdbx_beg_PDB_ins_code 
_struct_conf.end_label_comp_id 
_struct_conf.end_label_asym_id 
_struct_conf.end_label_seq_id 
_struct_conf.pdbx_end_PDB_ins_code 
_struct_conf.beg_auth_comp_id 
_struct_conf.beg_auth_asym_id 
_struct_conf.beg_auth_seq_id 
_struct_conf.end_auth_comp_id 
_struct_conf.end_auth_asym_id 
_struct_conf.end_auth_seq_id 
_struct_conf.pdbx_PDB_helix_class 
_struct_conf.details 
_struct_conf.pdbx_PDB_helix_length 
HELX_P HELX_P1 1 SER A 2   ? TYR A 7   ? SER A 2   TYR A 7   5 ? 6  
HELX_P HELX_P2 2 LEU A 23  ? VAL A 27  ? LEU A 23  VAL A 27  5 ? 5  
HELX_P HELX_P3 3 CYS A 40  ? HIS A 58  ? CYS A 40  HIS A 58  1 ? 19 
HELX_P HELX_P4 4 ASN A 73  ? GLY A 82  ? ASN A 73  GLY A 82  1 ? 10 
HELX_P HELX_P5 5 GLN A 93  ? GLY A 105 ? GLN A 93  GLY A 105 1 ? 13 
HELX_P HELX_P6 6 GLN A 126 ? ASP A 134 ? GLN A 126 ASP A 134 1 ? 9  
# 
_struct_conf_type.id          HELX_P 
_struct_conf_type.criteria    ? 
_struct_conf_type.reference   ? 
# 
_struct_conn.id                            disulf1 
_struct_conn.conn_type_id                  disulf 
_struct_conn.pdbx_leaving_atom_flag        ? 
_struct_conn.pdbx_PDB_id                   ? 
_struct_conn.ptnr1_label_asym_id           A 
_struct_conn.ptnr1_label_comp_id           CYS 
_struct_conn.ptnr1_label_seq_id            40 
_struct_conn.ptnr1_label_atom_id           SG 
_struct_conn.pdbx_ptnr1_label_alt_id       ? 
_struct_conn.pdbx_ptnr1_PDB_ins_code       ? 
_struct_conn.pdbx_ptnr1_standard_comp_id   ? 
_struct_conn.ptnr1_symmetry                1_555 
_struct_conn.ptnr2_label_asym_id           A 
_struct_conn.ptnr2_label_comp_id           CYS 
_struct_conn.ptnr2_label_seq_id            43 
_struct_conn.ptnr2_label_atom_id           SG 
_struct_conn.pdbx_ptnr2_label_alt_id       ? 
_struct_conn.pdbx_ptnr2_PDB_ins_code       ? 
_struct_conn.ptnr1_auth_asym_id            A 
_struct_conn.ptnr1_auth_comp_id            CYS 
_struct_conn.ptnr1_auth_seq_id             40 
_struct_conn.ptnr2_auth_asym_id            A 
_struct_conn.ptnr2_auth_comp_id            CYS 
_struct_conn.ptnr2_auth_seq_id             43 
_struct_conn.ptnr2_symmetry                1_555 
_struct_conn.pdbx_ptnr3_label_atom_id      ? 
_struct_conn.pdbx_ptnr3_label_seq_id       ? 
_struct_conn.pdbx_ptnr3_label_comp_id      ? 
_struct_conn.pdbx_ptnr3_label_asym_id      ? 
_struct_conn.pdbx_ptnr3_label_alt_id       ? 
_struct_conn.pdbx_ptnr3_PDB_ins_code       ? 
_struct_conn.details                       ? 
_struct_conn.pdbx_dist_value               2.029 
_struct_conn.pdbx_value_order              ? 
_struct_conn.pdbx_role                     ? 
# 
_struct_conn_type.id          disulf 
_struct_conn_type.criteria    ? 
_struct_conn_type.reference   ? 
# 
_pdbx_modification_feature.ordinal                            1 
_pdbx_modification_feature.label_comp_id                      CYS 
_pdbx_modification_feature.label_asym_id                      A 
_pdbx_modification_feature.label_seq_id                       40 
_pdbx_modification_feature.label_alt_id                       ? 
_pdbx_modification_feature.modified_residue_label_comp_id     CYS 
_pdbx_modification_feature.modified_residue_label_asym_id     A 
_pdbx_modification_feature.modified_residue_label_seq_id      43 
_pdbx_modification_feature.modified_residue_label_alt_id      ? 
_pdbx_modification_feature.auth_comp_id                       CYS 
_pdbx_modification_feature.auth_asym_id                       A 
_pdbx_modification_feature.auth_seq_id                        40 
_pdbx_modification_feature.PDB_ins_code                       ? 
_pdbx_modification_feature.symmetry                           1_555 
_pdbx_modification_feature.modified_residue_auth_comp_id      CYS 
_pdbx_modification_feature.modified_residue_auth_asym_id      A 
_pdbx_modification_feature.modified_residue_auth_seq_id       43 
_pdbx_modification_feature.modified_residue_PDB_ins_code      ? 
_pdbx_modification_feature.modified_residue_symmetry          1_555 
_pdbx_modification_feature.comp_id_linking_atom               SG 
_pdbx_modification_feature.modified_residue_id_linking_atom   SG 
_pdbx_modification_feature.modified_residue_id                . 
_pdbx_modification_feature.ref_pcm_id                         . 
_pdbx_modification_feature.ref_comp_id                        . 
_pdbx_modification_feature.type                               None 
_pdbx_modification_feature.category                           'Disulfide bridge' 
# 
loop_
_struct_mon_prot_cis.pdbx_id 
_struct_mon_prot_cis.label_comp_id 
_struct_mon_prot_cis.label_seq_id 
_struct_mon_prot_cis.label_asym_id 
_struct_mon_prot_cis.label_alt_id 
_struct_mon_prot_cis.pdbx_PDB_ins_code 
_struct_mon_prot_cis.auth_comp_id 
_struct_mon_prot_cis.auth_seq_id 
_struct_mon_prot_cis.auth_asym_id 
_struct_mon_prot_cis.pdbx_label_comp_id_2 
_struct_mon_prot_cis.pdbx_label_seq_id_2 
_struct_mon_prot_cis.pdbx_label_asym_id_2 
_struct_mon_prot_cis.pdbx_PDB_ins_code_2 
_struct_mon_prot_cis.pdbx_auth_comp_id_2 
_struct_mon_prot_cis.pdbx_auth_seq_id_2 
_struct_mon_prot_cis.pdbx_auth_asym_id_2 
_struct_mon_prot_cis.pdbx_PDB_model_num 
_struct_mon_prot_cis.pdbx_omega_angle 
1 ILE 109 A . ? ILE 109 A PRO 110 A ? PRO 110 A 1 0.92 
2 PHE 140 A . ? PHE 140 A PRO 141 A ? PRO 141 A 1 0.78 
# 
_struct_sheet.id               AA 
_struct_sheet.type             ? 
_struct_sheet.number_strands   5 
_struct_sheet.details          ? 
# 
loop_
_struct_sheet_order.sheet_id 
_struct_sheet_order.range_id_1 
_struct_sheet_order.range_id_2 
_struct_sheet_order.offset 
_struct_sheet_order.sense 
AA 1 2 ? parallel      
AA 2 3 ? parallel      
AA 3 4 ? anti-parallel 
AA 4 5 ? anti-parallel 
# 
loop_
_struct_sheet_range.sheet_id 
_struct_sheet_range.id 
_struct_sheet_range.beg_label_comp_id 
_struct_sheet_range.beg_label_asym_id 
_struct_sheet_range.beg_label_seq_id 
_struct_sheet_range.pdbx_beg_PDB_ins_code 
_struct_sheet_range.end_label_comp_id 
_struct_sheet_range.end_label_asym_id 
_struct_sheet_range.end_label_seq_id 
_struct_sheet_range.pdbx_end_PDB_ins_code 
_struct_sheet_range.beg_auth_comp_id 
_struct_sheet_range.beg_auth_asym_id 
_struct_sheet_range.beg_auth_seq_id 
_struct_sheet_range.end_auth_comp_id 
_struct_sheet_range.end_auth_asym_id 
_struct_sheet_range.end_auth_seq_id 
AA 1 LEU A 87  ? ALA A 88  ? LEU A 87  ALA A 88  
AA 2 PHE A 63  ? SER A 69  ? PHE A 63  SER A 69  
AA 3 THR A 30  ? SER A 36  ? THR A 30  SER A 36  
AA 4 THR A 111 ? ASN A 116 ? THR A 111 ASN A 116 
AA 5 ILE A 122 ? GLY A 124 ? ILE A 122 GLY A 124 
# 
loop_
_pdbx_struct_sheet_hbond.sheet_id 
_pdbx_struct_sheet_hbond.range_id_1 
_pdbx_struct_sheet_hbond.range_id_2 
_pdbx_struct_sheet_hbond.range_1_label_atom_id 
_pdbx_struct_sheet_hbond.range_1_label_comp_id 
_pdbx_struct_sheet_hbond.range_1_label_asym_id 
_pdbx_struct_sheet_hbond.range_1_label_seq_id 
_pdbx_struct_sheet_hbond.range_1_PDB_ins_code 
_pdbx_struct_sheet_hbond.range_1_auth_atom_id 
_pdbx_struct_sheet_hbond.range_1_auth_comp_id 
_pdbx_struct_sheet_hbond.range_1_auth_asym_id 
_pdbx_struct_sheet_hbond.range_1_auth_seq_id 
_pdbx_struct_sheet_hbond.range_2_label_atom_id 
_pdbx_struct_sheet_hbond.range_2_label_comp_id 
_pdbx_struct_sheet_hbond.range_2_label_asym_id 
_pdbx_struct_sheet_hbond.range_2_label_seq_id 
_pdbx_struct_sheet_hbond.range_2_PDB_ins_code 
_pdbx_struct_sheet_hbond.range_2_auth_atom_id 
_pdbx_struct_sheet_hbond.range_2_auth_comp_id 
_pdbx_struct_sheet_hbond.range_2_auth_asym_id 
_pdbx_struct_sheet_hbond.range_2_auth_seq_id 
AA 1 2 N LEU A 87  ? N LEU A 87  O VAL A 65  ? O VAL A 65  
AA 2 3 N GLU A 64  ? N GLU A 64  O THR A 30  ? O THR A 30  
AA 3 4 N PHE A 35  ? N PHE A 35  O THR A 111 ? O THR A 111 
AA 4 5 O THR A 114 ? O THR A 114 N ILE A 123 ? N ILE A 123 
# 
_pdbx_entry_details.entry_id                   1O73 
_pdbx_entry_details.compound_details           
;THIS PROTEIN PARTICIPATES IN VARIOUS REDOX REACTIONS
 BY THE REVERSIBLE OXIDATION OF ITS ACTIVE CENTER DITHIOL
 TO A DISULFIDE. IT ALSO CATALYZES DITHIOL-DISULFIDE
 EXCHANGE REACTIONS.
;
_pdbx_entry_details.source_details             ? 
_pdbx_entry_details.nonpolymer_details         ? 
_pdbx_entry_details.sequence_details           ? 
_pdbx_entry_details.has_ligand_of_interest     ? 
_pdbx_entry_details.has_protein_modification   Y 
# 
loop_
_pdbx_validate_torsion.id 
_pdbx_validate_torsion.PDB_model_num 
_pdbx_validate_torsion.auth_comp_id 
_pdbx_validate_torsion.auth_asym_id 
_pdbx_validate_torsion.auth_seq_id 
_pdbx_validate_torsion.PDB_ins_code 
_pdbx_validate_torsion.label_alt_id 
_pdbx_validate_torsion.phi 
_pdbx_validate_torsion.psi 
1 1 TYR A 7  ? ? -131.83 -46.18  
2 1 TRP A 86 ? ? -108.38 -156.07 
# 
loop_
_chem_comp_atom.comp_id 
_chem_comp_atom.atom_id 
_chem_comp_atom.type_symbol 
_chem_comp_atom.pdbx_aromatic_flag 
_chem_comp_atom.pdbx_stereo_config 
_chem_comp_atom.pdbx_ordinal 
ALA N    N N N 1   
ALA CA   C N S 2   
ALA C    C N N 3   
ALA O    O N N 4   
ALA CB   C N N 5   
ALA OXT  O N N 6   
ALA H    H N N 7   
ALA H2   H N N 8   
ALA HA   H N N 9   
ALA HB1  H N N 10  
ALA HB2  H N N 11  
ALA HB3  H N N 12  
ALA HXT  H N N 13  
ARG N    N N N 14  
ARG CA   C N S 15  
ARG C    C N N 16  
ARG O    O N N 17  
ARG CB   C N N 18  
ARG CG   C N N 19  
ARG CD   C N N 20  
ARG NE   N N N 21  
ARG CZ   C N N 22  
ARG NH1  N N N 23  
ARG NH2  N N N 24  
ARG OXT  O N N 25  
ARG H    H N N 26  
ARG H2   H N N 27  
ARG HA   H N N 28  
ARG HB2  H N N 29  
ARG HB3  H N N 30  
ARG HG2  H N N 31  
ARG HG3  H N N 32  
ARG HD2  H N N 33  
ARG HD3  H N N 34  
ARG HE   H N N 35  
ARG HH11 H N N 36  
ARG HH12 H N N 37  
ARG HH21 H N N 38  
ARG HH22 H N N 39  
ARG HXT  H N N 40  
ASN N    N N N 41  
ASN CA   C N S 42  
ASN C    C N N 43  
ASN O    O N N 44  
ASN CB   C N N 45  
ASN CG   C N N 46  
ASN OD1  O N N 47  
ASN ND2  N N N 48  
ASN OXT  O N N 49  
ASN H    H N N 50  
ASN H2   H N N 51  
ASN HA   H N N 52  
ASN HB2  H N N 53  
ASN HB3  H N N 54  
ASN HD21 H N N 55  
ASN HD22 H N N 56  
ASN HXT  H N N 57  
ASP N    N N N 58  
ASP CA   C N S 59  
ASP C    C N N 60  
ASP O    O N N 61  
ASP CB   C N N 62  
ASP CG   C N N 63  
ASP OD1  O N N 64  
ASP OD2  O N N 65  
ASP OXT  O N N 66  
ASP H    H N N 67  
ASP H2   H N N 68  
ASP HA   H N N 69  
ASP HB2  H N N 70  
ASP HB3  H N N 71  
ASP HD2  H N N 72  
ASP HXT  H N N 73  
CYS N    N N N 74  
CYS CA   C N R 75  
CYS C    C N N 76  
CYS O    O N N 77  
CYS CB   C N N 78  
CYS SG   S N N 79  
CYS OXT  O N N 80  
CYS H    H N N 81  
CYS H2   H N N 82  
CYS HA   H N N 83  
CYS HB2  H N N 84  
CYS HB3  H N N 85  
CYS HG   H N N 86  
CYS HXT  H N N 87  
GLN N    N N N 88  
GLN CA   C N S 89  
GLN C    C N N 90  
GLN O    O N N 91  
GLN CB   C N N 92  
GLN CG   C N N 93  
GLN CD   C N N 94  
GLN OE1  O N N 95  
GLN NE2  N N N 96  
GLN OXT  O N N 97  
GLN H    H N N 98  
GLN H2   H N N 99  
GLN HA   H N N 100 
GLN HB2  H N N 101 
GLN HB3  H N N 102 
GLN HG2  H N N 103 
GLN HG3  H N N 104 
GLN HE21 H N N 105 
GLN HE22 H N N 106 
GLN HXT  H N N 107 
GLU N    N N N 108 
GLU CA   C N S 109 
GLU C    C N N 110 
GLU O    O N N 111 
GLU CB   C N N 112 
GLU CG   C N N 113 
GLU CD   C N N 114 
GLU OE1  O N N 115 
GLU OE2  O N N 116 
GLU OXT  O N N 117 
GLU H    H N N 118 
GLU H2   H N N 119 
GLU HA   H N N 120 
GLU HB2  H N N 121 
GLU HB3  H N N 122 
GLU HG2  H N N 123 
GLU HG3  H N N 124 
GLU HE2  H N N 125 
GLU HXT  H N N 126 
GLY N    N N N 127 
GLY CA   C N N 128 
GLY C    C N N 129 
GLY O    O N N 130 
GLY OXT  O N N 131 
GLY H    H N N 132 
GLY H2   H N N 133 
GLY HA2  H N N 134 
GLY HA3  H N N 135 
GLY HXT  H N N 136 
HIS N    N N N 137 
HIS CA   C N S 138 
HIS C    C N N 139 
HIS O    O N N 140 
HIS CB   C N N 141 
HIS CG   C Y N 142 
HIS ND1  N Y N 143 
HIS CD2  C Y N 144 
HIS CE1  C Y N 145 
HIS NE2  N Y N 146 
HIS OXT  O N N 147 
HIS H    H N N 148 
HIS H2   H N N 149 
HIS HA   H N N 150 
HIS HB2  H N N 151 
HIS HB3  H N N 152 
HIS HD1  H N N 153 
HIS HD2  H N N 154 
HIS HE1  H N N 155 
HIS HE2  H N N 156 
HIS HXT  H N N 157 
HOH O    O N N 158 
HOH H1   H N N 159 
HOH H2   H N N 160 
ILE N    N N N 161 
ILE CA   C N S 162 
ILE C    C N N 163 
ILE O    O N N 164 
ILE CB   C N S 165 
ILE CG1  C N N 166 
ILE CG2  C N N 167 
ILE CD1  C N N 168 
ILE OXT  O N N 169 
ILE H    H N N 170 
ILE H2   H N N 171 
ILE HA   H N N 172 
ILE HB   H N N 173 
ILE HG12 H N N 174 
ILE HG13 H N N 175 
ILE HG21 H N N 176 
ILE HG22 H N N 177 
ILE HG23 H N N 178 
ILE HD11 H N N 179 
ILE HD12 H N N 180 
ILE HD13 H N N 181 
ILE HXT  H N N 182 
LEU N    N N N 183 
LEU CA   C N S 184 
LEU C    C N N 185 
LEU O    O N N 186 
LEU CB   C N N 187 
LEU CG   C N N 188 
LEU CD1  C N N 189 
LEU CD2  C N N 190 
LEU OXT  O N N 191 
LEU H    H N N 192 
LEU H2   H N N 193 
LEU HA   H N N 194 
LEU HB2  H N N 195 
LEU HB3  H N N 196 
LEU HG   H N N 197 
LEU HD11 H N N 198 
LEU HD12 H N N 199 
LEU HD13 H N N 200 
LEU HD21 H N N 201 
LEU HD22 H N N 202 
LEU HD23 H N N 203 
LEU HXT  H N N 204 
LYS N    N N N 205 
LYS CA   C N S 206 
LYS C    C N N 207 
LYS O    O N N 208 
LYS CB   C N N 209 
LYS CG   C N N 210 
LYS CD   C N N 211 
LYS CE   C N N 212 
LYS NZ   N N N 213 
LYS OXT  O N N 214 
LYS H    H N N 215 
LYS H2   H N N 216 
LYS HA   H N N 217 
LYS HB2  H N N 218 
LYS HB3  H N N 219 
LYS HG2  H N N 220 
LYS HG3  H N N 221 
LYS HD2  H N N 222 
LYS HD3  H N N 223 
LYS HE2  H N N 224 
LYS HE3  H N N 225 
LYS HZ1  H N N 226 
LYS HZ2  H N N 227 
LYS HZ3  H N N 228 
LYS HXT  H N N 229 
MET N    N N N 230 
MET CA   C N S 231 
MET C    C N N 232 
MET O    O N N 233 
MET CB   C N N 234 
MET CG   C N N 235 
MET SD   S N N 236 
MET CE   C N N 237 
MET OXT  O N N 238 
MET H    H N N 239 
MET H2   H N N 240 
MET HA   H N N 241 
MET HB2  H N N 242 
MET HB3  H N N 243 
MET HG2  H N N 244 
MET HG3  H N N 245 
MET HE1  H N N 246 
MET HE2  H N N 247 
MET HE3  H N N 248 
MET HXT  H N N 249 
PHE N    N N N 250 
PHE CA   C N S 251 
PHE C    C N N 252 
PHE O    O N N 253 
PHE CB   C N N 254 
PHE CG   C Y N 255 
PHE CD1  C Y N 256 
PHE CD2  C Y N 257 
PHE CE1  C Y N 258 
PHE CE2  C Y N 259 
PHE CZ   C Y N 260 
PHE OXT  O N N 261 
PHE H    H N N 262 
PHE H2   H N N 263 
PHE HA   H N N 264 
PHE HB2  H N N 265 
PHE HB3  H N N 266 
PHE HD1  H N N 267 
PHE HD2  H N N 268 
PHE HE1  H N N 269 
PHE HE2  H N N 270 
PHE HZ   H N N 271 
PHE HXT  H N N 272 
PRO N    N N N 273 
PRO CA   C N S 274 
PRO C    C N N 275 
PRO O    O N N 276 
PRO CB   C N N 277 
PRO CG   C N N 278 
PRO CD   C N N 279 
PRO OXT  O N N 280 
PRO H    H N N 281 
PRO HA   H N N 282 
PRO HB2  H N N 283 
PRO HB3  H N N 284 
PRO HG2  H N N 285 
PRO HG3  H N N 286 
PRO HD2  H N N 287 
PRO HD3  H N N 288 
PRO HXT  H N N 289 
SER N    N N N 290 
SER CA   C N S 291 
SER C    C N N 292 
SER O    O N N 293 
SER CB   C N N 294 
SER OG   O N N 295 
SER OXT  O N N 296 
SER H    H N N 297 
SER H2   H N N 298 
SER HA   H N N 299 
SER HB2  H N N 300 
SER HB3  H N N 301 
SER HG   H N N 302 
SER HXT  H N N 303 
THR N    N N N 304 
THR CA   C N S 305 
THR C    C N N 306 
THR O    O N N 307 
THR CB   C N R 308 
THR OG1  O N N 309 
THR CG2  C N N 310 
THR OXT  O N N 311 
THR H    H N N 312 
THR H2   H N N 313 
THR HA   H N N 314 
THR HB   H N N 315 
THR HG1  H N N 316 
THR HG21 H N N 317 
THR HG22 H N N 318 
THR HG23 H N N 319 
THR HXT  H N N 320 
TRP N    N N N 321 
TRP CA   C N S 322 
TRP C    C N N 323 
TRP O    O N N 324 
TRP CB   C N N 325 
TRP CG   C Y N 326 
TRP CD1  C Y N 327 
TRP CD2  C Y N 328 
TRP NE1  N Y N 329 
TRP CE2  C Y N 330 
TRP CE3  C Y N 331 
TRP CZ2  C Y N 332 
TRP CZ3  C Y N 333 
TRP CH2  C Y N 334 
TRP OXT  O N N 335 
TRP H    H N N 336 
TRP H2   H N N 337 
TRP HA   H N N 338 
TRP HB2  H N N 339 
TRP HB3  H N N 340 
TRP HD1  H N N 341 
TRP HE1  H N N 342 
TRP HE3  H N N 343 
TRP HZ2  H N N 344 
TRP HZ3  H N N 345 
TRP HH2  H N N 346 
TRP HXT  H N N 347 
TYR N    N N N 348 
TYR CA   C N S 349 
TYR C    C N N 350 
TYR O    O N N 351 
TYR CB   C N N 352 
TYR CG   C Y N 353 
TYR CD1  C Y N 354 
TYR CD2  C Y N 355 
TYR CE1  C Y N 356 
TYR CE2  C Y N 357 
TYR CZ   C Y N 358 
TYR OH   O N N 359 
TYR OXT  O N N 360 
TYR H    H N N 361 
TYR H2   H N N 362 
TYR HA   H N N 363 
TYR HB2  H N N 364 
TYR HB3  H N N 365 
TYR HD1  H N N 366 
TYR HD2  H N N 367 
TYR HE1  H N N 368 
TYR HE2  H N N 369 
TYR HH   H N N 370 
TYR HXT  H N N 371 
VAL N    N N N 372 
VAL CA   C N S 373 
VAL C    C N N 374 
VAL O    O N N 375 
VAL CB   C N N 376 
VAL CG1  C N N 377 
VAL CG2  C N N 378 
VAL OXT  O N N 379 
VAL H    H N N 380 
VAL H2   H N N 381 
VAL HA   H N N 382 
VAL HB   H N N 383 
VAL HG11 H N N 384 
VAL HG12 H N N 385 
VAL HG13 H N N 386 
VAL HG21 H N N 387 
VAL HG22 H N N 388 
VAL HG23 H N N 389 
VAL HXT  H N N 390 
# 
loop_
_chem_comp_bond.comp_id 
_chem_comp_bond.atom_id_1 
_chem_comp_bond.atom_id_2 
_chem_comp_bond.value_order 
_chem_comp_bond.pdbx_aromatic_flag 
_chem_comp_bond.pdbx_stereo_config 
_chem_comp_bond.pdbx_ordinal 
ALA N   CA   sing N N 1   
ALA N   H    sing N N 2   
ALA N   H2   sing N N 3   
ALA CA  C    sing N N 4   
ALA CA  CB   sing N N 5   
ALA CA  HA   sing N N 6   
ALA C   O    doub N N 7   
ALA C   OXT  sing N N 8   
ALA CB  HB1  sing N N 9   
ALA CB  HB2  sing N N 10  
ALA CB  HB3  sing N N 11  
ALA OXT HXT  sing N N 12  
ARG N   CA   sing N N 13  
ARG N   H    sing N N 14  
ARG N   H2   sing N N 15  
ARG CA  C    sing N N 16  
ARG CA  CB   sing N N 17  
ARG CA  HA   sing N N 18  
ARG C   O    doub N N 19  
ARG C   OXT  sing N N 20  
ARG CB  CG   sing N N 21  
ARG CB  HB2  sing N N 22  
ARG CB  HB3  sing N N 23  
ARG CG  CD   sing N N 24  
ARG CG  HG2  sing N N 25  
ARG CG  HG3  sing N N 26  
ARG CD  NE   sing N N 27  
ARG CD  HD2  sing N N 28  
ARG CD  HD3  sing N N 29  
ARG NE  CZ   sing N N 30  
ARG NE  HE   sing N N 31  
ARG CZ  NH1  sing N N 32  
ARG CZ  NH2  doub N N 33  
ARG NH1 HH11 sing N N 34  
ARG NH1 HH12 sing N N 35  
ARG NH2 HH21 sing N N 36  
ARG NH2 HH22 sing N N 37  
ARG OXT HXT  sing N N 38  
ASN N   CA   sing N N 39  
ASN N   H    sing N N 40  
ASN N   H2   sing N N 41  
ASN CA  C    sing N N 42  
ASN CA  CB   sing N N 43  
ASN CA  HA   sing N N 44  
ASN C   O    doub N N 45  
ASN C   OXT  sing N N 46  
ASN CB  CG   sing N N 47  
ASN CB  HB2  sing N N 48  
ASN CB  HB3  sing N N 49  
ASN CG  OD1  doub N N 50  
ASN CG  ND2  sing N N 51  
ASN ND2 HD21 sing N N 52  
ASN ND2 HD22 sing N N 53  
ASN OXT HXT  sing N N 54  
ASP N   CA   sing N N 55  
ASP N   H    sing N N 56  
ASP N   H2   sing N N 57  
ASP CA  C    sing N N 58  
ASP CA  CB   sing N N 59  
ASP CA  HA   sing N N 60  
ASP C   O    doub N N 61  
ASP C   OXT  sing N N 62  
ASP CB  CG   sing N N 63  
ASP CB  HB2  sing N N 64  
ASP CB  HB3  sing N N 65  
ASP CG  OD1  doub N N 66  
ASP CG  OD2  sing N N 67  
ASP OD2 HD2  sing N N 68  
ASP OXT HXT  sing N N 69  
CYS N   CA   sing N N 70  
CYS N   H    sing N N 71  
CYS N   H2   sing N N 72  
CYS CA  C    sing N N 73  
CYS CA  CB   sing N N 74  
CYS CA  HA   sing N N 75  
CYS C   O    doub N N 76  
CYS C   OXT  sing N N 77  
CYS CB  SG   sing N N 78  
CYS CB  HB2  sing N N 79  
CYS CB  HB3  sing N N 80  
CYS SG  HG   sing N N 81  
CYS OXT HXT  sing N N 82  
GLN N   CA   sing N N 83  
GLN N   H    sing N N 84  
GLN N   H2   sing N N 85  
GLN CA  C    sing N N 86  
GLN CA  CB   sing N N 87  
GLN CA  HA   sing N N 88  
GLN C   O    doub N N 89  
GLN C   OXT  sing N N 90  
GLN CB  CG   sing N N 91  
GLN CB  HB2  sing N N 92  
GLN CB  HB3  sing N N 93  
GLN CG  CD   sing N N 94  
GLN CG  HG2  sing N N 95  
GLN CG  HG3  sing N N 96  
GLN CD  OE1  doub N N 97  
GLN CD  NE2  sing N N 98  
GLN NE2 HE21 sing N N 99  
GLN NE2 HE22 sing N N 100 
GLN OXT HXT  sing N N 101 
GLU N   CA   sing N N 102 
GLU N   H    sing N N 103 
GLU N   H2   sing N N 104 
GLU CA  C    sing N N 105 
GLU CA  CB   sing N N 106 
GLU CA  HA   sing N N 107 
GLU C   O    doub N N 108 
GLU C   OXT  sing N N 109 
GLU CB  CG   sing N N 110 
GLU CB  HB2  sing N N 111 
GLU CB  HB3  sing N N 112 
GLU CG  CD   sing N N 113 
GLU CG  HG2  sing N N 114 
GLU CG  HG3  sing N N 115 
GLU CD  OE1  doub N N 116 
GLU CD  OE2  sing N N 117 
GLU OE2 HE2  sing N N 118 
GLU OXT HXT  sing N N 119 
GLY N   CA   sing N N 120 
GLY N   H    sing N N 121 
GLY N   H2   sing N N 122 
GLY CA  C    sing N N 123 
GLY CA  HA2  sing N N 124 
GLY CA  HA3  sing N N 125 
GLY C   O    doub N N 126 
GLY C   OXT  sing N N 127 
GLY OXT HXT  sing N N 128 
HIS N   CA   sing N N 129 
HIS N   H    sing N N 130 
HIS N   H2   sing N N 131 
HIS CA  C    sing N N 132 
HIS CA  CB   sing N N 133 
HIS CA  HA   sing N N 134 
HIS C   O    doub N N 135 
HIS C   OXT  sing N N 136 
HIS CB  CG   sing N N 137 
HIS CB  HB2  sing N N 138 
HIS CB  HB3  sing N N 139 
HIS CG  ND1  sing Y N 140 
HIS CG  CD2  doub Y N 141 
HIS ND1 CE1  doub Y N 142 
HIS ND1 HD1  sing N N 143 
HIS CD2 NE2  sing Y N 144 
HIS CD2 HD2  sing N N 145 
HIS CE1 NE2  sing Y N 146 
HIS CE1 HE1  sing N N 147 
HIS NE2 HE2  sing N N 148 
HIS OXT HXT  sing N N 149 
HOH O   H1   sing N N 150 
HOH O   H2   sing N N 151 
ILE N   CA   sing N N 152 
ILE N   H    sing N N 153 
ILE N   H2   sing N N 154 
ILE CA  C    sing N N 155 
ILE CA  CB   sing N N 156 
ILE CA  HA   sing N N 157 
ILE C   O    doub N N 158 
ILE C   OXT  sing N N 159 
ILE CB  CG1  sing N N 160 
ILE CB  CG2  sing N N 161 
ILE CB  HB   sing N N 162 
ILE CG1 CD1  sing N N 163 
ILE CG1 HG12 sing N N 164 
ILE CG1 HG13 sing N N 165 
ILE CG2 HG21 sing N N 166 
ILE CG2 HG22 sing N N 167 
ILE CG2 HG23 sing N N 168 
ILE CD1 HD11 sing N N 169 
ILE CD1 HD12 sing N N 170 
ILE CD1 HD13 sing N N 171 
ILE OXT HXT  sing N N 172 
LEU N   CA   sing N N 173 
LEU N   H    sing N N 174 
LEU N   H2   sing N N 175 
LEU CA  C    sing N N 176 
LEU CA  CB   sing N N 177 
LEU CA  HA   sing N N 178 
LEU C   O    doub N N 179 
LEU C   OXT  sing N N 180 
LEU CB  CG   sing N N 181 
LEU CB  HB2  sing N N 182 
LEU CB  HB3  sing N N 183 
LEU CG  CD1  sing N N 184 
LEU CG  CD2  sing N N 185 
LEU CG  HG   sing N N 186 
LEU CD1 HD11 sing N N 187 
LEU CD1 HD12 sing N N 188 
LEU CD1 HD13 sing N N 189 
LEU CD2 HD21 sing N N 190 
LEU CD2 HD22 sing N N 191 
LEU CD2 HD23 sing N N 192 
LEU OXT HXT  sing N N 193 
LYS N   CA   sing N N 194 
LYS N   H    sing N N 195 
LYS N   H2   sing N N 196 
LYS CA  C    sing N N 197 
LYS CA  CB   sing N N 198 
LYS CA  HA   sing N N 199 
LYS C   O    doub N N 200 
LYS C   OXT  sing N N 201 
LYS CB  CG   sing N N 202 
LYS CB  HB2  sing N N 203 
LYS CB  HB3  sing N N 204 
LYS CG  CD   sing N N 205 
LYS CG  HG2  sing N N 206 
LYS CG  HG3  sing N N 207 
LYS CD  CE   sing N N 208 
LYS CD  HD2  sing N N 209 
LYS CD  HD3  sing N N 210 
LYS CE  NZ   sing N N 211 
LYS CE  HE2  sing N N 212 
LYS CE  HE3  sing N N 213 
LYS NZ  HZ1  sing N N 214 
LYS NZ  HZ2  sing N N 215 
LYS NZ  HZ3  sing N N 216 
LYS OXT HXT  sing N N 217 
MET N   CA   sing N N 218 
MET N   H    sing N N 219 
MET N   H2   sing N N 220 
MET CA  C    sing N N 221 
MET CA  CB   sing N N 222 
MET CA  HA   sing N N 223 
MET C   O    doub N N 224 
MET C   OXT  sing N N 225 
MET CB  CG   sing N N 226 
MET CB  HB2  sing N N 227 
MET CB  HB3  sing N N 228 
MET CG  SD   sing N N 229 
MET CG  HG2  sing N N 230 
MET CG  HG3  sing N N 231 
MET SD  CE   sing N N 232 
MET CE  HE1  sing N N 233 
MET CE  HE2  sing N N 234 
MET CE  HE3  sing N N 235 
MET OXT HXT  sing N N 236 
PHE N   CA   sing N N 237 
PHE N   H    sing N N 238 
PHE N   H2   sing N N 239 
PHE CA  C    sing N N 240 
PHE CA  CB   sing N N 241 
PHE CA  HA   sing N N 242 
PHE C   O    doub N N 243 
PHE C   OXT  sing N N 244 
PHE CB  CG   sing N N 245 
PHE CB  HB2  sing N N 246 
PHE CB  HB3  sing N N 247 
PHE CG  CD1  doub Y N 248 
PHE CG  CD2  sing Y N 249 
PHE CD1 CE1  sing Y N 250 
PHE CD1 HD1  sing N N 251 
PHE CD2 CE2  doub Y N 252 
PHE CD2 HD2  sing N N 253 
PHE CE1 CZ   doub Y N 254 
PHE CE1 HE1  sing N N 255 
PHE CE2 CZ   sing Y N 256 
PHE CE2 HE2  sing N N 257 
PHE CZ  HZ   sing N N 258 
PHE OXT HXT  sing N N 259 
PRO N   CA   sing N N 260 
PRO N   CD   sing N N 261 
PRO N   H    sing N N 262 
PRO CA  C    sing N N 263 
PRO CA  CB   sing N N 264 
PRO CA  HA   sing N N 265 
PRO C   O    doub N N 266 
PRO C   OXT  sing N N 267 
PRO CB  CG   sing N N 268 
PRO CB  HB2  sing N N 269 
PRO CB  HB3  sing N N 270 
PRO CG  CD   sing N N 271 
PRO CG  HG2  sing N N 272 
PRO CG  HG3  sing N N 273 
PRO CD  HD2  sing N N 274 
PRO CD  HD3  sing N N 275 
PRO OXT HXT  sing N N 276 
SER N   CA   sing N N 277 
SER N   H    sing N N 278 
SER N   H2   sing N N 279 
SER CA  C    sing N N 280 
SER CA  CB   sing N N 281 
SER CA  HA   sing N N 282 
SER C   O    doub N N 283 
SER C   OXT  sing N N 284 
SER CB  OG   sing N N 285 
SER CB  HB2  sing N N 286 
SER CB  HB3  sing N N 287 
SER OG  HG   sing N N 288 
SER OXT HXT  sing N N 289 
THR N   CA   sing N N 290 
THR N   H    sing N N 291 
THR N   H2   sing N N 292 
THR CA  C    sing N N 293 
THR CA  CB   sing N N 294 
THR CA  HA   sing N N 295 
THR C   O    doub N N 296 
THR C   OXT  sing N N 297 
THR CB  OG1  sing N N 298 
THR CB  CG2  sing N N 299 
THR CB  HB   sing N N 300 
THR OG1 HG1  sing N N 301 
THR CG2 HG21 sing N N 302 
THR CG2 HG22 sing N N 303 
THR CG2 HG23 sing N N 304 
THR OXT HXT  sing N N 305 
TRP N   CA   sing N N 306 
TRP N   H    sing N N 307 
TRP N   H2   sing N N 308 
TRP CA  C    sing N N 309 
TRP CA  CB   sing N N 310 
TRP CA  HA   sing N N 311 
TRP C   O    doub N N 312 
TRP C   OXT  sing N N 313 
TRP CB  CG   sing N N 314 
TRP CB  HB2  sing N N 315 
TRP CB  HB3  sing N N 316 
TRP CG  CD1  doub Y N 317 
TRP CG  CD2  sing Y N 318 
TRP CD1 NE1  sing Y N 319 
TRP CD1 HD1  sing N N 320 
TRP CD2 CE2  doub Y N 321 
TRP CD2 CE3  sing Y N 322 
TRP NE1 CE2  sing Y N 323 
TRP NE1 HE1  sing N N 324 
TRP CE2 CZ2  sing Y N 325 
TRP CE3 CZ3  doub Y N 326 
TRP CE3 HE3  sing N N 327 
TRP CZ2 CH2  doub Y N 328 
TRP CZ2 HZ2  sing N N 329 
TRP CZ3 CH2  sing Y N 330 
TRP CZ3 HZ3  sing N N 331 
TRP CH2 HH2  sing N N 332 
TRP OXT HXT  sing N N 333 
TYR N   CA   sing N N 334 
TYR N   H    sing N N 335 
TYR N   H2   sing N N 336 
TYR CA  C    sing N N 337 
TYR CA  CB   sing N N 338 
TYR CA  HA   sing N N 339 
TYR C   O    doub N N 340 
TYR C   OXT  sing N N 341 
TYR CB  CG   sing N N 342 
TYR CB  HB2  sing N N 343 
TYR CB  HB3  sing N N 344 
TYR CG  CD1  doub Y N 345 
TYR CG  CD2  sing Y N 346 
TYR CD1 CE1  sing Y N 347 
TYR CD1 HD1  sing N N 348 
TYR CD2 CE2  doub Y N 349 
TYR CD2 HD2  sing N N 350 
TYR CE1 CZ   doub Y N 351 
TYR CE1 HE1  sing N N 352 
TYR CE2 CZ   sing Y N 353 
TYR CE2 HE2  sing N N 354 
TYR CZ  OH   sing N N 355 
TYR OH  HH   sing N N 356 
TYR OXT HXT  sing N N 357 
VAL N   CA   sing N N 358 
VAL N   H    sing N N 359 
VAL N   H2   sing N N 360 
VAL CA  C    sing N N 361 
VAL CA  CB   sing N N 362 
VAL CA  HA   sing N N 363 
VAL C   O    doub N N 364 
VAL C   OXT  sing N N 365 
VAL CB  CG1  sing N N 366 
VAL CB  CG2  sing N N 367 
VAL CB  HB   sing N N 368 
VAL CG1 HG11 sing N N 369 
VAL CG1 HG12 sing N N 370 
VAL CG1 HG13 sing N N 371 
VAL CG2 HG21 sing N N 372 
VAL CG2 HG22 sing N N 373 
VAL CG2 HG23 sing N N 374 
VAL OXT HXT  sing N N 375 
# 
_pdbx_initial_refinement_model.id               1 
_pdbx_initial_refinement_model.entity_id_list   ? 
_pdbx_initial_refinement_model.type             'experimental model' 
_pdbx_initial_refinement_model.source_name      PDB 
_pdbx_initial_refinement_model.accession_code   1QK8 
_pdbx_initial_refinement_model.details          'PDB ENTRY 1QK8' 
# 
_atom_sites.entry_id                    1O73 
_atom_sites.fract_transf_matrix[1][1]   -0.02383742 
_atom_sites.fract_transf_matrix[1][2]   0.02243556 
_atom_sites.fract_transf_matrix[1][3]   0.00049315 
_atom_sites.fract_transf_matrix[2][1]   -0.00800673 
_atom_sites.fract_transf_matrix[2][2]   -0.00915255 
_atom_sites.fract_transf_matrix[2][3]   0.02936789 
_atom_sites.fract_transf_matrix[3][1]   0.01043125 
_atom_sites.fract_transf_matrix[3][2]   0.01247160 
_atom_sites.fract_transf_matrix[3][3]   0.00673073 
_atom_sites.fract_transf_vector[1]      0.295469 
_atom_sites.fract_transf_vector[2]      -0.008883 
_atom_sites.fract_transf_vector[3]      -0.241058 
# 
loop_
_atom_type.symbol 
C 
N 
O 
S 
# 
loop_
_atom_site.group_PDB 
_atom_site.id 
_atom_site.type_symbol 
_atom_site.label_atom_id 
_atom_site.label_alt_id 
_atom_site.label_comp_id 
_atom_site.label_asym_id 
_atom_site.label_entity_id 
_atom_site.label_seq_id 
_atom_site.pdbx_PDB_ins_code 
_atom_site.Cartn_x 
_atom_site.Cartn_y 
_atom_site.Cartn_z 
_atom_site.occupancy 
_atom_site.B_iso_or_equiv 
_atom_site.pdbx_formal_charge 
_atom_site.auth_seq_id 
_atom_site.auth_comp_id 
_atom_site.auth_asym_id 
_atom_site.auth_atom_id 
_atom_site.pdbx_PDB_model_num 
ATOM   1    N N   . MET A 1 1   ? -19.773 3.009   6.466   1.00 33.84 ? 1    MET A N   1 
ATOM   2    C CA  . MET A 1 1   ? -18.856 2.440   5.422   1.00 34.98 ? 1    MET A CA  1 
ATOM   3    C C   . MET A 1 1   ? -17.365 2.547   5.764   1.00 34.13 ? 1    MET A C   1 
ATOM   4    O O   . MET A 1 1   ? -16.956 3.258   6.690   1.00 33.69 ? 1    MET A O   1 
ATOM   5    C CB  . MET A 1 1   ? -19.087 3.124   4.062   1.00 35.09 ? 1    MET A CB  1 
ATOM   6    C CG  . MET A 1 1   ? -18.810 4.636   4.043   1.00 37.14 ? 1    MET A CG  1 
ATOM   7    S SD  . MET A 1 1   ? -18.487 5.372   2.367   1.00 38.62 ? 1    MET A SD  1 
ATOM   8    C CE  . MET A 1 1   ? -16.786 6.097   2.654   1.00 36.64 ? 1    MET A CE  1 
ATOM   9    N N   . SER A 1 2   ? -16.565 1.824   4.987   1.00 33.28 ? 2    SER A N   1 
ATOM   10   C CA  . SER A 1 2   ? -15.114 1.795   5.133   1.00 32.19 ? 2    SER A CA  1 
ATOM   11   C C   . SER A 1 2   ? -14.504 3.086   4.581   1.00 30.01 ? 2    SER A C   1 
ATOM   12   O O   . SER A 1 2   ? -14.957 3.602   3.565   1.00 28.62 ? 2    SER A O   1 
ATOM   13   C CB  . SER A 1 2   ? -14.546 0.591   4.363   1.00 32.17 ? 2    SER A CB  1 
ATOM   14   O OG  . SER A 1 2   ? -13.124 0.560   4.406   1.00 33.57 ? 2    SER A OG  1 
ATOM   15   N N   . GLY A 1 3   ? -13.480 3.607   5.256   1.00 29.10 ? 3    GLY A N   1 
ATOM   16   C CA  . GLY A 1 3   ? -12.832 4.823   4.786   1.00 27.55 ? 3    GLY A CA  1 
ATOM   17   C C   . GLY A 1 3   ? -12.136 4.564   3.459   1.00 25.76 ? 3    GLY A C   1 
ATOM   18   O O   . GLY A 1 3   ? -12.106 5.420   2.569   1.00 26.18 ? 3    GLY A O   1 
ATOM   19   N N   . LEU A 1 4   ? -11.576 3.367   3.325   1.00 23.77 ? 4    LEU A N   1 
ATOM   20   C CA  . LEU A 1 4   ? -10.896 2.980   2.099   1.00 23.55 ? 4    LEU A CA  1 
ATOM   21   C C   . LEU A 1 4   ? -11.841 3.022   0.900   1.00 22.85 ? 4    LEU A C   1 
ATOM   22   O O   . LEU A 1 4   ? -11.389 3.113   -0.241  1.00 21.18 ? 4    LEU A O   1 
ATOM   23   C CB  . LEU A 1 4   ? -10.314 1.570   2.240   1.00 23.69 ? 4    LEU A CB  1 
ATOM   24   C CG  . LEU A 1 4   ? -9.173  1.444   3.249   1.00 26.37 ? 4    LEU A CG  1 
ATOM   25   C CD1 . LEU A 1 4   ? -8.765  -0.026  3.397   1.00 27.32 ? 4    LEU A CD1 1 
ATOM   26   C CD2 . LEU A 1 4   ? -7.998  2.286   2.779   1.00 25.38 ? 4    LEU A CD2 1 
ATOM   27   N N   . ALA A 1 5   ? -13.149 2.955   1.155   1.00 21.76 ? 5    ALA A N   1 
ATOM   28   C CA  . ALA A 1 5   ? -14.121 2.978   0.067   1.00 22.19 ? 5    ALA A CA  1 
ATOM   29   C C   . ALA A 1 5   ? -14.136 4.340   -0.613  1.00 22.96 ? 5    ALA A C   1 
ATOM   30   O O   . ALA A 1 5   ? -14.688 4.496   -1.695  1.00 22.75 ? 5    ALA A O   1 
ATOM   31   C CB  . ALA A 1 5   ? -15.511 2.637   0.584   1.00 22.15 ? 5    ALA A CB  1 
ATOM   32   N N   . LYS A 1 6   ? -13.521 5.326   0.026   1.00 24.39 ? 6    LYS A N   1 
ATOM   33   C CA  . LYS A 1 6   ? -13.466 6.673   -0.527  1.00 25.26 ? 6    LYS A CA  1 
ATOM   34   C C   . LYS A 1 6   ? -12.364 6.702   -1.608  1.00 25.25 ? 6    LYS A C   1 
ATOM   35   O O   . LYS A 1 6   ? -12.169 7.704   -2.302  1.00 25.46 ? 6    LYS A O   1 
ATOM   36   C CB  . LYS A 1 6   ? -13.178 7.662   0.619   1.00 26.03 ? 6    LYS A CB  1 
ATOM   37   C CG  . LYS A 1 6   ? -13.650 9.107   0.416   1.00 27.24 ? 6    LYS A CG  1 
ATOM   38   C CD  . LYS A 1 6   ? -12.659 9.939   -0.401  1.00 28.59 ? 6    LYS A CD  1 
ATOM   39   C CE  . LYS A 1 6   ? -13.027 11.423  -0.372  1.00 28.59 ? 6    LYS A CE  1 
ATOM   40   N NZ  . LYS A 1 6   ? -11.933 12.292  -0.904  1.00 27.61 ? 6    LYS A NZ  1 
ATOM   41   N N   . TYR A 1 7   ? -11.672 5.573   -1.767  1.00 24.80 ? 7    TYR A N   1 
ATOM   42   C CA  . TYR A 1 7   ? -10.588 5.456   -2.743  1.00 24.45 ? 7    TYR A CA  1 
ATOM   43   C C   . TYR A 1 7   ? -10.649 4.208   -3.636  1.00 23.95 ? 7    TYR A C   1 
ATOM   44   O O   . TYR A 1 7   ? -10.466 4.305   -4.848  1.00 24.01 ? 7    TYR A O   1 
ATOM   45   C CB  . TYR A 1 7   ? -9.251  5.488   -2.010  1.00 23.79 ? 7    TYR A CB  1 
ATOM   46   C CG  . TYR A 1 7   ? -9.080  6.711   -1.149  1.00 24.15 ? 7    TYR A CG  1 
ATOM   47   C CD1 . TYR A 1 7   ? -9.033  7.990   -1.718  1.00 24.23 ? 7    TYR A CD1 1 
ATOM   48   C CD2 . TYR A 1 7   ? -8.953  6.597   0.236   1.00 23.26 ? 7    TYR A CD2 1 
ATOM   49   C CE1 . TYR A 1 7   ? -8.859  9.128   -0.918  1.00 24.83 ? 7    TYR A CE1 1 
ATOM   50   C CE2 . TYR A 1 7   ? -8.779  7.722   1.044   1.00 23.67 ? 7    TYR A CE2 1 
ATOM   51   C CZ  . TYR A 1 7   ? -8.726  8.981   0.462   1.00 24.60 ? 7    TYR A CZ  1 
ATOM   52   O OH  . TYR A 1 7   ? -8.486  10.077  1.253   1.00 24.98 ? 7    TYR A OH  1 
ATOM   53   N N   . LEU A 1 8   ? -10.892 3.043   -3.037  1.00 23.87 ? 8    LEU A N   1 
ATOM   54   C CA  . LEU A 1 8   ? -10.973 1.784   -3.784  1.00 23.50 ? 8    LEU A CA  1 
ATOM   55   C C   . LEU A 1 8   ? -12.430 1.375   -4.034  1.00 24.10 ? 8    LEU A C   1 
ATOM   56   O O   . LEU A 1 8   ? -13.344 1.835   -3.344  1.00 22.39 ? 8    LEU A O   1 
ATOM   57   C CB  . LEU A 1 8   ? -10.267 0.673   -3.008  1.00 21.90 ? 8    LEU A CB  1 
ATOM   58   C CG  . LEU A 1 8   ? -8.892  1.047   -2.446  1.00 23.10 ? 8    LEU A CG  1 
ATOM   59   C CD1 . LEU A 1 8   ? -8.366  -0.095  -1.587  1.00 24.14 ? 8    LEU A CD1 1 
ATOM   60   C CD2 . LEU A 1 8   ? -7.930  1.356   -3.580  1.00 21.30 ? 8    LEU A CD2 1 
ATOM   61   N N   . PRO A 1 9   ? -12.669 0.505   -5.033  1.00 25.72 ? 9    PRO A N   1 
ATOM   62   C CA  . PRO A 1 9   ? -14.042 0.068   -5.326  1.00 26.41 ? 9    PRO A CA  1 
ATOM   63   C C   . PRO A 1 9   ? -14.666 -0.572  -4.085  1.00 26.83 ? 9    PRO A C   1 
ATOM   64   O O   . PRO A 1 9   ? -14.036 -1.401  -3.430  1.00 27.70 ? 9    PRO A O   1 
ATOM   65   C CB  . PRO A 1 9   ? -13.848 -0.937  -6.463  1.00 27.25 ? 9    PRO A CB  1 
ATOM   66   C CG  . PRO A 1 9   ? -12.608 -0.430  -7.157  1.00 27.74 ? 9    PRO A CG  1 
ATOM   67   C CD  . PRO A 1 9   ? -11.711 -0.077  -5.993  1.00 26.34 ? 9    PRO A CD  1 
ATOM   68   N N   . GLY A 1 10  ? -15.899 -0.197  -3.772  1.00 27.85 ? 10   GLY A N   1 
ATOM   69   C CA  . GLY A 1 10  ? -16.572 -0.728  -2.592  1.00 29.77 ? 10   GLY A CA  1 
ATOM   70   C C   . GLY A 1 10  ? -16.700 -2.241  -2.410  1.00 31.05 ? 10   GLY A C   1 
ATOM   71   O O   . GLY A 1 10  ? -16.303 -2.785  -1.374  1.00 31.40 ? 10   GLY A O   1 
ATOM   72   N N   . ALA A 1 11  ? -17.273 -2.925  -3.392  1.00 31.38 ? 11   ALA A N   1 
ATOM   73   C CA  . ALA A 1 11  ? -17.449 -4.371  -3.298  1.00 32.58 ? 11   ALA A CA  1 
ATOM   74   C C   . ALA A 1 11  ? -16.214 -5.088  -3.829  1.00 34.10 ? 11   ALA A C   1 
ATOM   75   O O   . ALA A 1 11  ? -16.298 -6.213  -4.324  1.00 37.18 ? 11   ALA A O   1 
ATOM   76   C CB  . ALA A 1 11  ? -18.680 -4.790  -4.092  1.00 31.44 ? 11   ALA A CB  1 
ATOM   77   N N   . THR A 1 12  ? -15.066 -4.433  -3.701  1.00 33.99 ? 12   THR A N   1 
ATOM   78   C CA  . THR A 1 12  ? -13.798 -4.956  -4.185  1.00 33.36 ? 12   THR A CA  1 
ATOM   79   C C   . THR A 1 12  ? -13.000 -5.671  -3.093  1.00 32.47 ? 12   THR A C   1 
ATOM   80   O O   . THR A 1 12  ? -12.715 -5.086  -2.042  1.00 32.93 ? 12   THR A O   1 
ATOM   81   C CB  . THR A 1 12  ? -12.944 -3.774  -4.792  1.00 35.57 ? 12   THR A CB  1 
ATOM   82   O OG1 . THR A 1 12  ? -12.762 -3.982  -6.203  1.00 37.25 ? 12   THR A OG1 1 
ATOM   83   C CG2 . THR A 1 12  ? -11.578 -3.644  -4.102  1.00 34.38 ? 12   THR A CG2 1 
ATOM   84   N N   . ASN A 1 13  ? -12.658 -6.938  -3.333  1.00 30.08 ? 13   ASN A N   1 
ATOM   85   C CA  . ASN A 1 13  ? -11.852 -7.699  -2.380  1.00 28.80 ? 13   ASN A CA  1 
ATOM   86   C C   . ASN A 1 13  ? -10.413 -7.497  -2.785  1.00 27.89 ? 13   ASN A C   1 
ATOM   87   O O   . ASN A 1 13  ? -10.085 -7.607  -3.969  1.00 28.66 ? 13   ASN A O   1 
ATOM   88   C CB  . ASN A 1 13  ? -12.114 -9.202  -2.455  1.00 27.85 ? 13   ASN A CB  1 
ATOM   89   C CG  . ASN A 1 13  ? -13.507 -9.584  -2.030  1.00 28.64 ? 13   ASN A CG  1 
ATOM   90   O OD1 . ASN A 1 13  ? -14.013 -9.137  -0.991  1.00 25.63 ? 13   ASN A OD1 1 
ATOM   91   N ND2 . ASN A 1 13  ? -14.134 -10.443 -2.822  1.00 29.76 ? 13   ASN A ND2 1 
ATOM   92   N N   . LEU A 1 14  ? -9.555  -7.207  -1.819  1.00 25.86 ? 14   LEU A N   1 
ATOM   93   C CA  . LEU A 1 14  ? -8.144  -7.035  -2.117  1.00 24.09 ? 14   LEU A CA  1 
ATOM   94   C C   . LEU A 1 14  ? -7.518  -8.442  -2.171  1.00 23.48 ? 14   LEU A C   1 
ATOM   95   O O   . LEU A 1 14  ? -8.044  -9.385  -1.574  1.00 22.49 ? 14   LEU A O   1 
ATOM   96   C CB  . LEU A 1 14  ? -7.478  -6.179  -1.029  1.00 22.24 ? 14   LEU A CB  1 
ATOM   97   C CG  . LEU A 1 14  ? -8.000  -4.744  -0.870  1.00 22.17 ? 14   LEU A CG  1 
ATOM   98   C CD1 . LEU A 1 14  ? -7.236  -4.038  0.228   1.00 20.40 ? 14   LEU A CD1 1 
ATOM   99   C CD2 . LEU A 1 14  ? -7.830  -3.988  -2.176  1.00 22.43 ? 14   LEU A CD2 1 
ATOM   100  N N   . LEU A 1 15  ? -6.415  -8.583  -2.903  1.00 22.26 ? 15   LEU A N   1 
ATOM   101  C CA  . LEU A 1 15  ? -5.730  -9.865  -3.018  1.00 23.58 ? 15   LEU A CA  1 
ATOM   102  C C   . LEU A 1 15  ? -4.829  -10.082 -1.817  1.00 25.45 ? 15   LEU A C   1 
ATOM   103  O O   . LEU A 1 15  ? -4.427  -9.128  -1.153  1.00 25.93 ? 15   LEU A O   1 
ATOM   104  C CB  . LEU A 1 15  ? -4.862  -9.908  -4.275  1.00 22.72 ? 15   LEU A CB  1 
ATOM   105  C CG  . LEU A 1 15  ? -5.556  -9.714  -5.616  1.00 21.14 ? 15   LEU A CG  1 
ATOM   106  C CD1 . LEU A 1 15  ? -4.536  -9.807  -6.737  1.00 20.49 ? 15   LEU A CD1 1 
ATOM   107  C CD2 . LEU A 1 15  ? -6.626  -10.774 -5.774  1.00 20.84 ? 15   LEU A CD2 1 
ATOM   108  N N   . SER A 1 16  ? -4.508  -11.344 -1.555  1.00 27.84 ? 16   SER A N   1 
ATOM   109  C CA  . SER A 1 16  ? -3.627  -11.711 -0.451  1.00 29.73 ? 16   SER A CA  1 
ATOM   110  C C   . SER A 1 16  ? -3.138  -13.153 -0.580  1.00 30.71 ? 16   SER A C   1 
ATOM   111  O O   . SER A 1 16  ? -3.681  -13.929 -1.362  1.00 31.38 ? 16   SER A O   1 
ATOM   112  C CB  . SER A 1 16  ? -4.333  -11.535 0.882   1.00 29.05 ? 16   SER A CB  1 
ATOM   113  O OG  . SER A 1 16  ? -3.519  -12.064 1.901   1.00 30.95 ? 16   SER A OG  1 
ATOM   114  N N   . LYS A 1 17  ? -2.110  -13.502 0.188   1.00 31.89 ? 17   LYS A N   1 
ATOM   115  C CA  . LYS A 1 17  ? -1.541  -14.853 0.157   1.00 32.24 ? 17   LYS A CA  1 
ATOM   116  C C   . LYS A 1 17  ? -2.468  -15.842 0.853   1.00 31.83 ? 17   LYS A C   1 
ATOM   117  O O   . LYS A 1 17  ? -2.463  -17.035 0.549   1.00 32.14 ? 17   LYS A O   1 
ATOM   118  C CB  . LYS A 1 17  ? -0.181  -14.874 0.864   1.00 34.21 ? 17   LYS A CB  1 
ATOM   119  C CG  . LYS A 1 17  ? 0.449   -13.497 1.113   1.00 34.49 ? 17   LYS A CG  1 
ATOM   120  C CD  . LYS A 1 17  ? 0.677   -12.736 -0.183  1.00 36.42 ? 17   LYS A CD  1 
ATOM   121  C CE  . LYS A 1 17  ? 1.611   -13.499 -1.112  1.00 37.99 ? 17   LYS A CE  1 
ATOM   122  N NZ  . LYS A 1 17  ? 1.691   -12.858 -2.457  1.00 36.06 ? 17   LYS A NZ  1 
ATOM   123  N N   . SER A 1 18  ? -3.258  -15.335 1.799   1.00 31.85 ? 18   SER A N   1 
ATOM   124  C CA  . SER A 1 18  ? -4.188  -16.162 2.554   1.00 30.52 ? 18   SER A CA  1 
ATOM   125  C C   . SER A 1 18  ? -5.644  -15.804 2.268   1.00 30.19 ? 18   SER A C   1 
ATOM   126  O O   . SER A 1 18  ? -6.439  -15.606 3.193   1.00 30.47 ? 18   SER A O   1 
ATOM   127  C CB  . SER A 1 18  ? -3.906  -16.030 4.055   1.00 30.97 ? 18   SER A CB  1 
ATOM   128  O OG  . SER A 1 18  ? -4.068  -14.694 4.503   1.00 32.17 ? 18   SER A OG  1 
ATOM   129  N N   . GLY A 1 19  ? -5.982  -15.718 0.982   1.00 29.76 ? 19   GLY A N   1 
ATOM   130  C CA  . GLY A 1 19  ? -7.343  -15.406 0.576   1.00 28.45 ? 19   GLY A CA  1 
ATOM   131  C C   . GLY A 1 19  ? -7.665  -13.933 0.422   1.00 28.23 ? 19   GLY A C   1 
ATOM   132  O O   . GLY A 1 19  ? -6.960  -13.064 0.942   1.00 27.37 ? 19   GLY A O   1 
ATOM   133  N N   . GLU A 1 20  ? -8.747  -13.650 -0.296  1.00 27.77 ? 20   GLU A N   1 
ATOM   134  C CA  . GLU A 1 20  ? -9.164  -12.273 -0.509  1.00 27.57 ? 20   GLU A CA  1 
ATOM   135  C C   . GLU A 1 20  ? -9.772  -11.666 0.750   1.00 27.52 ? 20   GLU A C   1 
ATOM   136  O O   . GLU A 1 20  ? -10.687 -12.240 1.350   1.00 27.44 ? 20   GLU A O   1 
ATOM   137  C CB  . GLU A 1 20  ? -10.180 -12.205 -1.635  1.00 26.95 ? 20   GLU A CB  1 
ATOM   138  C CG  . GLU A 1 20  ? -9.683  -12.777 -2.936  1.00 29.42 ? 20   GLU A CG  1 
ATOM   139  C CD  . GLU A 1 20  ? -10.696 -12.596 -4.055  1.00 30.96 ? 20   GLU A CD  1 
ATOM   140  O OE1 . GLU A 1 20  ? -11.925 -12.631 -3.778  1.00 30.96 ? 20   GLU A OE1 1 
ATOM   141  O OE2 . GLU A 1 20  ? -10.258 -12.430 -5.210  1.00 30.68 ? 20   GLU A OE2 1 
ATOM   142  N N   . VAL A 1 21  ? -9.261  -10.505 1.151   1.00 26.72 ? 21   VAL A N   1 
ATOM   143  C CA  . VAL A 1 21  ? -9.777  -9.825  2.331   1.00 26.66 ? 21   VAL A CA  1 
ATOM   144  C C   . VAL A 1 21  ? -10.656 -8.673  1.865   1.00 25.68 ? 21   VAL A C   1 
ATOM   145  O O   . VAL A 1 21  ? -10.407 -8.080  0.815   1.00 26.79 ? 21   VAL A O   1 
ATOM   146  C CB  . VAL A 1 21  ? -8.631  -9.270  3.218   1.00 27.51 ? 21   VAL A CB  1 
ATOM   147  C CG1 . VAL A 1 21  ? -7.581  -10.337 3.426   1.00 27.32 ? 21   VAL A CG1 1 
ATOM   148  C CG2 . VAL A 1 21  ? -8.020  -8.017  2.596   1.00 27.96 ? 21   VAL A CG2 1 
ATOM   149  N N   . SER A 1 22  ? -11.694 -8.360  2.630   1.00 24.77 ? 22   SER A N   1 
ATOM   150  C CA  . SER A 1 22  ? -12.576 -7.264  2.253   1.00 23.82 ? 22   SER A CA  1 
ATOM   151  C C   . SER A 1 22  ? -11.997 -5.952  2.790   1.00 21.83 ? 22   SER A C   1 
ATOM   152  O O   . SER A 1 22  ? -11.083 -5.967  3.625   1.00 21.04 ? 22   SER A O   1 
ATOM   153  C CB  . SER A 1 22  ? -13.983 -7.489  2.827   1.00 24.07 ? 22   SER A CB  1 
ATOM   154  O OG  . SER A 1 22  ? -14.052 -7.088  4.186   1.00 25.00 ? 22   SER A OG  1 
ATOM   155  N N   . LEU A 1 23  ? -12.518 -4.827  2.301   1.00 19.45 ? 23   LEU A N   1 
ATOM   156  C CA  . LEU A 1 23  ? -12.062 -3.516  2.758   1.00 18.92 ? 23   LEU A CA  1 
ATOM   157  C C   . LEU A 1 23  ? -12.415 -3.362  4.225   1.00 18.68 ? 23   LEU A C   1 
ATOM   158  O O   . LEU A 1 23  ? -11.646 -2.810  5.012   1.00 18.76 ? 23   LEU A O   1 
ATOM   159  C CB  . LEU A 1 23  ? -12.745 -2.386  1.984   1.00 17.04 ? 23   LEU A CB  1 
ATOM   160  C CG  . LEU A 1 23  ? -12.433 -2.193  0.510   1.00 17.18 ? 23   LEU A CG  1 
ATOM   161  C CD1 . LEU A 1 23  ? -12.874 -0.785  0.095   1.00 17.64 ? 23   LEU A CD1 1 
ATOM   162  C CD2 . LEU A 1 23  ? -10.948 -2.369  0.272   1.00 17.04 ? 23   LEU A CD2 1 
ATOM   163  N N   . GLY A 1 24  ? -13.597 -3.853  4.579   1.00 18.53 ? 24   GLY A N   1 
ATOM   164  C CA  . GLY A 1 24  ? -14.059 -3.758  5.947   1.00 18.56 ? 24   GLY A CA  1 
ATOM   165  C C   . GLY A 1 24  ? -13.159 -4.445  6.947   1.00 18.43 ? 24   GLY A C   1 
ATOM   166  O O   . GLY A 1 24  ? -13.048 -3.999  8.081   1.00 18.86 ? 24   GLY A O   1 
ATOM   167  N N   . SER A 1 25  ? -12.494 -5.518  6.536   1.00 19.26 ? 25   SER A N   1 
ATOM   168  C CA  . SER A 1 25  ? -11.625 -6.248  7.452   1.00 19.95 ? 25   SER A CA  1 
ATOM   169  C C   . SER A 1 25  ? -10.445 -5.422  7.943   1.00 19.64 ? 25   SER A C   1 
ATOM   170  O O   . SER A 1 25  ? -9.778  -5.816  8.900   1.00 21.36 ? 25   SER A O   1 
ATOM   171  C CB  . SER A 1 25  ? -11.101 -7.523  6.792   1.00 20.62 ? 25   SER A CB  1 
ATOM   172  O OG  . SER A 1 25  ? -10.171 -7.209  5.768   1.00 22.69 ? 25   SER A OG  1 
ATOM   173  N N   . LEU A 1 26  ? -10.192 -4.286  7.296   1.00 18.53 ? 26   LEU A N   1 
ATOM   174  C CA  . LEU A 1 26  ? -9.078  -3.409  7.675   1.00 19.53 ? 26   LEU A CA  1 
ATOM   175  C C   . LEU A 1 26  ? -9.479  -2.318  8.684   1.00 18.76 ? 26   LEU A C   1 
ATOM   176  O O   . LEU A 1 26  ? -8.673  -1.463  9.056   1.00 17.65 ? 26   LEU A O   1 
ATOM   177  C CB  . LEU A 1 26  ? -8.477  -2.763  6.422   1.00 19.62 ? 26   LEU A CB  1 
ATOM   178  C CG  . LEU A 1 26  ? -7.944  -3.759  5.384   1.00 19.94 ? 26   LEU A CG  1 
ATOM   179  C CD1 . LEU A 1 26  ? -7.675  -3.048  4.075   1.00 20.08 ? 26   LEU A CD1 1 
ATOM   180  C CD2 . LEU A 1 26  ? -6.689  -4.433  5.912   1.00 20.43 ? 26   LEU A CD2 1 
ATOM   181  N N   . VAL A 1 27  ? -10.729 -2.362  9.126   1.00 18.35 ? 27   VAL A N   1 
ATOM   182  C CA  . VAL A 1 27  ? -11.242 -1.399  10.092  1.00 18.89 ? 27   VAL A CA  1 
ATOM   183  C C   . VAL A 1 27  ? -10.301 -1.259  11.282  1.00 17.42 ? 27   VAL A C   1 
ATOM   184  O O   . VAL A 1 27  ? -9.844  -2.249  11.844  1.00 16.24 ? 27   VAL A O   1 
ATOM   185  C CB  . VAL A 1 27  ? -12.620 -1.830  10.619  1.00 19.91 ? 27   VAL A CB  1 
ATOM   186  C CG1 . VAL A 1 27  ? -12.518 -3.206  11.265  1.00 19.24 ? 27   VAL A CG1 1 
ATOM   187  C CG2 . VAL A 1 27  ? -13.137 -0.801  11.619  1.00 20.95 ? 27   VAL A CG2 1 
ATOM   188  N N   . GLY A 1 28  ? -10.015 -0.021  11.662  1.00 17.60 ? 28   GLY A N   1 
ATOM   189  C CA  . GLY A 1 28  ? -9.142  0.216   12.795  1.00 18.58 ? 28   GLY A CA  1 
ATOM   190  C C   . GLY A 1 28  ? -7.661  0.283   12.474  1.00 19.71 ? 28   GLY A C   1 
ATOM   191  O O   . GLY A 1 28  ? -6.879  0.798   13.273  1.00 21.47 ? 28   GLY A O   1 
ATOM   192  N N   . LYS A 1 29  ? -7.265  -0.228  11.315  1.00 19.93 ? 29   LYS A N   1 
ATOM   193  C CA  . LYS A 1 29  ? -5.854  -0.212  10.935  1.00 19.34 ? 29   LYS A CA  1 
ATOM   194  C C   . LYS A 1 29  ? -5.438  1.047   10.186  1.00 18.53 ? 29   LYS A C   1 
ATOM   195  O O   . LYS A 1 29  ? -6.285  1.821   9.717   1.00 16.70 ? 29   LYS A O   1 
ATOM   196  C CB  . LYS A 1 29  ? -5.524  -1.413  10.042  1.00 19.30 ? 29   LYS A CB  1 
ATOM   197  C CG  . LYS A 1 29  ? -5.542  -2.784  10.722  1.00 19.09 ? 29   LYS A CG  1 
ATOM   198  C CD  . LYS A 1 29  ? -5.226  -3.869  9.693   1.00 18.62 ? 29   LYS A CD  1 
ATOM   199  C CE  . LYS A 1 29  ? -4.925  -5.224  10.326  1.00 17.82 ? 29   LYS A CE  1 
ATOM   200  N NZ  . LYS A 1 29  ? -5.975  -5.664  11.272  1.00 20.46 ? 29   LYS A NZ  1 
ATOM   201  N N   . THR A 1 30  ? -4.121  1.245   10.109  1.00 17.97 ? 30   THR A N   1 
ATOM   202  C CA  . THR A 1 30  ? -3.522  2.338   9.354   1.00 16.25 ? 30   THR A CA  1 
ATOM   203  C C   . THR A 1 30  ? -3.125  1.609   8.075   1.00 15.71 ? 30   THR A C   1 
ATOM   204  O O   . THR A 1 30  ? -2.488  0.559   8.124   1.00 16.19 ? 30   THR A O   1 
ATOM   205  C CB  . THR A 1 30  ? -2.234  2.906   10.014  1.00 16.60 ? 30   THR A CB  1 
ATOM   206  O OG1 . THR A 1 30  ? -2.580  3.721   11.143  1.00 17.88 ? 30   THR A OG1 1 
ATOM   207  C CG2 . THR A 1 30  ? -1.465  3.758   9.019   1.00 10.92 ? 30   THR A CG2 1 
ATOM   208  N N   . VAL A 1 31  ? -3.508  2.143   6.929   1.00 15.48 ? 31   VAL A N   1 
ATOM   209  C CA  . VAL A 1 31  ? -3.184  1.476   5.683   1.00 13.58 ? 31   VAL A CA  1 
ATOM   210  C C   . VAL A 1 31  ? -2.225  2.264   4.810   1.00 13.87 ? 31   VAL A C   1 
ATOM   211  O O   . VAL A 1 31  ? -2.387  3.465   4.611   1.00 12.60 ? 31   VAL A O   1 
ATOM   212  C CB  . VAL A 1 31  ? -4.466  1.165   4.879   1.00 12.03 ? 31   VAL A CB  1 
ATOM   213  C CG1 . VAL A 1 31  ? -4.109  0.686   3.490   1.00 11.18 ? 31   VAL A CG1 1 
ATOM   214  C CG2 . VAL A 1 31  ? -5.285  0.110   5.607   1.00 11.27 ? 31   VAL A CG2 1 
ATOM   215  N N   . PHE A 1 32  ? -1.221  1.564   4.296   1.00 12.98 ? 32   PHE A N   1 
ATOM   216  C CA  . PHE A 1 32  ? -0.226  2.154   3.412   1.00 12.93 ? 32   PHE A CA  1 
ATOM   217  C C   . PHE A 1 32  ? -0.525  1.698   1.994   1.00 13.11 ? 32   PHE A C   1 
ATOM   218  O O   . PHE A 1 32  ? -0.619  0.498   1.739   1.00 13.26 ? 32   PHE A O   1 
ATOM   219  C CB  . PHE A 1 32  ? 1.182   1.668   3.774   1.00 12.53 ? 32   PHE A CB  1 
ATOM   220  C CG  . PHE A 1 32  ? 1.732   2.247   5.044   1.00 10.50 ? 32   PHE A CG  1 
ATOM   221  C CD1 . PHE A 1 32  ? 2.139   3.574   5.099   1.00 10.10 ? 32   PHE A CD1 1 
ATOM   222  C CD2 . PHE A 1 32  ? 1.886   1.454   6.174   1.00 10.67 ? 32   PHE A CD2 1 
ATOM   223  C CE1 . PHE A 1 32  ? 2.695   4.098   6.258   1.00 8.54  ? 32   PHE A CE1 1 
ATOM   224  C CE2 . PHE A 1 32  ? 2.441   1.971   7.344   1.00 8.27  ? 32   PHE A CE2 1 
ATOM   225  C CZ  . PHE A 1 32  ? 2.848   3.292   7.385   1.00 8.98  ? 32   PHE A CZ  1 
ATOM   226  N N   . LEU A 1 33  ? -0.710  2.641   1.078   1.00 12.92 ? 33   LEU A N   1 
ATOM   227  C CA  . LEU A 1 33  ? -0.924  2.272   -0.312  1.00 13.25 ? 33   LEU A CA  1 
ATOM   228  C C   . LEU A 1 33  ? 0.490   2.309   -0.871  1.00 12.72 ? 33   LEU A C   1 
ATOM   229  O O   . LEU A 1 33  ? 1.135   3.354   -0.848  1.00 13.65 ? 33   LEU A O   1 
ATOM   230  C CB  . LEU A 1 33  ? -1.786  3.302   -1.045  1.00 14.46 ? 33   LEU A CB  1 
ATOM   231  C CG  . LEU A 1 33  ? -3.205  3.586   -0.546  1.00 13.86 ? 33   LEU A CG  1 
ATOM   232  C CD1 . LEU A 1 33  ? -3.893  4.528   -1.523  1.00 13.10 ? 33   LEU A CD1 1 
ATOM   233  C CD2 . LEU A 1 33  ? -3.987  2.293   -0.424  1.00 14.40 ? 33   LEU A CD2 1 
ATOM   234  N N   . TYR A 1 34  ? 0.987   1.173   -1.336  1.00 11.86 ? 34   TYR A N   1 
ATOM   235  C CA  . TYR A 1 34  ? 2.331   1.123   -1.888  1.00 11.00 ? 34   TYR A CA  1 
ATOM   236  C C   . TYR A 1 34  ? 2.315   1.136   -3.413  1.00 10.56 ? 34   TYR A C   1 
ATOM   237  O O   . TYR A 1 34  ? 1.884   0.178   -4.052  1.00 11.61 ? 34   TYR A O   1 
ATOM   238  C CB  . TYR A 1 34  ? 3.074   -0.117  -1.371  1.00 9.86  ? 34   TYR A CB  1 
ATOM   239  C CG  . TYR A 1 34  ? 4.516   -0.213  -1.826  1.00 10.96 ? 34   TYR A CG  1 
ATOM   240  C CD1 . TYR A 1 34  ? 5.305   0.930   -1.968  1.00 11.22 ? 34   TYR A CD1 1 
ATOM   241  C CD2 . TYR A 1 34  ? 5.098   -1.449  -2.103  1.00 12.43 ? 34   TYR A CD2 1 
ATOM   242  C CE1 . TYR A 1 34  ? 6.632   0.843   -2.376  1.00 11.55 ? 34   TYR A CE1 1 
ATOM   243  C CE2 . TYR A 1 34  ? 6.423   -1.550  -2.511  1.00 11.18 ? 34   TYR A CE2 1 
ATOM   244  C CZ  . TYR A 1 34  ? 7.185   -0.401  -2.646  1.00 12.17 ? 34   TYR A CZ  1 
ATOM   245  O OH  . TYR A 1 34  ? 8.494   -0.500  -3.055  1.00 12.10 ? 34   TYR A OH  1 
ATOM   246  N N   . PHE A 1 35  ? 2.784   2.236   -3.990  1.00 11.04 ? 35   PHE A N   1 
ATOM   247  C CA  . PHE A 1 35  ? 2.838   2.382   -5.437  1.00 12.57 ? 35   PHE A CA  1 
ATOM   248  C C   . PHE A 1 35  ? 4.204   1.929   -5.941  1.00 13.16 ? 35   PHE A C   1 
ATOM   249  O O   . PHE A 1 35  ? 5.192   2.656   -5.823  1.00 12.14 ? 35   PHE A O   1 
ATOM   250  C CB  . PHE A 1 35  ? 2.597   3.842   -5.837  1.00 13.57 ? 35   PHE A CB  1 
ATOM   251  C CG  . PHE A 1 35  ? 1.226   4.359   -5.474  1.00 13.95 ? 35   PHE A CG  1 
ATOM   252  C CD1 . PHE A 1 35  ? 0.867   4.556   -4.139  1.00 13.61 ? 35   PHE A CD1 1 
ATOM   253  C CD2 . PHE A 1 35  ? 0.302   4.669   -6.469  1.00 14.32 ? 35   PHE A CD2 1 
ATOM   254  C CE1 . PHE A 1 35  ? -0.388  5.052   -3.804  1.00 12.36 ? 35   PHE A CE1 1 
ATOM   255  C CE2 . PHE A 1 35  ? -0.955  5.168   -6.147  1.00 14.47 ? 35   PHE A CE2 1 
ATOM   256  C CZ  . PHE A 1 35  ? -1.302  5.361   -4.808  1.00 16.03 ? 35   PHE A CZ  1 
ATOM   257  N N   . SER A 1 36  ? 4.248   0.722   -6.501  1.00 14.32 ? 36   SER A N   1 
ATOM   258  C CA  . SER A 1 36  ? 5.488   0.152   -7.011  1.00 15.61 ? 36   SER A CA  1 
ATOM   259  C C   . SER A 1 36  ? 5.249   -0.706  -8.262  1.00 16.85 ? 36   SER A C   1 
ATOM   260  O O   . SER A 1 36  ? 4.158   -0.707  -8.829  1.00 16.09 ? 36   SER A O   1 
ATOM   261  C CB  . SER A 1 36  ? 6.147   -0.695  -5.917  1.00 15.97 ? 36   SER A CB  1 
ATOM   262  O OG  . SER A 1 36  ? 7.439   -1.122  -6.310  1.00 17.68 ? 36   SER A OG  1 
ATOM   263  N N   . ALA A 1 37  ? 6.277   -1.438  -8.685  1.00 18.37 ? 37   ALA A N   1 
ATOM   264  C CA  . ALA A 1 37  ? 6.182   -2.289  -9.868  1.00 19.96 ? 37   ALA A CA  1 
ATOM   265  C C   . ALA A 1 37  ? 7.469   -3.082  -10.073 1.00 22.43 ? 37   ALA A C   1 
ATOM   266  O O   . ALA A 1 37  ? 8.497   -2.797  -9.441  1.00 22.81 ? 37   ALA A O   1 
ATOM   267  C CB  . ALA A 1 37  ? 5.920   -1.434  -11.101 1.00 18.61 ? 37   ALA A CB  1 
ATOM   268  N N   . SER A 1 38  ? 7.409   -4.083  -10.947 1.00 23.17 ? 38   SER A N   1 
ATOM   269  C CA  . SER A 1 38  ? 8.594   -4.869  -11.264 1.00 25.43 ? 38   SER A CA  1 
ATOM   270  C C   . SER A 1 38  ? 9.336   -3.987  -12.251 1.00 25.99 ? 38   SER A C   1 
ATOM   271  O O   . SER A 1 38  ? 8.748   -3.084  -12.853 1.00 26.50 ? 38   SER A O   1 
ATOM   272  C CB  . SER A 1 38  ? 8.236   -6.172  -11.986 1.00 26.26 ? 38   SER A CB  1 
ATOM   273  O OG  . SER A 1 38  ? 7.155   -6.849  -11.377 1.00 28.24 ? 38   SER A OG  1 
ATOM   274  N N   . TRP A 1 39  ? 10.624  -4.240  -12.421 1.00 27.29 ? 39   TRP A N   1 
ATOM   275  C CA  . TRP A 1 39  ? 11.414  -3.477  -13.380 1.00 27.30 ? 39   TRP A CA  1 
ATOM   276  C C   . TRP A 1 39  ? 11.550  -2.004  -13.003 1.00 25.31 ? 39   TRP A C   1 
ATOM   277  O O   . TRP A 1 39  ? 11.636  -1.129  -13.864 1.00 25.30 ? 39   TRP A O   1 
ATOM   278  C CB  . TRP A 1 39  ? 10.792  -3.609  -14.773 1.00 31.93 ? 39   TRP A CB  1 
ATOM   279  C CG  . TRP A 1 39  ? 10.441  -5.035  -15.138 1.00 36.87 ? 39   TRP A CG  1 
ATOM   280  C CD1 . TRP A 1 39  ? 9.199   -5.522  -15.458 1.00 38.49 ? 39   TRP A CD1 1 
ATOM   281  C CD2 . TRP A 1 39  ? 11.339  -6.151  -15.204 1.00 37.77 ? 39   TRP A CD2 1 
ATOM   282  N NE1 . TRP A 1 39  ? 9.273   -6.874  -15.719 1.00 40.37 ? 39   TRP A NE1 1 
ATOM   283  C CE2 . TRP A 1 39  ? 10.574  -7.283  -15.571 1.00 39.37 ? 39   TRP A CE2 1 
ATOM   284  C CE3 . TRP A 1 39  ? 12.714  -6.303  -14.990 1.00 39.41 ? 39   TRP A CE3 1 
ATOM   285  C CZ2 . TRP A 1 39  ? 11.143  -8.557  -15.728 1.00 40.86 ? 39   TRP A CZ2 1 
ATOM   286  C CZ3 . TRP A 1 39  ? 13.278  -7.574  -15.147 1.00 41.10 ? 39   TRP A CZ3 1 
ATOM   287  C CH2 . TRP A 1 39  ? 12.492  -8.680  -15.512 1.00 40.68 ? 39   TRP A CH2 1 
ATOM   288  N N   . CYS A 1 40  ? 11.556  -1.728  -11.710 1.00 22.45 ? 40   CYS A N   1 
ATOM   289  C CA  . CYS A 1 40  ? 11.726  -0.365  -11.245 1.00 20.53 ? 40   CYS A CA  1 
ATOM   290  C C   . CYS A 1 40  ? 12.886  -0.433  -10.252 1.00 18.80 ? 40   CYS A C   1 
ATOM   291  O O   . CYS A 1 40  ? 12.717  -0.860  -9.111  1.00 19.63 ? 40   CYS A O   1 
ATOM   292  C CB  . CYS A 1 40  ? 10.417  0.152   -10.616 1.00 19.23 ? 40   CYS A CB  1 
ATOM   293  S SG  . CYS A 1 40  ? 10.618  1.429   -9.331  1.00 18.11 ? 40   CYS A SG  1 
ATOM   294  N N   . PRO A 1 41  ? 14.096  -0.047  -10.700 1.00 18.54 ? 41   PRO A N   1 
ATOM   295  C CA  . PRO A 1 41  ? 15.323  -0.052  -9.893  1.00 18.56 ? 41   PRO A CA  1 
ATOM   296  C C   . PRO A 1 41  ? 15.220  0.415   -8.434  1.00 18.00 ? 41   PRO A C   1 
ATOM   297  O O   . PRO A 1 41  ? 15.552  -0.349  -7.523  1.00 19.34 ? 41   PRO A O   1 
ATOM   298  C CB  . PRO A 1 41  ? 16.284  0.787   -10.738 1.00 18.97 ? 41   PRO A CB  1 
ATOM   299  C CG  . PRO A 1 41  ? 15.900  0.379   -12.134 1.00 15.80 ? 41   PRO A CG  1 
ATOM   300  C CD  . PRO A 1 41  ? 14.384  0.404   -12.077 1.00 17.51 ? 41   PRO A CD  1 
ATOM   301  N N   . PRO A 1 42  ? 14.767  1.662   -8.185  1.00 17.24 ? 42   PRO A N   1 
ATOM   302  C CA  . PRO A 1 42  ? 14.659  2.125   -6.795  1.00 16.66 ? 42   PRO A CA  1 
ATOM   303  C C   . PRO A 1 42  ? 13.591  1.376   -6.000  1.00 17.70 ? 42   PRO A C   1 
ATOM   304  O O   . PRO A 1 42  ? 13.610  1.381   -4.768  1.00 16.14 ? 42   PRO A O   1 
ATOM   305  C CB  . PRO A 1 42  ? 14.340  3.611   -6.946  1.00 16.41 ? 42   PRO A CB  1 
ATOM   306  C CG  . PRO A 1 42  ? 13.550  3.645   -8.217  1.00 19.26 ? 42   PRO A CG  1 
ATOM   307  C CD  . PRO A 1 42  ? 14.346  2.723   -9.120  1.00 17.58 ? 42   PRO A CD  1 
ATOM   308  N N   . CYS A 1 43  ? 12.648  0.750   -6.701  1.00 16.99 ? 43   CYS A N   1 
ATOM   309  C CA  . CYS A 1 43  ? 11.612  -0.021  -6.030  1.00 16.17 ? 43   CYS A CA  1 
ATOM   310  C C   . CYS A 1 43  ? 12.286  -1.219  -5.380  1.00 16.38 ? 43   CYS A C   1 
ATOM   311  O O   . CYS A 1 43  ? 11.993  -1.559  -4.239  1.00 15.60 ? 43   CYS A O   1 
ATOM   312  C CB  . CYS A 1 43  ? 10.573  -0.531  -7.018  1.00 16.17 ? 43   CYS A CB  1 
ATOM   313  S SG  . CYS A 1 43  ? 9.499   0.712   -7.799  1.00 17.59 ? 43   CYS A SG  1 
ATOM   314  N N   . ARG A 1 44  ? 13.189  -1.860  -6.124  1.00 17.61 ? 44   ARG A N   1 
ATOM   315  C CA  . ARG A 1 44  ? 13.919  -3.026  -5.626  1.00 18.47 ? 44   ARG A CA  1 
ATOM   316  C C   . ARG A 1 44  ? 14.646  -2.682  -4.343  1.00 18.59 ? 44   ARG A C   1 
ATOM   317  O O   . ARG A 1 44  ? 14.770  -3.511  -3.449  1.00 18.86 ? 44   ARG A O   1 
ATOM   318  C CB  . ARG A 1 44  ? 14.962  -3.510  -6.637  1.00 19.38 ? 44   ARG A CB  1 
ATOM   319  C CG  . ARG A 1 44  ? 14.402  -3.958  -7.963  1.00 23.04 ? 44   ARG A CG  1 
ATOM   320  C CD  . ARG A 1 44  ? 15.220  -5.093  -8.557  1.00 23.56 ? 44   ARG A CD  1 
ATOM   321  N NE  . ARG A 1 44  ? 14.724  -5.440  -9.884  1.00 26.79 ? 44   ARG A NE  1 
ATOM   322  C CZ  . ARG A 1 44  ? 15.135  -4.852  -11.003 1.00 27.45 ? 44   ARG A CZ  1 
ATOM   323  N NH1 . ARG A 1 44  ? 16.060  -3.901  -10.948 1.00 24.38 ? 44   ARG A NH1 1 
ATOM   324  N NH2 . ARG A 1 44  ? 14.598  -5.192  -12.169 1.00 28.08 ? 44   ARG A NH2 1 
ATOM   325  N N   . GLY A 1 45  ? 15.142  -1.455  -4.270  1.00 18.35 ? 45   GLY A N   1 
ATOM   326  C CA  . GLY A 1 45  ? 15.862  -1.033  -3.090  1.00 18.50 ? 45   GLY A CA  1 
ATOM   327  C C   . GLY A 1 45  ? 14.930  -0.719  -1.940  1.00 18.87 ? 45   GLY A C   1 
ATOM   328  O O   . GLY A 1 45  ? 15.300  -0.887  -0.779  1.00 19.61 ? 45   GLY A O   1 
ATOM   329  N N   . PHE A 1 46  ? 13.712  -0.281  -2.246  1.00 17.45 ? 46   PHE A N   1 
ATOM   330  C CA  . PHE A 1 46  ? 12.777  0.078   -1.185  1.00 16.97 ? 46   PHE A CA  1 
ATOM   331  C C   . PHE A 1 46  ? 11.876  -1.025  -0.660  1.00 16.16 ? 46   PHE A C   1 
ATOM   332  O O   . PHE A 1 46  ? 11.577  -1.066  0.533   1.00 16.49 ? 46   PHE A O   1 
ATOM   333  C CB  . PHE A 1 46  ? 11.892  1.236   -1.617  1.00 16.26 ? 46   PHE A CB  1 
ATOM   334  C CG  . PHE A 1 46  ? 11.029  1.761   -0.511  1.00 14.47 ? 46   PHE A CG  1 
ATOM   335  C CD1 . PHE A 1 46  ? 11.598  2.450   0.553   1.00 11.27 ? 46   PHE A CD1 1 
ATOM   336  C CD2 . PHE A 1 46  ? 9.661   1.528   -0.507  1.00 11.77 ? 46   PHE A CD2 1 
ATOM   337  C CE1 . PHE A 1 46  ? 10.821  2.898   1.609   1.00 12.94 ? 46   PHE A CE1 1 
ATOM   338  C CE2 . PHE A 1 46  ? 8.870   1.973   0.548   1.00 12.98 ? 46   PHE A CE2 1 
ATOM   339  C CZ  . PHE A 1 46  ? 9.451   2.659   1.609   1.00 13.31 ? 46   PHE A CZ  1 
ATOM   340  N N   . THR A 1 47  ? 11.437  -1.912  -1.541  1.00 15.58 ? 47   THR A N   1 
ATOM   341  C CA  . THR A 1 47  ? 10.540  -2.994  -1.153  1.00 16.17 ? 47   THR A CA  1 
ATOM   342  C C   . THR A 1 47  ? 11.015  -3.834  0.042   1.00 17.85 ? 47   THR A C   1 
ATOM   343  O O   . THR A 1 47  ? 10.226  -4.148  0.927   1.00 17.38 ? 47   THR A O   1 
ATOM   344  C CB  . THR A 1 47  ? 10.269  -3.922  -2.350  1.00 16.12 ? 47   THR A CB  1 
ATOM   345  O OG1 . THR A 1 47  ? 9.795   -3.142  -3.457  1.00 14.95 ? 47   THR A OG1 1 
ATOM   346  C CG2 . THR A 1 47  ? 9.223   -4.966  -1.987  1.00 15.85 ? 47   THR A CG2 1 
ATOM   347  N N   . PRO A 1 48  ? 12.306  -4.211  0.083   1.00 20.25 ? 48   PRO A N   1 
ATOM   348  C CA  . PRO A 1 48  ? 12.780  -5.013  1.217   1.00 21.17 ? 48   PRO A CA  1 
ATOM   349  C C   . PRO A 1 48  ? 12.795  -4.250  2.538   1.00 22.28 ? 48   PRO A C   1 
ATOM   350  O O   . PRO A 1 48  ? 12.432  -4.809  3.571   1.00 22.77 ? 48   PRO A O   1 
ATOM   351  C CB  . PRO A 1 48  ? 14.184  -5.441  0.784   1.00 21.37 ? 48   PRO A CB  1 
ATOM   352  C CG  . PRO A 1 48  ? 14.078  -5.490  -0.711  1.00 20.83 ? 48   PRO A CG  1 
ATOM   353  C CD  . PRO A 1 48  ? 13.306  -4.214  -0.999  1.00 20.99 ? 48   PRO A CD  1 
ATOM   354  N N   . VAL A 1 49  ? 13.221  -2.988  2.516   1.00 21.74 ? 49   VAL A N   1 
ATOM   355  C CA  . VAL A 1 49  ? 13.247  -2.210  3.750   1.00 22.86 ? 49   VAL A CA  1 
ATOM   356  C C   . VAL A 1 49  ? 11.811  -2.033  4.239   1.00 22.05 ? 49   VAL A C   1 
ATOM   357  O O   . VAL A 1 49  ? 11.551  -2.000  5.444   1.00 21.64 ? 49   VAL A O   1 
ATOM   358  C CB  . VAL A 1 49  ? 13.913  -0.818  3.569   1.00 22.84 ? 49   VAL A CB  1 
ATOM   359  C CG1 . VAL A 1 49  ? 13.200  -0.022  2.523   1.00 25.13 ? 49   VAL A CG1 1 
ATOM   360  C CG2 . VAL A 1 49  ? 13.887  -0.065  4.881   1.00 23.52 ? 49   VAL A CG2 1 
ATOM   361  N N   . LEU A 1 50  ? 10.882  -1.939  3.295   1.00 21.42 ? 50   LEU A N   1 
ATOM   362  C CA  . LEU A 1 50  ? 9.475   -1.809  3.646   1.00 19.68 ? 50   LEU A CA  1 
ATOM   363  C C   . LEU A 1 50  ? 8.997   -3.133  4.229   1.00 18.35 ? 50   LEU A C   1 
ATOM   364  O O   . LEU A 1 50  ? 8.294   -3.154  5.241   1.00 18.09 ? 50   LEU A O   1 
ATOM   365  C CB  . LEU A 1 50  ? 8.627   -1.473  2.418   1.00 19.65 ? 50   LEU A CB  1 
ATOM   366  C CG  . LEU A 1 50  ? 7.117   -1.441  2.689   1.00 18.98 ? 50   LEU A CG  1 
ATOM   367  C CD1 . LEU A 1 50  ? 6.825   -0.463  3.820   1.00 19.79 ? 50   LEU A CD1 1 
ATOM   368  C CD2 . LEU A 1 50  ? 6.367   -1.036  1.424   1.00 19.84 ? 50   LEU A CD2 1 
ATOM   369  N N   . ALA A 1 51  ? 9.384   -4.230  3.580   1.00 15.25 ? 51   ALA A N   1 
ATOM   370  C CA  . ALA A 1 51  ? 8.999   -5.565  4.020   1.00 13.58 ? 51   ALA A CA  1 
ATOM   371  C C   . ALA A 1 51  ? 9.514   -5.847  5.427   1.00 14.30 ? 51   ALA A C   1 
ATOM   372  O O   . ALA A 1 51  ? 8.803   -6.417  6.252   1.00 15.59 ? 51   ALA A O   1 
ATOM   373  C CB  . ALA A 1 51  ? 9.532   -6.601  3.050   1.00 12.54 ? 51   ALA A CB  1 
ATOM   374  N N   . GLU A 1 52  ? 10.748  -5.441  5.703   1.00 14.61 ? 52   GLU A N   1 
ATOM   375  C CA  . GLU A 1 52  ? 11.340  -5.644  7.023   1.00 15.71 ? 52   GLU A CA  1 
ATOM   376  C C   . GLU A 1 52  ? 10.566  -4.834  8.067   1.00 15.84 ? 52   GLU A C   1 
ATOM   377  O O   . GLU A 1 52  ? 10.421  -5.256  9.212   1.00 16.61 ? 52   GLU A O   1 
ATOM   378  C CB  . GLU A 1 52  ? 12.803  -5.203  7.013   1.00 16.42 ? 52   GLU A CB  1 
ATOM   379  C CG  . GLU A 1 52  ? 13.518  -5.415  8.335   1.00 19.44 ? 52   GLU A CG  1 
ATOM   380  C CD  . GLU A 1 52  ? 14.964  -4.936  8.310   1.00 20.11 ? 52   GLU A CD  1 
ATOM   381  O OE1 . GLU A 1 52  ? 15.662  -5.179  7.304   1.00 18.03 ? 52   GLU A OE1 1 
ATOM   382  O OE2 . GLU A 1 52  ? 15.405  -4.323  9.309   1.00 23.29 ? 52   GLU A OE2 1 
ATOM   383  N N   . PHE A 1 53  ? 10.081  -3.665  7.661   1.00 15.32 ? 53   PHE A N   1 
ATOM   384  C CA  . PHE A 1 53  ? 9.315   -2.795  8.551   1.00 15.77 ? 53   PHE A CA  1 
ATOM   385  C C   . PHE A 1 53  ? 7.955   -3.432  8.828   1.00 14.65 ? 53   PHE A C   1 
ATOM   386  O O   . PHE A 1 53  ? 7.439   -3.366  9.937   1.00 14.95 ? 53   PHE A O   1 
ATOM   387  C CB  . PHE A 1 53  ? 9.130   -1.405  7.909   1.00 16.15 ? 53   PHE A CB  1 
ATOM   388  C CG  . PHE A 1 53  ? 8.224   -0.483  8.696   1.00 17.62 ? 53   PHE A CG  1 
ATOM   389  C CD1 . PHE A 1 53  ? 8.512   -0.164  10.023  1.00 16.85 ? 53   PHE A CD1 1 
ATOM   390  C CD2 . PHE A 1 53  ? 7.068   0.033   8.124   1.00 16.26 ? 53   PHE A CD2 1 
ATOM   391  C CE1 . PHE A 1 53  ? 7.660   0.651   10.764  1.00 16.12 ? 53   PHE A CE1 1 
ATOM   392  C CE2 . PHE A 1 53  ? 6.210   0.851   8.861   1.00 17.15 ? 53   PHE A CE2 1 
ATOM   393  C CZ  . PHE A 1 53  ? 6.510   1.160   10.188  1.00 15.80 ? 53   PHE A CZ  1 
ATOM   394  N N   . TYR A 1 54  ? 7.394   -4.068  7.808   1.00 14.00 ? 54   TYR A N   1 
ATOM   395  C CA  . TYR A 1 54  ? 6.099   -4.731  7.906   1.00 14.19 ? 54   TYR A CA  1 
ATOM   396  C C   . TYR A 1 54  ? 6.141   -5.946  8.856   1.00 13.93 ? 54   TYR A C   1 
ATOM   397  O O   . TYR A 1 54  ? 5.379   -6.021  9.816   1.00 13.72 ? 54   TYR A O   1 
ATOM   398  C CB  . TYR A 1 54  ? 5.674   -5.159  6.501   1.00 13.53 ? 54   TYR A CB  1 
ATOM   399  C CG  . TYR A 1 54  ? 4.313   -5.795  6.388   1.00 13.79 ? 54   TYR A CG  1 
ATOM   400  C CD1 . TYR A 1 54  ? 3.160   -5.020  6.232   1.00 13.80 ? 54   TYR A CD1 1 
ATOM   401  C CD2 . TYR A 1 54  ? 4.180   -7.177  6.396   1.00 13.76 ? 54   TYR A CD2 1 
ATOM   402  C CE1 . TYR A 1 54  ? 1.910   -5.623  6.082   1.00 14.46 ? 54   TYR A CE1 1 
ATOM   403  C CE2 . TYR A 1 54  ? 2.948   -7.786  6.247   1.00 14.76 ? 54   TYR A CE2 1 
ATOM   404  C CZ  . TYR A 1 54  ? 1.818   -7.014  6.091   1.00 16.05 ? 54   TYR A CZ  1 
ATOM   405  O OH  . TYR A 1 54  ? 0.605   -7.650  5.948   1.00 19.44 ? 54   TYR A OH  1 
ATOM   406  N N   . GLU A 1 55  ? 7.039   -6.889  8.592   1.00 14.94 ? 55   GLU A N   1 
ATOM   407  C CA  . GLU A 1 55  ? 7.148   -8.086  9.426   1.00 16.73 ? 55   GLU A CA  1 
ATOM   408  C C   . GLU A 1 55  ? 7.431   -7.736  10.877  1.00 15.87 ? 55   GLU A C   1 
ATOM   409  O O   . GLU A 1 55  ? 6.895   -8.354  11.794  1.00 17.21 ? 55   GLU A O   1 
ATOM   410  C CB  . GLU A 1 55  ? 8.257   -9.008  8.914   1.00 16.12 ? 55   GLU A CB  1 
ATOM   411  C CG  . GLU A 1 55  ? 8.093   -9.453  7.470   1.00 19.69 ? 55   GLU A CG  1 
ATOM   412  C CD  . GLU A 1 55  ? 6.911   -10.386 7.262   1.00 22.45 ? 55   GLU A CD  1 
ATOM   413  O OE1 . GLU A 1 55  ? 6.063   -10.497 8.178   1.00 23.28 ? 55   GLU A OE1 1 
ATOM   414  O OE2 . GLU A 1 55  ? 6.830   -11.004 6.175   1.00 23.52 ? 55   GLU A OE2 1 
ATOM   415  N N   . LYS A 1 56  ? 8.266   -6.733  11.086  1.00 15.56 ? 56   LYS A N   1 
ATOM   416  C CA  . LYS A 1 56  ? 8.621   -6.334  12.437  1.00 16.02 ? 56   LYS A CA  1 
ATOM   417  C C   . LYS A 1 56  ? 7.535   -5.606  13.219  1.00 17.04 ? 56   LYS A C   1 
ATOM   418  O O   . LYS A 1 56  ? 7.391   -5.831  14.428  1.00 18.36 ? 56   LYS A O   1 
ATOM   419  C CB  . LYS A 1 56  ? 9.863   -5.443  12.421  1.00 16.08 ? 56   LYS A CB  1 
ATOM   420  C CG  . LYS A 1 56  ? 11.194  -6.153  12.206  1.00 15.97 ? 56   LYS A CG  1 
ATOM   421  C CD  . LYS A 1 56  ? 12.347  -5.135  12.317  1.00 15.86 ? 56   LYS A CD  1 
ATOM   422  C CE  . LYS A 1 56  ? 13.716  -5.803  12.249  1.00 16.43 ? 56   LYS A CE  1 
ATOM   423  N NZ  . LYS A 1 56  ? 14.842  -4.820  12.353  1.00 16.67 ? 56   LYS A NZ  1 
ATOM   424  N N   . HIS A 1 57  ? 6.764   -4.755  12.540  1.00 15.59 ? 57   HIS A N   1 
ATOM   425  C CA  . HIS A 1 57  ? 5.766   -3.935  13.220  1.00 14.04 ? 57   HIS A CA  1 
ATOM   426  C C   . HIS A 1 57  ? 4.306   -3.919  12.768  1.00 13.88 ? 57   HIS A C   1 
ATOM   427  O O   . HIS A 1 57  ? 3.467   -3.401  13.504  1.00 12.27 ? 57   HIS A O   1 
ATOM   428  C CB  . HIS A 1 57  ? 6.240   -2.480  13.220  1.00 14.96 ? 57   HIS A CB  1 
ATOM   429  C CG  . HIS A 1 57  ? 7.664   -2.299  13.641  1.00 16.86 ? 57   HIS A CG  1 
ATOM   430  N ND1 . HIS A 1 57  ? 8.077   -2.417  14.951  1.00 16.83 ? 57   HIS A ND1 1 
ATOM   431  C CD2 . HIS A 1 57  ? 8.775   -2.019  12.918  1.00 17.87 ? 57   HIS A CD2 1 
ATOM   432  C CE1 . HIS A 1 57  ? 9.382   -2.216  15.017  1.00 18.33 ? 57   HIS A CE1 1 
ATOM   433  N NE2 . HIS A 1 57  ? 9.830   -1.974  13.798  1.00 19.46 ? 57   HIS A NE2 1 
ATOM   434  N N   . HIS A 1 58  ? 3.975   -4.450  11.593  1.00 12.95 ? 58   HIS A N   1 
ATOM   435  C CA  . HIS A 1 58  ? 2.578   -4.369  11.166  1.00 14.48 ? 58   HIS A CA  1 
ATOM   436  C C   . HIS A 1 58  ? 1.557   -4.922  12.173  1.00 14.58 ? 58   HIS A C   1 
ATOM   437  O O   . HIS A 1 58  ? 0.461   -4.385  12.297  1.00 13.61 ? 58   HIS A O   1 
ATOM   438  C CB  . HIS A 1 58  ? 2.380   -4.977  9.757   1.00 13.71 ? 58   HIS A CB  1 
ATOM   439  C CG  . HIS A 1 58  ? 2.126   -6.455  9.729   1.00 16.00 ? 58   HIS A CG  1 
ATOM   440  N ND1 . HIS A 1 58  ? 3.128   -7.391  9.861   1.00 16.35 ? 58   HIS A ND1 1 
ATOM   441  C CD2 . HIS A 1 58  ? 0.983   -7.156  9.522   1.00 15.46 ? 58   HIS A CD2 1 
ATOM   442  C CE1 . HIS A 1 58  ? 2.617   -8.604  9.732   1.00 15.26 ? 58   HIS A CE1 1 
ATOM   443  N NE2 . HIS A 1 58  ? 1.317   -8.489  9.525   1.00 16.06 ? 58   HIS A NE2 1 
ATOM   444  N N   . VAL A 1 59  ? 1.915   -5.962  12.918  1.00 15.77 ? 59   VAL A N   1 
ATOM   445  C CA  . VAL A 1 59  ? 0.978   -6.510  13.895  1.00 16.62 ? 59   VAL A CA  1 
ATOM   446  C C   . VAL A 1 59  ? 0.823   -5.588  15.099  1.00 16.51 ? 59   VAL A C   1 
ATOM   447  O O   . VAL A 1 59  ? -0.279  -5.126  15.390  1.00 17.51 ? 59   VAL A O   1 
ATOM   448  C CB  . VAL A 1 59  ? 1.414   -7.910  14.394  1.00 17.78 ? 59   VAL A CB  1 
ATOM   449  C CG1 . VAL A 1 59  ? 0.558   -8.332  15.580  1.00 16.94 ? 59   VAL A CG1 1 
ATOM   450  C CG2 . VAL A 1 59  ? 1.260   -8.932  13.263  1.00 19.66 ? 59   VAL A CG2 1 
ATOM   451  N N   . ALA A 1 60  ? 1.932   -5.323  15.789  1.00 14.76 ? 60   ALA A N   1 
ATOM   452  C CA  . ALA A 1 60  ? 1.929   -4.467  16.974  1.00 13.90 ? 60   ALA A CA  1 
ATOM   453  C C   . ALA A 1 60  ? 1.422   -3.049  16.718  1.00 12.66 ? 60   ALA A C   1 
ATOM   454  O O   . ALA A 1 60  ? 0.670   -2.510  17.519  1.00 12.84 ? 60   ALA A O   1 
ATOM   455  C CB  . ALA A 1 60  ? 3.336   -4.416  17.589  1.00 11.62 ? 60   ALA A CB  1 
ATOM   456  N N   . LYS A 1 61  ? 1.837   -2.444  15.607  1.00 13.34 ? 61   LYS A N   1 
ATOM   457  C CA  . LYS A 1 61  ? 1.423   -1.080  15.278  1.00 11.08 ? 61   LYS A CA  1 
ATOM   458  C C   . LYS A 1 61  ? 0.139   -1.035  14.457  1.00 11.31 ? 61   LYS A C   1 
ATOM   459  O O   . LYS A 1 61  ? -0.305  0.028   14.038  1.00 12.99 ? 61   LYS A O   1 
ATOM   460  C CB  . LYS A 1 61  ? 2.554   -0.334  14.561  1.00 10.59 ? 61   LYS A CB  1 
ATOM   461  C CG  . LYS A 1 61  ? 3.781   -0.113  15.442  1.00 11.90 ? 61   LYS A CG  1 
ATOM   462  C CD  . LYS A 1 61  ? 4.812   0.774   14.770  1.00 15.21 ? 61   LYS A CD  1 
ATOM   463  C CE  . LYS A 1 61  ? 6.041   0.964   15.649  1.00 15.77 ? 61   LYS A CE  1 
ATOM   464  N NZ  . LYS A 1 61  ? 5.730   1.697   16.919  1.00 20.93 ? 61   LYS A NZ  1 
ATOM   465  N N   . ASN A 1 62  ? -0.442  -2.205  14.226  1.00 10.40 ? 62   ASN A N   1 
ATOM   466  C CA  . ASN A 1 62  ? -1.713  -2.323  13.523  1.00 11.47 ? 62   ASN A CA  1 
ATOM   467  C C   . ASN A 1 62  ? -1.817  -1.609  12.162  1.00 12.74 ? 62   ASN A C   1 
ATOM   468  O O   . ASN A 1 62  ? -2.543  -0.622  12.017  1.00 10.63 ? 62   ASN A O   1 
ATOM   469  C CB  . ASN A 1 62  ? -2.817  -1.835  14.474  1.00 11.82 ? 62   ASN A CB  1 
ATOM   470  C CG  . ASN A 1 62  ? -4.196  -2.350  14.105  1.00 16.05 ? 62   ASN A CG  1 
ATOM   471  O OD1 . ASN A 1 62  ? -4.360  -3.502  13.693  1.00 17.15 ? 62   ASN A OD1 1 
ATOM   472  N ND2 . ASN A 1 62  ? -5.205  -1.499  14.275  1.00 16.43 ? 62   ASN A ND2 1 
ATOM   473  N N   . PHE A 1 63  ? -1.091  -2.103  11.163  1.00 13.21 ? 63   PHE A N   1 
ATOM   474  C CA  . PHE A 1 63  ? -1.168  -1.506  9.838   1.00 13.81 ? 63   PHE A CA  1 
ATOM   475  C C   . PHE A 1 63  ? -1.057  -2.560  8.753   1.00 14.58 ? 63   PHE A C   1 
ATOM   476  O O   . PHE A 1 63  ? -0.696  -3.700  9.022   1.00 15.80 ? 63   PHE A O   1 
ATOM   477  C CB  . PHE A 1 63  ? -0.107  -0.401  9.653   1.00 12.81 ? 63   PHE A CB  1 
ATOM   478  C CG  . PHE A 1 63  ? 1.320   -0.882  9.650   1.00 11.73 ? 63   PHE A CG  1 
ATOM   479  C CD1 . PHE A 1 63  ? 1.862   -1.500  8.528   1.00 10.41 ? 63   PHE A CD1 1 
ATOM   480  C CD2 . PHE A 1 63  ? 2.145   -0.644  10.745  1.00 11.94 ? 63   PHE A CD2 1 
ATOM   481  C CE1 . PHE A 1 63  ? 3.207   -1.865  8.492   1.00 10.09 ? 63   PHE A CE1 1 
ATOM   482  C CE2 . PHE A 1 63  ? 3.492   -1.007  10.721  1.00 12.16 ? 63   PHE A CE2 1 
ATOM   483  C CZ  . PHE A 1 63  ? 4.024   -1.618  9.589   1.00 12.51 ? 63   PHE A CZ  1 
ATOM   484  N N   . GLU A 1 64  ? -1.419  -2.181  7.534   1.00 14.02 ? 64   GLU A N   1 
ATOM   485  C CA  . GLU A 1 64  ? -1.355  -3.082  6.391   1.00 14.49 ? 64   GLU A CA  1 
ATOM   486  C C   . GLU A 1 64  ? -0.776  -2.312  5.219   1.00 14.44 ? 64   GLU A C   1 
ATOM   487  O O   . GLU A 1 64  ? -0.726  -1.080  5.222   1.00 13.85 ? 64   GLU A O   1 
ATOM   488  C CB  . GLU A 1 64  ? -2.747  -3.587  5.976   1.00 13.98 ? 64   GLU A CB  1 
ATOM   489  C CG  . GLU A 1 64  ? -3.142  -4.980  6.440   1.00 15.87 ? 64   GLU A CG  1 
ATOM   490  C CD  . GLU A 1 64  ? -2.177  -6.070  6.004   1.00 18.18 ? 64   GLU A CD  1 
ATOM   491  O OE1 . GLU A 1 64  ? -1.271  -5.803  5.185   1.00 19.84 ? 64   GLU A OE1 1 
ATOM   492  O OE2 . GLU A 1 64  ? -2.328  -7.208  6.496   1.00 18.74 ? 64   GLU A OE2 1 
ATOM   493  N N   . VAL A 1 65  ? -0.339  -3.054  4.216   1.00 13.75 ? 65   VAL A N   1 
ATOM   494  C CA  . VAL A 1 65  ? 0.199   -2.454  3.021   1.00 12.69 ? 65   VAL A CA  1 
ATOM   495  C C   . VAL A 1 65  ? -0.647  -2.993  1.883   1.00 14.11 ? 65   VAL A C   1 
ATOM   496  O O   . VAL A 1 65  ? -1.033  -4.161  1.887   1.00 13.97 ? 65   VAL A O   1 
ATOM   497  C CB  . VAL A 1 65  ? 1.671   -2.842  2.807   1.00 10.53 ? 65   VAL A CB  1 
ATOM   498  C CG1 . VAL A 1 65  ? 2.127   -2.391  1.422   1.00 10.55 ? 65   VAL A CG1 1 
ATOM   499  C CG2 . VAL A 1 65  ? 2.538   -2.193  3.882   1.00 9.68  ? 65   VAL A CG2 1 
ATOM   500  N N   . VAL A 1 66  ? -0.971  -2.123  0.936   1.00 14.85 ? 66   VAL A N   1 
ATOM   501  C CA  . VAL A 1 66  ? -1.754  -2.502  -0.223  1.00 12.98 ? 66   VAL A CA  1 
ATOM   502  C C   . VAL A 1 66  ? -0.942  -2.087  -1.430  1.00 13.81 ? 66   VAL A C   1 
ATOM   503  O O   . VAL A 1 66  ? -0.617  -0.916  -1.596  1.00 14.04 ? 66   VAL A O   1 
ATOM   504  C CB  . VAL A 1 66  ? -3.123  -1.784  -0.265  1.00 12.85 ? 66   VAL A CB  1 
ATOM   505  C CG1 . VAL A 1 66  ? -3.911  -2.249  -1.493  1.00 11.35 ? 66   VAL A CG1 1 
ATOM   506  C CG2 . VAL A 1 66  ? -3.904  -2.066  1.012   1.00 8.02  ? 66   VAL A CG2 1 
ATOM   507  N N   . LEU A 1 67  ? -0.600  -3.061  -2.263  1.00 15.63 ? 67   LEU A N   1 
ATOM   508  C CA  . LEU A 1 67  ? 0.180   -2.803  -3.457  1.00 15.91 ? 67   LEU A CA  1 
ATOM   509  C C   . LEU A 1 67  ? -0.668  -2.197  -4.556  1.00 17.03 ? 67   LEU A C   1 
ATOM   510  O O   . LEU A 1 67  ? -1.649  -2.798  -4.999  1.00 19.02 ? 67   LEU A O   1 
ATOM   511  C CB  . LEU A 1 67  ? 0.814   -4.097  -3.969  1.00 14.59 ? 67   LEU A CB  1 
ATOM   512  C CG  . LEU A 1 67  ? 1.376   -4.070  -5.395  1.00 16.57 ? 67   LEU A CG  1 
ATOM   513  C CD1 . LEU A 1 67  ? 2.380   -2.924  -5.551  1.00 14.55 ? 67   LEU A CD1 1 
ATOM   514  C CD2 . LEU A 1 67  ? 2.026   -5.415  -5.706  1.00 13.00 ? 67   LEU A CD2 1 
ATOM   515  N N   . ILE A 1 68  ? -0.296  -0.993  -4.975  1.00 16.58 ? 68   ILE A N   1 
ATOM   516  C CA  . ILE A 1 68  ? -0.977  -0.309  -6.060  1.00 17.39 ? 68   ILE A CA  1 
ATOM   517  C C   . ILE A 1 68  ? 0.051   -0.422  -7.170  1.00 17.81 ? 68   ILE A C   1 
ATOM   518  O O   . ILE A 1 68  ? 1.027   0.333   -7.225  1.00 15.93 ? 68   ILE A O   1 
ATOM   519  C CB  . ILE A 1 68  ? -1.269  1.169   -5.720  1.00 17.70 ? 68   ILE A CB  1 
ATOM   520  C CG1 . ILE A 1 68  ? -2.137  1.239   -4.461  1.00 18.63 ? 68   ILE A CG1 1 
ATOM   521  C CG2 . ILE A 1 68  ? -1.993  1.855   -6.880  1.00 18.73 ? 68   ILE A CG2 1 
ATOM   522  C CD1 . ILE A 1 68  ? -3.390  0.399   -4.523  1.00 17.72 ? 68   ILE A CD1 1 
ATOM   523  N N   . SER A 1 69  ? -0.175  -1.397  -8.037  1.00 17.56 ? 69   SER A N   1 
ATOM   524  C CA  . SER A 1 69  ? 0.739   -1.696  -9.122  1.00 20.69 ? 69   SER A CA  1 
ATOM   525  C C   . SER A 1 69  ? 0.759   -0.796  -10.349 1.00 21.45 ? 69   SER A C   1 
ATOM   526  O O   . SER A 1 69  ? -0.268  -0.268  -10.786 1.00 22.32 ? 69   SER A O   1 
ATOM   527  C CB  . SER A 1 69  ? 0.524   -3.142  -9.573  1.00 20.78 ? 69   SER A CB  1 
ATOM   528  O OG  . SER A 1 69  ? 1.330   -3.448  -10.696 1.00 23.25 ? 69   SER A OG  1 
ATOM   529  N N   . TRP A 1 70  ? 1.966   -0.637  -10.889 1.00 22.00 ? 70   TRP A N   1 
ATOM   530  C CA  . TRP A 1 70  ? 2.216   0.140   -12.097 1.00 21.59 ? 70   TRP A CA  1 
ATOM   531  C C   . TRP A 1 70  ? 2.818   -0.824  -13.122 1.00 22.09 ? 70   TRP A C   1 
ATOM   532  O O   . TRP A 1 70  ? 3.449   -0.395  -14.088 1.00 21.29 ? 70   TRP A O   1 
ATOM   533  C CB  . TRP A 1 70  ? 3.206   1.274   -11.816 1.00 18.22 ? 70   TRP A CB  1 
ATOM   534  C CG  . TRP A 1 70  ? 2.583   2.557   -11.324 1.00 16.52 ? 70   TRP A CG  1 
ATOM   535  C CD1 . TRP A 1 70  ? 1.355   2.709   -10.750 1.00 15.26 ? 70   TRP A CD1 1 
ATOM   536  C CD2 . TRP A 1 70  ? 3.195   3.856   -11.313 1.00 15.82 ? 70   TRP A CD2 1 
ATOM   537  N NE1 . TRP A 1 70  ? 1.162   4.020   -10.378 1.00 14.57 ? 70   TRP A NE1 1 
ATOM   538  C CE2 . TRP A 1 70  ? 2.277   4.746   -10.712 1.00 15.29 ? 70   TRP A CE2 1 
ATOM   539  C CE3 . TRP A 1 70  ? 4.433   4.353   -11.752 1.00 15.96 ? 70   TRP A CE3 1 
ATOM   540  C CZ2 . TRP A 1 70  ? 2.556   6.108   -10.537 1.00 14.00 ? 70   TRP A CZ2 1 
ATOM   541  C CZ3 . TRP A 1 70  ? 4.713   5.709   -11.578 1.00 16.24 ? 70   TRP A CZ3 1 
ATOM   542  C CH2 . TRP A 1 70  ? 3.775   6.570   -10.975 1.00 16.84 ? 70   TRP A CH2 1 
ATOM   543  N N   . ASP A 1 71  ? 2.635   -2.127  -12.894 1.00 23.25 ? 71   ASP A N   1 
ATOM   544  C CA  . ASP A 1 71  ? 3.165   -3.146  -13.801 1.00 24.84 ? 71   ASP A CA  1 
ATOM   545  C C   . ASP A 1 71  ? 2.464   -3.056  -15.145 1.00 26.22 ? 71   ASP A C   1 
ATOM   546  O O   . ASP A 1 71  ? 1.261   -2.789  -15.209 1.00 25.42 ? 71   ASP A O   1 
ATOM   547  C CB  . ASP A 1 71  ? 2.981   -4.549  -13.218 1.00 25.31 ? 71   ASP A CB  1 
ATOM   548  C CG  . ASP A 1 71  ? 3.934   -4.837  -12.071 1.00 25.87 ? 71   ASP A CG  1 
ATOM   549  O OD1 . ASP A 1 71  ? 5.163   -4.878  -12.307 1.00 27.21 ? 71   ASP A OD1 1 
ATOM   550  O OD2 . ASP A 1 71  ? 3.455   -5.025  -10.933 1.00 24.81 ? 71   ASP A OD2 1 
ATOM   551  N N   . GLU A 1 72  ? 3.224   -3.290  -16.213 1.00 27.22 ? 72   GLU A N   1 
ATOM   552  C CA  . GLU A 1 72  ? 2.699   -3.203  -17.574 1.00 28.92 ? 72   GLU A CA  1 
ATOM   553  C C   . GLU A 1 72  ? 1.730   -4.336  -17.914 1.00 27.62 ? 72   GLU A C   1 
ATOM   554  O O   . GLU A 1 72  ? 0.822   -4.157  -18.728 1.00 27.91 ? 72   GLU A O   1 
ATOM   555  C CB  . GLU A 1 72  ? 3.867   -3.169  -18.589 1.00 31.24 ? 72   GLU A CB  1 
ATOM   556  C CG  . GLU A 1 72  ? 5.042   -2.243  -18.161 1.00 34.55 ? 72   GLU A CG  1 
ATOM   557  C CD  . GLU A 1 72  ? 6.129   -2.053  -19.235 1.00 35.95 ? 72   GLU A CD  1 
ATOM   558  O OE1 . GLU A 1 72  ? 6.347   -2.991  -20.039 1.00 38.27 ? 72   GLU A OE1 1 
ATOM   559  O OE2 . GLU A 1 72  ? 6.775   -0.970  -19.266 1.00 34.24 ? 72   GLU A OE2 1 
ATOM   560  N N   . ASN A 1 73  ? 1.907   -5.497  -17.290 1.00 26.49 ? 73   ASN A N   1 
ATOM   561  C CA  . ASN A 1 73  ? 1.034   -6.637  -17.572 1.00 26.32 ? 73   ASN A CA  1 
ATOM   562  C C   . ASN A 1 73  ? 0.725   -7.483  -16.347 1.00 26.04 ? 73   ASN A C   1 
ATOM   563  O O   . ASN A 1 73  ? 1.492   -7.512  -15.380 1.00 25.57 ? 73   ASN A O   1 
ATOM   564  C CB  . ASN A 1 73  ? 1.663   -7.526  -18.646 1.00 27.39 ? 73   ASN A CB  1 
ATOM   565  C CG  . ASN A 1 73  ? 3.048   -8.002  -18.261 1.00 27.55 ? 73   ASN A CG  1 
ATOM   566  O OD1 . ASN A 1 73  ? 3.205   -8.892  -17.425 1.00 27.58 ? 73   ASN A OD1 1 
ATOM   567  N ND2 . ASN A 1 73  ? 4.064   -7.390  -18.856 1.00 28.18 ? 73   ASN A ND2 1 
ATOM   568  N N   . GLU A 1 74  ? -0.395  -8.193  -16.417 1.00 25.73 ? 74   GLU A N   1 
ATOM   569  C CA  . GLU A 1 74  ? -0.855  -9.037  -15.325 1.00 26.76 ? 74   GLU A CA  1 
ATOM   570  C C   . GLU A 1 74  ? 0.112   -10.119 -14.860 1.00 26.42 ? 74   GLU A C   1 
ATOM   571  O O   . GLU A 1 74  ? 0.107   -10.484 -13.685 1.00 27.10 ? 74   GLU A O   1 
ATOM   572  C CB  . GLU A 1 74  ? -2.185  -9.692  -15.695 1.00 27.48 ? 74   GLU A CB  1 
ATOM   573  C CG  . GLU A 1 74  ? -2.921  -10.224 -14.492 1.00 31.39 ? 74   GLU A CG  1 
ATOM   574  C CD  . GLU A 1 74  ? -4.380  -10.492 -14.776 1.00 33.32 ? 74   GLU A CD  1 
ATOM   575  O OE1 . GLU A 1 74  ? -4.706  -11.621 -15.207 1.00 33.68 ? 74   GLU A OE1 1 
ATOM   576  O OE2 . GLU A 1 74  ? -5.202  -9.561  -14.579 1.00 34.74 ? 74   GLU A OE2 1 
ATOM   577  N N   . SER A 1 75  ? 0.929   -10.651 -15.766 1.00 25.85 ? 75   SER A N   1 
ATOM   578  C CA  . SER A 1 75  ? 1.861   -11.691 -15.363 1.00 24.61 ? 75   SER A CA  1 
ATOM   579  C C   . SER A 1 75  ? 2.972   -11.075 -14.519 1.00 24.21 ? 75   SER A C   1 
ATOM   580  O O   . SER A 1 75  ? 3.367   -11.648 -13.509 1.00 23.84 ? 75   SER A O   1 
ATOM   581  C CB  . SER A 1 75  ? 2.442   -12.412 -16.585 1.00 24.34 ? 75   SER A CB  1 
ATOM   582  O OG  . SER A 1 75  ? 3.246   -13.507 -16.177 1.00 24.56 ? 75   SER A OG  1 
ATOM   583  N N   . ASP A 1 76  ? 3.480   -9.915  -14.929 1.00 24.40 ? 76   ASP A N   1 
ATOM   584  C CA  . ASP A 1 76  ? 4.521   -9.241  -14.149 1.00 24.95 ? 76   ASP A CA  1 
ATOM   585  C C   . ASP A 1 76  ? 3.939   -8.856  -12.789 1.00 24.74 ? 76   ASP A C   1 
ATOM   586  O O   . ASP A 1 76  ? 4.621   -8.920  -11.764 1.00 25.12 ? 76   ASP A O   1 
ATOM   587  C CB  . ASP A 1 76  ? 5.013   -7.977  -14.858 1.00 25.07 ? 76   ASP A CB  1 
ATOM   588  C CG  . ASP A 1 76  ? 5.941   -8.279  -16.010 1.00 25.53 ? 76   ASP A CG  1 
ATOM   589  O OD1 . ASP A 1 76  ? 6.521   -9.392  -16.036 1.00 26.00 ? 76   ASP A OD1 1 
ATOM   590  O OD2 . ASP A 1 76  ? 6.110   -7.396  -16.879 1.00 24.82 ? 76   ASP A OD2 1 
ATOM   591  N N   . PHE A 1 77  ? 2.673   -8.447  -12.792 1.00 24.23 ? 77   PHE A N   1 
ATOM   592  C CA  . PHE A 1 77  ? 1.988   -8.066  -11.559 1.00 24.47 ? 77   PHE A CA  1 
ATOM   593  C C   . PHE A 1 77  ? 2.040   -9.226  -10.559 1.00 25.03 ? 77   PHE A C   1 
ATOM   594  O O   . PHE A 1 77  ? 2.479   -9.043  -9.418  1.00 24.59 ? 77   PHE A O   1 
ATOM   595  C CB  . PHE A 1 77  ? 0.529   -7.703  -11.863 1.00 24.58 ? 77   PHE A CB  1 
ATOM   596  C CG  . PHE A 1 77  ? -0.357  -7.607  -10.639 1.00 24.40 ? 77   PHE A CG  1 
ATOM   597  C CD1 . PHE A 1 77  ? -0.303  -6.495  -9.798  1.00 23.19 ? 77   PHE A CD1 1 
ATOM   598  C CD2 . PHE A 1 77  ? -1.266  -8.623  -10.345 1.00 24.38 ? 77   PHE A CD2 1 
ATOM   599  C CE1 . PHE A 1 77  ? -1.142  -6.393  -8.686  1.00 22.63 ? 77   PHE A CE1 1 
ATOM   600  C CE2 . PHE A 1 77  ? -2.113  -8.534  -9.233  1.00 24.39 ? 77   PHE A CE2 1 
ATOM   601  C CZ  . PHE A 1 77  ? -2.051  -7.414  -8.402  1.00 22.52 ? 77   PHE A CZ  1 
ATOM   602  N N   . HIS A 1 78  ? 1.613   -10.413 -11.003 1.00 23.52 ? 78   HIS A N   1 
ATOM   603  C CA  . HIS A 1 78  ? 1.587   -11.613 -10.160 1.00 23.34 ? 78   HIS A CA  1 
ATOM   604  C C   . HIS A 1 78  ? 2.940   -12.166 -9.727  1.00 23.64 ? 78   HIS A C   1 
ATOM   605  O O   . HIS A 1 78  ? 3.053   -12.718 -8.632  1.00 22.61 ? 78   HIS A O   1 
ATOM   606  C CB  . HIS A 1 78  ? 0.799   -12.734 -10.846 1.00 24.09 ? 78   HIS A CB  1 
ATOM   607  C CG  . HIS A 1 78  ? -0.686  -12.555 -10.789 1.00 24.90 ? 78   HIS A CG  1 
ATOM   608  N ND1 . HIS A 1 78  ? -1.395  -12.589 -9.607  1.00 25.16 ? 78   HIS A ND1 1 
ATOM   609  C CD2 . HIS A 1 78  ? -1.594  -12.320 -11.767 1.00 24.63 ? 78   HIS A CD2 1 
ATOM   610  C CE1 . HIS A 1 78  ? -2.676  -12.382 -9.859  1.00 25.51 ? 78   HIS A CE1 1 
ATOM   611  N NE2 . HIS A 1 78  ? -2.824  -12.215 -11.161 1.00 23.23 ? 78   HIS A NE2 1 
ATOM   612  N N   . ASP A 1 79  ? 3.962   -12.051 -10.570 1.00 24.33 ? 79   ASP A N   1 
ATOM   613  C CA  . ASP A 1 79  ? 5.271   -12.565 -10.169 1.00 25.35 ? 79   ASP A CA  1 
ATOM   614  C C   . ASP A 1 79  ? 5.755   -11.661 -9.041  1.00 25.11 ? 79   ASP A C   1 
ATOM   615  O O   . ASP A 1 79  ? 6.167   -12.118 -7.974  1.00 24.25 ? 79   ASP A O   1 
ATOM   616  C CB  . ASP A 1 79  ? 6.284   -12.517 -11.326 1.00 26.76 ? 79   ASP A CB  1 
ATOM   617  C CG  . ASP A 1 79  ? 5.994   -13.542 -12.429 1.00 29.55 ? 79   ASP A CG  1 
ATOM   618  O OD1 . ASP A 1 79  ? 5.625   -14.699 -12.108 1.00 29.49 ? 79   ASP A OD1 1 
ATOM   619  O OD2 . ASP A 1 79  ? 6.166   -13.192 -13.623 1.00 28.75 ? 79   ASP A OD2 1 
ATOM   620  N N   . TYR A 1 80  ? 5.674   -10.363 -9.299  1.00 25.55 ? 80   TYR A N   1 
ATOM   621  C CA  . TYR A 1 80  ? 6.099   -9.334  -8.359  1.00 24.91 ? 80   TYR A CA  1 
ATOM   622  C C   . TYR A 1 80  ? 5.366   -9.417  -7.019  1.00 24.50 ? 80   TYR A C   1 
ATOM   623  O O   . TYR A 1 80  ? 5.990   -9.546  -5.961  1.00 24.56 ? 80   TYR A O   1 
ATOM   624  C CB  . TYR A 1 80  ? 5.876   -7.967  -9.004  1.00 25.04 ? 80   TYR A CB  1 
ATOM   625  C CG  . TYR A 1 80  ? 6.443   -6.801  -8.236  1.00 26.24 ? 80   TYR A CG  1 
ATOM   626  C CD1 . TYR A 1 80  ? 7.760   -6.824  -7.768  1.00 26.25 ? 80   TYR A CD1 1 
ATOM   627  C CD2 . TYR A 1 80  ? 5.674   -5.657  -8.001  1.00 25.27 ? 80   TYR A CD2 1 
ATOM   628  C CE1 . TYR A 1 80  ? 8.296   -5.737  -7.084  1.00 24.76 ? 80   TYR A CE1 1 
ATOM   629  C CE2 . TYR A 1 80  ? 6.204   -4.567  -7.315  1.00 23.62 ? 80   TYR A CE2 1 
ATOM   630  C CZ  . TYR A 1 80  ? 7.511   -4.618  -6.862  1.00 23.00 ? 80   TYR A CZ  1 
ATOM   631  O OH  . TYR A 1 80  ? 8.033   -3.555  -6.177  1.00 22.67 ? 80   TYR A OH  1 
ATOM   632  N N   . TYR A 1 81  ? 4.042   -9.354  -7.061  1.00 23.11 ? 81   TYR A N   1 
ATOM   633  C CA  . TYR A 1 81  ? 3.253   -9.406  -5.836  1.00 21.46 ? 81   TYR A CA  1 
ATOM   634  C C   . TYR A 1 81  ? 3.425   -10.711 -5.048  1.00 22.39 ? 81   TYR A C   1 
ATOM   635  O O   . TYR A 1 81  ? 3.357   -10.719 -3.808  1.00 20.03 ? 81   TYR A O   1 
ATOM   636  C CB  . TYR A 1 81  ? 1.778   -9.176  -6.165  1.00 20.99 ? 81   TYR A CB  1 
ATOM   637  C CG  . TYR A 1 81  ? 0.862   -9.367  -4.979  1.00 21.98 ? 81   TYR A CG  1 
ATOM   638  C CD1 . TYR A 1 81  ? 1.057   -8.643  -3.799  1.00 21.08 ? 81   TYR A CD1 1 
ATOM   639  C CD2 . TYR A 1 81  ? -0.173  -10.302 -5.019  1.00 21.03 ? 81   TYR A CD2 1 
ATOM   640  C CE1 . TYR A 1 81  ? 0.252   -8.855  -2.683  1.00 22.00 ? 81   TYR A CE1 1 
ATOM   641  C CE2 . TYR A 1 81  ? -0.986  -10.521 -3.909  1.00 23.34 ? 81   TYR A CE2 1 
ATOM   642  C CZ  . TYR A 1 81  ? -0.766  -9.795  -2.740  1.00 23.31 ? 81   TYR A CZ  1 
ATOM   643  O OH  . TYR A 1 81  ? -1.547  -10.030 -1.626  1.00 22.79 ? 81   TYR A OH  1 
ATOM   644  N N   . GLY A 1 82  ? 3.650   -11.813 -5.764  1.00 22.06 ? 82   GLY A N   1 
ATOM   645  C CA  . GLY A 1 82  ? 3.824   -13.099 -5.111  1.00 20.80 ? 82   GLY A CA  1 
ATOM   646  C C   . GLY A 1 82  ? 4.896   -13.140 -4.035  1.00 21.04 ? 82   GLY A C   1 
ATOM   647  O O   . GLY A 1 82  ? 4.859   -13.998 -3.153  1.00 22.59 ? 82   GLY A O   1 
ATOM   648  N N   . LYS A 1 83  ? 5.845   -12.211 -4.089  1.00 20.62 ? 83   LYS A N   1 
ATOM   649  C CA  . LYS A 1 83  ? 6.929   -12.176 -3.116  1.00 22.01 ? 83   LYS A CA  1 
ATOM   650  C C   . LYS A 1 83  ? 6.665   -11.258 -1.922  1.00 21.31 ? 83   LYS A C   1 
ATOM   651  O O   . LYS A 1 83  ? 7.449   -11.209 -0.975  1.00 22.02 ? 83   LYS A O   1 
ATOM   652  C CB  . LYS A 1 83  ? 8.230   -11.775 -3.823  1.00 23.82 ? 83   LYS A CB  1 
ATOM   653  C CG  . LYS A 1 83  ? 8.514   -12.667 -5.033  1.00 25.66 ? 83   LYS A CG  1 
ATOM   654  C CD  . LYS A 1 83  ? 9.888   -12.458 -5.630  1.00 26.77 ? 83   LYS A CD  1 
ATOM   655  C CE  . LYS A 1 83  ? 9.977   -13.175 -6.977  1.00 29.55 ? 83   LYS A CE  1 
ATOM   656  N NZ  . LYS A 1 83  ? 9.527   -14.616 -6.892  1.00 26.64 ? 83   LYS A NZ  1 
ATOM   657  N N   . MET A 1 84  ? 5.546   -10.553 -1.951  1.00 19.76 ? 84   MET A N   1 
ATOM   658  C CA  . MET A 1 84  ? 5.209   -9.647  -0.865  1.00 17.79 ? 84   MET A CA  1 
ATOM   659  C C   . MET A 1 84  ? 4.218   -10.304 0.093   1.00 17.65 ? 84   MET A C   1 
ATOM   660  O O   . MET A 1 84  ? 3.375   -11.107 -0.313  1.00 17.39 ? 84   MET A O   1 
ATOM   661  C CB  . MET A 1 84  ? 4.631   -8.359  -1.443  1.00 17.10 ? 84   MET A CB  1 
ATOM   662  C CG  . MET A 1 84  ? 5.493   -7.763  -2.544  1.00 13.28 ? 84   MET A CG  1 
ATOM   663  S SD  . MET A 1 84  ? 4.634   -6.441  -3.394  1.00 14.57 ? 84   MET A SD  1 
ATOM   664  C CE  . MET A 1 84  ? 5.940   -5.362  -3.758  1.00 11.00 ? 84   MET A CE  1 
ATOM   665  N N   . PRO A 1 85  ? 4.319   -9.971  1.388   1.00 16.73 ? 85   PRO A N   1 
ATOM   666  C CA  . PRO A 1 85  ? 3.452   -10.513 2.433   1.00 16.29 ? 85   PRO A CA  1 
ATOM   667  C C   . PRO A 1 85  ? 2.210   -9.684  2.746   1.00 17.34 ? 85   PRO A C   1 
ATOM   668  O O   . PRO A 1 85  ? 1.509   -9.968  3.718   1.00 17.78 ? 85   PRO A O   1 
ATOM   669  C CB  . PRO A 1 85  ? 4.389   -10.587 3.622   1.00 16.23 ? 85   PRO A CB  1 
ATOM   670  C CG  . PRO A 1 85  ? 5.154   -9.307  3.469   1.00 15.10 ? 85   PRO A CG  1 
ATOM   671  C CD  . PRO A 1 85  ? 5.481   -9.284  1.985   1.00 16.58 ? 85   PRO A CD  1 
ATOM   672  N N   . TRP A 1 86  ? 1.931   -8.665  1.938   1.00 16.41 ? 86   TRP A N   1 
ATOM   673  C CA  . TRP A 1 86  ? 0.765   -7.822  2.188   1.00 15.68 ? 86   TRP A CA  1 
ATOM   674  C C   . TRP A 1 86  ? -0.398  -7.994  1.203   1.00 16.87 ? 86   TRP A C   1 
ATOM   675  O O   . TRP A 1 86  ? -0.553  -9.044  0.575   1.00 18.18 ? 86   TRP A O   1 
ATOM   676  C CB  . TRP A 1 86  ? 1.196   -6.351  2.250   1.00 15.88 ? 86   TRP A CB  1 
ATOM   677  C CG  . TRP A 1 86  ? 2.179   -5.956  1.198   1.00 13.99 ? 86   TRP A CG  1 
ATOM   678  C CD1 . TRP A 1 86  ? 1.981   -5.952  -0.151  1.00 15.03 ? 86   TRP A CD1 1 
ATOM   679  C CD2 . TRP A 1 86  ? 3.530   -5.527  1.407   1.00 14.71 ? 86   TRP A CD2 1 
ATOM   680  N NE1 . TRP A 1 86  ? 3.126   -5.549  -0.798  1.00 14.70 ? 86   TRP A NE1 1 
ATOM   681  C CE2 . TRP A 1 86  ? 4.091   -5.280  0.135   1.00 14.38 ? 86   TRP A CE2 1 
ATOM   682  C CE3 . TRP A 1 86  ? 4.323   -5.325  2.549   1.00 13.43 ? 86   TRP A CE3 1 
ATOM   683  C CZ2 . TRP A 1 86  ? 5.413   -4.841  -0.030  1.00 14.14 ? 86   TRP A CZ2 1 
ATOM   684  C CZ3 . TRP A 1 86  ? 5.638   -4.889  2.384   1.00 11.91 ? 86   TRP A CZ3 1 
ATOM   685  C CH2 . TRP A 1 86  ? 6.167   -4.652  1.101   1.00 13.12 ? 86   TRP A CH2 1 
ATOM   686  N N   . LEU A 1 87  ? -1.223  -6.956  1.087   1.00 16.56 ? 87   LEU A N   1 
ATOM   687  C CA  . LEU A 1 87  ? -2.377  -6.979  0.202   1.00 14.71 ? 87   LEU A CA  1 
ATOM   688  C C   . LEU A 1 87  ? -2.074  -6.274  -1.117  1.00 15.68 ? 87   LEU A C   1 
ATOM   689  O O   . LEU A 1 87  ? -1.019  -5.653  -1.278  1.00 16.61 ? 87   LEU A O   1 
ATOM   690  C CB  . LEU A 1 87  ? -3.560  -6.297  0.886   1.00 14.60 ? 87   LEU A CB  1 
ATOM   691  C CG  . LEU A 1 87  ? -3.892  -6.794  2.299   1.00 15.42 ? 87   LEU A CG  1 
ATOM   692  C CD1 . LEU A 1 87  ? -5.165  -6.119  2.788   1.00 16.45 ? 87   LEU A CD1 1 
ATOM   693  C CD2 . LEU A 1 87  ? -4.074  -8.302  2.299   1.00 14.42 ? 87   LEU A CD2 1 
ATOM   694  N N   . ALA A 1 88  ? -3.006  -6.368  -2.058  1.00 14.46 ? 88   ALA A N   1 
ATOM   695  C CA  . ALA A 1 88  ? -2.834  -5.724  -3.348  1.00 14.04 ? 88   ALA A CA  1 
ATOM   696  C C   . ALA A 1 88  ? -4.155  -5.471  -4.047  1.00 13.90 ? 88   ALA A C   1 
ATOM   697  O O   . ALA A 1 88  ? -5.084  -6.265  -3.962  1.00 12.83 ? 88   ALA A O   1 
ATOM   698  C CB  . ALA A 1 88  ? -1.943  -6.574  -4.245  1.00 14.58 ? 88   ALA A CB  1 
ATOM   699  N N   . LEU A 1 89  ? -4.236  -4.339  -4.729  1.00 13.16 ? 89   LEU A N   1 
ATOM   700  C CA  . LEU A 1 89  ? -5.424  -4.018  -5.490  1.00 13.95 ? 89   LEU A CA  1 
ATOM   701  C C   . LEU A 1 89  ? -5.290  -4.905  -6.738  1.00 14.36 ? 89   LEU A C   1 
ATOM   702  O O   . LEU A 1 89  ? -4.222  -4.961  -7.342  1.00 13.88 ? 89   LEU A O   1 
ATOM   703  C CB  . LEU A 1 89  ? -5.407  -2.536  -5.890  1.00 12.82 ? 89   LEU A CB  1 
ATOM   704  C CG  . LEU A 1 89  ? -6.460  -2.003  -6.870  1.00 13.19 ? 89   LEU A CG  1 
ATOM   705  C CD1 . LEU A 1 89  ? -7.796  -1.857  -6.164  1.00 12.08 ? 89   LEU A CD1 1 
ATOM   706  C CD2 . LEU A 1 89  ? -6.018  -0.657  -7.433  1.00 11.71 ? 89   LEU A CD2 1 
ATOM   707  N N   . PRO A 1 90  ? -6.352  -5.637  -7.111  1.00 15.25 ? 90   PRO A N   1 
ATOM   708  C CA  . PRO A 1 90  ? -6.302  -6.500  -8.297  1.00 15.51 ? 90   PRO A CA  1 
ATOM   709  C C   . PRO A 1 90  ? -5.865  -5.727  -9.552  1.00 17.40 ? 90   PRO A C   1 
ATOM   710  O O   . PRO A 1 90  ? -6.205  -4.554  -9.711  1.00 15.06 ? 90   PRO A O   1 
ATOM   711  C CB  . PRO A 1 90  ? -7.733  -7.023  -8.387  1.00 15.77 ? 90   PRO A CB  1 
ATOM   712  C CG  . PRO A 1 90  ? -8.089  -7.193  -6.948  1.00 14.33 ? 90   PRO A CG  1 
ATOM   713  C CD  . PRO A 1 90  ? -7.574  -5.900  -6.327  1.00 14.88 ? 90   PRO A CD  1 
ATOM   714  N N   . PHE A 1 91  ? -5.112  -6.389  -10.434 1.00 19.50 ? 91   PHE A N   1 
ATOM   715  C CA  . PHE A 1 91  ? -4.607  -5.752  -11.656 1.00 22.63 ? 91   PHE A CA  1 
ATOM   716  C C   . PHE A 1 91  ? -5.689  -5.176  -12.561 1.00 23.82 ? 91   PHE A C   1 
ATOM   717  O O   . PHE A 1 91  ? -5.558  -4.045  -13.024 1.00 23.87 ? 91   PHE A O   1 
ATOM   718  C CB  . PHE A 1 91  ? -3.760  -6.737  -12.472 1.00 25.09 ? 91   PHE A CB  1 
ATOM   719  C CG  . PHE A 1 91  ? -2.991  -6.095  -13.607 1.00 27.56 ? 91   PHE A CG  1 
ATOM   720  C CD1 . PHE A 1 91  ? -1.831  -5.365  -13.358 1.00 28.06 ? 91   PHE A CD1 1 
ATOM   721  C CD2 . PHE A 1 91  ? -3.433  -6.214  -14.926 1.00 28.43 ? 91   PHE A CD2 1 
ATOM   722  C CE1 . PHE A 1 91  ? -1.119  -4.761  -14.402 1.00 28.22 ? 91   PHE A CE1 1 
ATOM   723  C CE2 . PHE A 1 91  ? -2.727  -5.613  -15.979 1.00 28.05 ? 91   PHE A CE2 1 
ATOM   724  C CZ  . PHE A 1 91  ? -1.568  -4.884  -15.713 1.00 27.67 ? 91   PHE A CZ  1 
ATOM   725  N N   . ASP A 1 92  ? -6.757  -5.935  -12.815 1.00 25.47 ? 92   ASP A N   1 
ATOM   726  C CA  . ASP A 1 92  ? -7.818  -5.447  -13.696 1.00 26.75 ? 92   ASP A CA  1 
ATOM   727  C C   . ASP A 1 92  ? -8.346  -4.054  -13.345 1.00 26.96 ? 92   ASP A C   1 
ATOM   728  O O   . ASP A 1 92  ? -8.911  -3.365  -14.200 1.00 28.10 ? 92   ASP A O   1 
ATOM   729  C CB  . ASP A 1 92  ? -8.979  -6.453  -13.772 1.00 29.91 ? 92   ASP A CB  1 
ATOM   730  C CG  . ASP A 1 92  ? -9.583  -6.770  -12.413 1.00 32.38 ? 92   ASP A CG  1 
ATOM   731  O OD1 . ASP A 1 92  ? -10.060 -5.836  -11.718 1.00 32.44 ? 92   ASP A OD1 1 
ATOM   732  O OD2 . ASP A 1 92  ? -9.588  -7.966  -12.048 1.00 33.43 ? 92   ASP A OD2 1 
ATOM   733  N N   . GLN A 1 93  ? -8.171  -3.625  -12.102 1.00 26.96 ? 93   GLN A N   1 
ATOM   734  C CA  . GLN A 1 93  ? -8.621  -2.289  -11.719 1.00 27.27 ? 93   GLN A CA  1 
ATOM   735  C C   . GLN A 1 93  ? -7.531  -1.287  -12.061 1.00 26.98 ? 93   GLN A C   1 
ATOM   736  O O   . GLN A 1 93  ? -7.048  -0.564  -11.185 1.00 27.05 ? 93   GLN A O   1 
ATOM   737  C CB  . GLN A 1 93  ? -8.924  -2.203  -10.219 1.00 28.55 ? 93   GLN A CB  1 
ATOM   738  C CG  . GLN A 1 93  ? -10.400 -2.267  -9.876  1.00 30.39 ? 93   GLN A CG  1 
ATOM   739  C CD  . GLN A 1 93  ? -10.860 -3.676  -9.598  1.00 33.40 ? 93   GLN A CD  1 
ATOM   740  O OE1 . GLN A 1 93  ? -10.309 -4.348  -8.721  1.00 36.08 ? 93   GLN A OE1 1 
ATOM   741  N NE2 . GLN A 1 93  ? -11.873 -4.139  -10.333 1.00 33.21 ? 93   GLN A NE2 1 
ATOM   742  N N   . ARG A 1 94  ? -7.142  -1.269  -13.335 1.00 26.69 ? 94   ARG A N   1 
ATOM   743  C CA  . ARG A 1 94  ? -6.110  -0.363  -13.837 1.00 26.51 ? 94   ARG A CA  1 
ATOM   744  C C   . ARG A 1 94  ? -6.635  1.055   -13.744 1.00 26.39 ? 94   ARG A C   1 
ATOM   745  O O   . ARG A 1 94  ? -5.878  2.016   -13.542 1.00 27.21 ? 94   ARG A O   1 
ATOM   746  C CB  . ARG A 1 94  ? -5.790  -0.675  -15.300 1.00 26.62 ? 94   ARG A CB  1 
ATOM   747  C CG  . ARG A 1 94  ? -4.995  -1.944  -15.527 1.00 27.48 ? 94   ARG A CG  1 
ATOM   748  C CD  . ARG A 1 94  ? -3.522  -1.634  -15.760 1.00 30.46 ? 94   ARG A CD  1 
ATOM   749  N NE  . ARG A 1 94  ? -2.886  -1.020  -14.595 1.00 31.81 ? 94   ARG A NE  1 
ATOM   750  C CZ  . ARG A 1 94  ? -2.759  -1.615  -13.415 1.00 32.49 ? 94   ARG A CZ  1 
ATOM   751  N NH1 . ARG A 1 94  ? -3.219  -2.844  -13.238 1.00 32.55 ? 94   ARG A NH1 1 
ATOM   752  N NH2 . ARG A 1 94  ? -2.187  -0.974  -12.404 1.00 34.75 ? 94   ARG A NH2 1 
ATOM   753  N N   . SER A 1 95  ? -7.946  1.173   -13.897 1.00 24.10 ? 95   SER A N   1 
ATOM   754  C CA  . SER A 1 95  ? -8.601  2.460   -13.846 1.00 23.44 ? 95   SER A CA  1 
ATOM   755  C C   . SER A 1 95  ? -8.374  3.121   -12.489 1.00 23.06 ? 95   SER A C   1 
ATOM   756  O O   . SER A 1 95  ? -7.937  4.269   -12.421 1.00 23.06 ? 95   SER A O   1 
ATOM   757  C CB  . SER A 1 95  ? -10.100 2.280   -14.102 1.00 22.82 ? 95   SER A CB  1 
ATOM   758  O OG  . SER A 1 95  ? -10.767 3.531   -14.121 1.00 23.33 ? 95   SER A OG  1 
ATOM   759  N N   . THR A 1 96  ? -8.662  2.396   -11.412 1.00 21.78 ? 96   THR A N   1 
ATOM   760  C CA  . THR A 1 96  ? -8.499  2.939   -10.068 1.00 20.31 ? 96   THR A CA  1 
ATOM   761  C C   . THR A 1 96  ? -7.091  3.453   -9.762  1.00 20.41 ? 96   THR A C   1 
ATOM   762  O O   . THR A 1 96  ? -6.923  4.408   -9.005  1.00 20.04 ? 96   THR A O   1 
ATOM   763  C CB  . THR A 1 96  ? -8.862  1.900   -8.999  1.00 18.78 ? 96   THR A CB  1 
ATOM   764  O OG1 . THR A 1 96  ? -10.237 1.528   -9.137  1.00 19.36 ? 96   THR A OG1 1 
ATOM   765  C CG2 . THR A 1 96  ? -8.640  2.467   -7.617  1.00 17.69 ? 96   THR A CG2 1 
ATOM   766  N N   . VAL A 1 97  ? -6.081  2.830   -10.355 1.00 19.84 ? 97   VAL A N   1 
ATOM   767  C CA  . VAL A 1 97  ? -4.700  3.227   -10.103 1.00 20.20 ? 97   VAL A CA  1 
ATOM   768  C C   . VAL A 1 97  ? -4.351  4.641   -10.570 1.00 22.75 ? 97   VAL A C   1 
ATOM   769  O O   . VAL A 1 97  ? -3.718  5.398   -9.835  1.00 24.50 ? 97   VAL A O   1 
ATOM   770  C CB  . VAL A 1 97  ? -3.726  2.225   -10.739 1.00 18.67 ? 97   VAL A CB  1 
ATOM   771  C CG1 . VAL A 1 97  ? -2.286  2.710   -10.591 1.00 17.79 ? 97   VAL A CG1 1 
ATOM   772  C CG2 . VAL A 1 97  ? -3.905  0.867   -10.082 1.00 16.84 ? 97   VAL A CG2 1 
ATOM   773  N N   . SER A 1 98  ? -4.751  4.997   -11.787 1.00 23.35 ? 98   SER A N   1 
ATOM   774  C CA  . SER A 1 98  ? -4.470  6.330   -12.306 1.00 23.81 ? 98   SER A CA  1 
ATOM   775  C C   . SER A 1 98  ? -5.241  7.395   -11.531 1.00 23.11 ? 98   SER A C   1 
ATOM   776  O O   . SER A 1 98  ? -4.748  8.504   -11.359 1.00 22.77 ? 98   SER A O   1 
ATOM   777  C CB  . SER A 1 98  ? -4.808  6.401   -13.794 1.00 24.84 ? 98   SER A CB  1 
ATOM   778  O OG  . SER A 1 98  ? -5.988  5.672   -14.066 1.00 25.32 ? 98   SER A OG  1 
ATOM   779  N N   . GLU A 1 99  ? -6.443  7.055   -11.064 1.00 22.13 ? 99   GLU A N   1 
ATOM   780  C CA  . GLU A 1 99  ? -7.249  7.983   -10.272 1.00 21.75 ? 99   GLU A CA  1 
ATOM   781  C C   . GLU A 1 99  ? -6.466  8.278   -9.009  1.00 22.03 ? 99   GLU A C   1 
ATOM   782  O O   . GLU A 1 99  ? -6.219  9.439   -8.676  1.00 22.90 ? 99   GLU A O   1 
ATOM   783  C CB  . GLU A 1 99  ? -8.578  7.359   -9.860  1.00 24.02 ? 99   GLU A CB  1 
ATOM   784  C CG  . GLU A 1 99  ? -9.547  7.107   -10.979 1.00 29.06 ? 99   GLU A CG  1 
ATOM   785  C CD  . GLU A 1 99  ? -10.567 6.047   -10.609 1.00 33.20 ? 99   GLU A CD  1 
ATOM   786  O OE1 . GLU A 1 99  ? -11.165 6.151   -9.509  1.00 33.96 ? 99   GLU A OE1 1 
ATOM   787  O OE2 . GLU A 1 99  ? -10.772 5.106   -11.416 1.00 36.04 ? 99   GLU A OE2 1 
ATOM   788  N N   . LEU A 1 100 ? -6.101  7.212   -8.297  1.00 20.74 ? 100  LEU A N   1 
ATOM   789  C CA  . LEU A 1 100 ? -5.320  7.334   -7.068  1.00 18.37 ? 100  LEU A CA  1 
ATOM   790  C C   . LEU A 1 100 ? -4.087  8.181   -7.374  1.00 17.41 ? 100  LEU A C   1 
ATOM   791  O O   . LEU A 1 100 ? -3.700  9.043   -6.583  1.00 17.03 ? 100  LEU A O   1 
ATOM   792  C CB  . LEU A 1 100 ? -4.901  5.945   -6.560  1.00 16.39 ? 100  LEU A CB  1 
ATOM   793  C CG  . LEU A 1 100 ? -6.014  5.016   -6.057  1.00 16.43 ? 100  LEU A CG  1 
ATOM   794  C CD1 . LEU A 1 100 ? -5.477  3.596   -5.924  1.00 17.68 ? 100  LEU A CD1 1 
ATOM   795  C CD2 . LEU A 1 100 ? -6.537  5.508   -4.727  1.00 13.04 ? 100  LEU A CD2 1 
ATOM   796  N N   . GLY A 1 101 ? -3.483  7.936   -8.535  1.00 17.33 ? 101  GLY A N   1 
ATOM   797  C CA  . GLY A 1 101 ? -2.314  8.698   -8.939  1.00 18.02 ? 101  GLY A CA  1 
ATOM   798  C C   . GLY A 1 101 ? -2.575  10.194  -8.878  1.00 18.81 ? 101  GLY A C   1 
ATOM   799  O O   . GLY A 1 101 ? -1.754  10.957  -8.358  1.00 17.51 ? 101  GLY A O   1 
ATOM   800  N N   . LYS A 1 102 ? -3.724  10.618  -9.402  1.00 19.07 ? 102  LYS A N   1 
ATOM   801  C CA  . LYS A 1 102 ? -4.095  12.031  -9.400  1.00 20.81 ? 102  LYS A CA  1 
ATOM   802  C C   . LYS A 1 102 ? -4.392  12.515  -7.994  1.00 20.00 ? 102  LYS A C   1 
ATOM   803  O O   . LYS A 1 102 ? -3.784  13.470  -7.521  1.00 20.78 ? 102  LYS A O   1 
ATOM   804  C CB  . LYS A 1 102 ? -5.329  12.270  -10.268 1.00 23.95 ? 102  LYS A CB  1 
ATOM   805  C CG  . LYS A 1 102 ? -5.070  12.220  -11.745 1.00 27.62 ? 102  LYS A CG  1 
ATOM   806  C CD  . LYS A 1 102 ? -6.370  12.351  -12.505 1.00 32.21 ? 102  LYS A CD  1 
ATOM   807  C CE  . LYS A 1 102 ? -6.151  12.211  -14.004 1.00 34.50 ? 102  LYS A CE  1 
ATOM   808  N NZ  . LYS A 1 102 ? -7.449  12.189  -14.743 1.00 36.41 ? 102  LYS A NZ  1 
ATOM   809  N N   . THR A 1 103 ? -5.341  11.860  -7.338  1.00 19.03 ? 103  THR A N   1 
ATOM   810  C CA  . THR A 1 103 ? -5.722  12.221  -5.980  1.00 20.16 ? 103  THR A CA  1 
ATOM   811  C C   . THR A 1 103 ? -4.510  12.445  -5.079  1.00 20.19 ? 103  THR A C   1 
ATOM   812  O O   . THR A 1 103 ? -4.429  13.453  -4.387  1.00 21.83 ? 103  THR A O   1 
ATOM   813  C CB  . THR A 1 103 ? -6.609  11.127  -5.328  1.00 19.92 ? 103  THR A CB  1 
ATOM   814  O OG1 . THR A 1 103 ? -7.905  11.128  -5.936  1.00 20.78 ? 103  THR A OG1 1 
ATOM   815  C CG2 . THR A 1 103 ? -6.761  11.379  -3.842  1.00 19.70 ? 103  THR A CG2 1 
ATOM   816  N N   . PHE A 1 104 ? -3.562  11.514  -5.094  1.00 20.37 ? 104  PHE A N   1 
ATOM   817  C CA  . PHE A 1 104 ? -2.389  11.637  -4.228  1.00 20.50 ? 104  PHE A CA  1 
ATOM   818  C C   . PHE A 1 104 ? -1.161  12.296  -4.854  1.00 20.28 ? 104  PHE A C   1 
ATOM   819  O O   . PHE A 1 104 ? -0.133  12.458  -4.195  1.00 19.32 ? 104  PHE A O   1 
ATOM   820  C CB  . PHE A 1 104 ? -2.019  10.260  -3.679  1.00 20.15 ? 104  PHE A CB  1 
ATOM   821  C CG  . PHE A 1 104 ? -3.110  9.627   -2.858  1.00 21.66 ? 104  PHE A CG  1 
ATOM   822  C CD1 . PHE A 1 104 ? -3.606  10.266  -1.727  1.00 21.16 ? 104  PHE A CD1 1 
ATOM   823  C CD2 . PHE A 1 104 ? -3.653  8.398   -3.224  1.00 21.71 ? 104  PHE A CD2 1 
ATOM   824  C CE1 . PHE A 1 104 ? -4.628  9.694   -0.971  1.00 22.65 ? 104  PHE A CE1 1 
ATOM   825  C CE2 . PHE A 1 104 ? -4.678  7.816   -2.470  1.00 21.22 ? 104  PHE A CE2 1 
ATOM   826  C CZ  . PHE A 1 104 ? -5.164  8.465   -1.344  1.00 21.70 ? 104  PHE A CZ  1 
ATOM   827  N N   . GLY A 1 105 ? -1.270  12.685  -6.117  1.00 20.20 ? 105  GLY A N   1 
ATOM   828  C CA  . GLY A 1 105 ? -0.148  13.316  -6.786  1.00 19.00 ? 105  GLY A CA  1 
ATOM   829  C C   . GLY A 1 105 ? 1.089   12.437  -6.819  1.00 18.69 ? 105  GLY A C   1 
ATOM   830  O O   . GLY A 1 105 ? 2.183   12.896  -6.493  1.00 19.41 ? 105  GLY A O   1 
ATOM   831  N N   . VAL A 1 106 ? 0.918   11.170  -7.194  1.00 18.76 ? 106  VAL A N   1 
ATOM   832  C CA  . VAL A 1 106 ? 2.042   10.235  -7.286  1.00 19.14 ? 106  VAL A CA  1 
ATOM   833  C C   . VAL A 1 106 ? 2.652   10.372  -8.685  1.00 19.21 ? 106  VAL A C   1 
ATOM   834  O O   . VAL A 1 106 ? 2.101   9.853   -9.654  1.00 19.18 ? 106  VAL A O   1 
ATOM   835  C CB  . VAL A 1 106 ? 1.585   8.763   -7.081  1.00 19.41 ? 106  VAL A CB  1 
ATOM   836  C CG1 . VAL A 1 106 ? 2.778   7.824   -7.233  1.00 18.45 ? 106  VAL A CG1 1 
ATOM   837  C CG2 . VAL A 1 106 ? 0.948   8.589   -5.701  1.00 19.50 ? 106  VAL A CG2 1 
ATOM   838  N N   . GLU A 1 107 ? 3.780   11.070  -8.785  1.00 19.23 ? 107  GLU A N   1 
ATOM   839  C CA  . GLU A 1 107 ? 4.434   11.289  -10.075 1.00 20.17 ? 107  GLU A CA  1 
ATOM   840  C C   . GLU A 1 107 ? 5.499   10.244  -10.393 1.00 18.79 ? 107  GLU A C   1 
ATOM   841  O O   . GLU A 1 107 ? 5.883   10.072  -11.550 1.00 18.07 ? 107  GLU A O   1 
ATOM   842  C CB  . GLU A 1 107 ? 5.081   12.684  -10.128 1.00 24.75 ? 107  GLU A CB  1 
ATOM   843  C CG  . GLU A 1 107 ? 4.158   13.899  -9.843  1.00 28.09 ? 107  GLU A CG  1 
ATOM   844  C CD  . GLU A 1 107 ? 2.916   13.960  -10.740 1.00 31.06 ? 107  GLU A CD  1 
ATOM   845  O OE1 . GLU A 1 107 ? 3.031   13.677  -11.956 1.00 31.45 ? 107  GLU A OE1 1 
ATOM   846  O OE2 . GLU A 1 107 ? 1.822   14.310  -10.227 1.00 31.72 ? 107  GLU A OE2 1 
ATOM   847  N N   . SER A 1 108 ? 5.993   9.564   -9.365  1.00 17.11 ? 108  SER A N   1 
ATOM   848  C CA  . SER A 1 108 ? 7.003   8.540   -9.564  1.00 16.05 ? 108  SER A CA  1 
ATOM   849  C C   . SER A 1 108 ? 6.909   7.502   -8.457  1.00 17.70 ? 108  SER A C   1 
ATOM   850  O O   . SER A 1 108 ? 6.211   7.710   -7.467  1.00 17.07 ? 108  SER A O   1 
ATOM   851  C CB  . SER A 1 108 ? 8.404   9.169   -9.598  1.00 15.71 ? 108  SER A CB  1 
ATOM   852  O OG  . SER A 1 108 ? 8.758   9.779   -8.369  1.00 13.54 ? 108  SER A OG  1 
ATOM   853  N N   . ILE A 1 109 ? 7.590   6.373   -8.642  1.00 17.46 ? 109  ILE A N   1 
ATOM   854  C CA  . ILE A 1 109 ? 7.592   5.304   -7.650  1.00 18.19 ? 109  ILE A CA  1 
ATOM   855  C C   . ILE A 1 109 ? 9.030   4.892   -7.321  1.00 18.67 ? 109  ILE A C   1 
ATOM   856  O O   . ILE A 1 109 ? 9.946   5.101   -8.126  1.00 20.60 ? 109  ILE A O   1 
ATOM   857  C CB  . ILE A 1 109 ? 6.803   4.065   -8.144  1.00 17.60 ? 109  ILE A CB  1 
ATOM   858  C CG1 . ILE A 1 109 ? 7.393   3.546   -9.456  1.00 17.58 ? 109  ILE A CG1 1 
ATOM   859  C CG2 . ILE A 1 109 ? 5.327   4.425   -8.327  1.00 16.07 ? 109  ILE A CG2 1 
ATOM   860  C CD1 . ILE A 1 109 ? 6.761   2.240   -9.922  1.00 15.98 ? 109  ILE A CD1 1 
ATOM   861  N N   . PRO A 1 110 ? 9.248   4.290   -6.141  1.00 16.12 ? 110  PRO A N   1 
ATOM   862  C CA  . PRO A 1 110 ? 8.295   3.934   -5.084  1.00 16.07 ? 110  PRO A CA  1 
ATOM   863  C C   . PRO A 1 110 ? 7.668   5.112   -4.338  1.00 16.31 ? 110  PRO A C   1 
ATOM   864  O O   . PRO A 1 110 ? 8.329   6.116   -4.076  1.00 15.27 ? 110  PRO A O   1 
ATOM   865  C CB  . PRO A 1 110 ? 9.142   3.090   -4.151  1.00 15.51 ? 110  PRO A CB  1 
ATOM   866  C CG  . PRO A 1 110 ? 10.443  3.805   -4.203  1.00 15.81 ? 110  PRO A CG  1 
ATOM   867  C CD  . PRO A 1 110 ? 10.624  4.010   -5.697  1.00 15.37 ? 110  PRO A CD  1 
ATOM   868  N N   . THR A 1 111 ? 6.393   4.972   -3.989  1.00 15.12 ? 111  THR A N   1 
ATOM   869  C CA  . THR A 1 111 ? 5.684   6.003   -3.241  1.00 14.27 ? 111  THR A CA  1 
ATOM   870  C C   . THR A 1 111 ? 4.734   5.345   -2.250  1.00 15.36 ? 111  THR A C   1 
ATOM   871  O O   . THR A 1 111 ? 4.068   4.357   -2.575  1.00 15.99 ? 111  THR A O   1 
ATOM   872  C CB  . THR A 1 111 ? 4.865   6.926   -4.160  1.00 13.69 ? 111  THR A CB  1 
ATOM   873  O OG1 . THR A 1 111 ? 5.750   7.728   -4.945  1.00 11.92 ? 111  THR A OG1 1 
ATOM   874  C CG2 . THR A 1 111 ? 3.968   7.844   -3.336  1.00 12.29 ? 111  THR A CG2 1 
ATOM   875  N N   . LEU A 1 112 ? 4.698   5.878   -1.033  1.00 14.67 ? 112  LEU A N   1 
ATOM   876  C CA  . LEU A 1 112 ? 3.820   5.366   0.005   1.00 14.56 ? 112  LEU A CA  1 
ATOM   877  C C   . LEU A 1 112 ? 2.851   6.454   0.459   1.00 14.67 ? 112  LEU A C   1 
ATOM   878  O O   . LEU A 1 112 ? 3.255   7.585   0.706   1.00 13.71 ? 112  LEU A O   1 
ATOM   879  C CB  . LEU A 1 112 ? 4.623   4.881   1.218   1.00 15.13 ? 112  LEU A CB  1 
ATOM   880  C CG  . LEU A 1 112 ? 5.130   3.439   1.246   1.00 16.38 ? 112  LEU A CG  1 
ATOM   881  C CD1 . LEU A 1 112 ? 5.745   3.147   2.614   1.00 13.51 ? 112  LEU A CD1 1 
ATOM   882  C CD2 . LEU A 1 112 ? 3.982   2.470   0.972   1.00 14.40 ? 112  LEU A CD2 1 
ATOM   883  N N   . ILE A 1 113 ? 1.575   6.099   0.564   1.00 13.20 ? 113  ILE A N   1 
ATOM   884  C CA  . ILE A 1 113 ? 0.555   7.031   1.014   1.00 13.84 ? 113  ILE A CA  1 
ATOM   885  C C   . ILE A 1 113 ? -0.096  6.433   2.257   1.00 14.01 ? 113  ILE A C   1 
ATOM   886  O O   . ILE A 1 113 ? -0.588  5.311   2.212   1.00 15.84 ? 113  ILE A O   1 
ATOM   887  C CB  . ILE A 1 113 ? -0.524  7.242   -0.066  1.00 14.25 ? 113  ILE A CB  1 
ATOM   888  C CG1 . ILE A 1 113 ? 0.119   7.772   -1.355  1.00 16.23 ? 113  ILE A CG1 1 
ATOM   889  C CG2 . ILE A 1 113 ? -1.600  8.194   0.453   1.00 13.24 ? 113  ILE A CG2 1 
ATOM   890  C CD1 . ILE A 1 113 ? 0.858   9.094   -1.186  1.00 18.33 ? 113  ILE A CD1 1 
ATOM   891  N N   . THR A 1 114 ? -0.101  7.176   3.360   1.00 12.96 ? 114  THR A N   1 
ATOM   892  C CA  . THR A 1 114 ? -0.681  6.678   4.606   1.00 14.19 ? 114  THR A CA  1 
ATOM   893  C C   . THR A 1 114 ? -2.146  7.085   4.791   1.00 15.11 ? 114  THR A C   1 
ATOM   894  O O   . THR A 1 114 ? -2.488  8.270   4.800   1.00 13.75 ? 114  THR A O   1 
ATOM   895  C CB  . THR A 1 114 ? 0.126   7.153   5.825   1.00 14.20 ? 114  THR A CB  1 
ATOM   896  O OG1 . THR A 1 114 ? 1.520   6.903   5.601   1.00 14.58 ? 114  THR A OG1 1 
ATOM   897  C CG2 . THR A 1 114 ? -0.324  6.402   7.075   1.00 14.45 ? 114  THR A CG2 1 
ATOM   898  N N   . ILE A 1 115 ? -3.003  6.082   4.966   1.00 16.00 ? 115  ILE A N   1 
ATOM   899  C CA  . ILE A 1 115 ? -4.440  6.299   5.112   1.00 15.77 ? 115  ILE A CA  1 
ATOM   900  C C   . ILE A 1 115 ? -5.058  5.620   6.335   1.00 16.15 ? 115  ILE A C   1 
ATOM   901  O O   . ILE A 1 115 ? -4.762  4.465   6.638   1.00 15.29 ? 115  ILE A O   1 
ATOM   902  C CB  . ILE A 1 115 ? -5.183  5.781   3.860   1.00 16.46 ? 115  ILE A CB  1 
ATOM   903  C CG1 . ILE A 1 115 ? -4.626  6.464   2.611   1.00 18.57 ? 115  ILE A CG1 1 
ATOM   904  C CG2 . ILE A 1 115 ? -6.674  6.042   3.984   1.00 16.04 ? 115  ILE A CG2 1 
ATOM   905  C CD1 . ILE A 1 115 ? -5.198  5.921   1.314   1.00 20.84 ? 115  ILE A CD1 1 
ATOM   906  N N   . ASN A 1 116 ? -5.922  6.345   7.033   1.00 16.76 ? 116  ASN A N   1 
ATOM   907  C CA  . ASN A 1 116 ? -6.615  5.789   8.189   1.00 18.64 ? 116  ASN A CA  1 
ATOM   908  C C   . ASN A 1 116 ? -7.812  5.011   7.643   1.00 18.73 ? 116  ASN A C   1 
ATOM   909  O O   . ASN A 1 116 ? -8.768  5.607   7.155   1.00 18.43 ? 116  ASN A O   1 
ATOM   910  C CB  . ASN A 1 116 ? -7.099  6.912   9.104   1.00 21.07 ? 116  ASN A CB  1 
ATOM   911  C CG  . ASN A 1 116 ? -7.995  6.417   10.218  1.00 20.97 ? 116  ASN A CG  1 
ATOM   912  O OD1 . ASN A 1 116 ? -8.402  7.191   11.074  1.00 24.08 ? 116  ASN A OD1 1 
ATOM   913  N ND2 . ASN A 1 116 ? -8.312  5.126   10.212  1.00 24.55 ? 116  ASN A ND2 1 
ATOM   914  N N   . ALA A 1 117 ? -7.738  3.686   7.736   1.00 18.20 ? 117  ALA A N   1 
ATOM   915  C CA  . ALA A 1 117 ? -8.771  2.776   7.247   1.00 19.83 ? 117  ALA A CA  1 
ATOM   916  C C   . ALA A 1 117 ? -10.210 3.140   7.578   1.00 22.15 ? 117  ALA A C   1 
ATOM   917  O O   . ALA A 1 117 ? -11.111 2.878   6.786   1.00 24.23 ? 117  ALA A O   1 
ATOM   918  C CB  . ALA A 1 117 ? -8.493  1.368   7.749   1.00 19.13 ? 117  ALA A CB  1 
ATOM   919  N N   . ASP A 1 118 ? -10.431 3.733   8.746   1.00 24.45 ? 118  ASP A N   1 
ATOM   920  C CA  . ASP A 1 118 ? -11.783 4.093   9.179   1.00 24.17 ? 118  ASP A CA  1 
ATOM   921  C C   . ASP A 1 118 ? -12.390 5.333   8.537   1.00 23.88 ? 118  ASP A C   1 
ATOM   922  O O   . ASP A 1 118 ? -13.446 5.260   7.913   1.00 23.92 ? 118  ASP A O   1 
ATOM   923  C CB  . ASP A 1 118 ? -11.827 4.255   10.702  1.00 22.55 ? 118  ASP A CB  1 
ATOM   924  C CG  . ASP A 1 118 ? -11.546 2.961   11.425  1.00 20.74 ? 118  ASP A CG  1 
ATOM   925  O OD1 . ASP A 1 118 ? -11.804 1.892   10.832  1.00 18.42 ? 118  ASP A OD1 1 
ATOM   926  O OD2 . ASP A 1 118 ? -11.079 3.014   12.585  1.00 20.74 ? 118  ASP A OD2 1 
ATOM   927  N N   . THR A 1 119 ? -11.723 6.470   8.693   1.00 23.63 ? 119  THR A N   1 
ATOM   928  C CA  . THR A 1 119 ? -12.235 7.709   8.138   1.00 23.94 ? 119  THR A CA  1 
ATOM   929  C C   . THR A 1 119 ? -11.835 7.920   6.682   1.00 23.61 ? 119  THR A C   1 
ATOM   930  O O   . THR A 1 119 ? -12.503 8.644   5.943   1.00 24.65 ? 119  THR A O   1 
ATOM   931  C CB  . THR A 1 119 ? -11.757 8.910   8.983   1.00 23.87 ? 119  THR A CB  1 
ATOM   932  O OG1 . THR A 1 119 ? -10.326 8.971   8.972   1.00 25.00 ? 119  THR A OG1 1 
ATOM   933  C CG2 . THR A 1 119 ? -12.221 8.750   10.423  1.00 24.15 ? 119  THR A CG2 1 
ATOM   934  N N   . GLY A 1 120 ? -10.759 7.264   6.265   1.00 23.22 ? 120  GLY A N   1 
ATOM   935  C CA  . GLY A 1 120 ? -10.283 7.428   4.907   1.00 21.17 ? 120  GLY A CA  1 
ATOM   936  C C   . GLY A 1 120 ? -9.425  8.679   4.870   1.00 21.34 ? 120  GLY A C   1 
ATOM   937  O O   . GLY A 1 120 ? -9.084  9.182   3.798   1.00 22.12 ? 120  GLY A O   1 
ATOM   938  N N   . ALA A 1 121 ? -9.077  9.182   6.052   1.00 20.26 ? 121  ALA A N   1 
ATOM   939  C CA  . ALA A 1 121 ? -8.260  10.387  6.177   1.00 20.24 ? 121  ALA A CA  1 
ATOM   940  C C   . ALA A 1 121 ? -6.817  10.131  5.746   1.00 20.59 ? 121  ALA A C   1 
ATOM   941  O O   . ALA A 1 121 ? -6.249  9.088   6.050   1.00 20.72 ? 121  ALA A O   1 
ATOM   942  C CB  . ALA A 1 121 ? -8.292  10.893  7.613   1.00 19.95 ? 121  ALA A CB  1 
ATOM   943  N N   . ILE A 1 122 ? -6.236  11.089  5.034   1.00 19.72 ? 122  ILE A N   1 
ATOM   944  C CA  . ILE A 1 122 ? -4.860  10.974  4.573   1.00 20.01 ? 122  ILE A CA  1 
ATOM   945  C C   . ILE A 1 122 ? -3.937  11.447  5.693   1.00 18.82 ? 122  ILE A C   1 
ATOM   946  O O   . ILE A 1 122 ? -3.908  12.629  6.023   1.00 20.21 ? 122  ILE A O   1 
ATOM   947  C CB  . ILE A 1 122 ? -4.640  11.842  3.317   1.00 21.56 ? 122  ILE A CB  1 
ATOM   948  C CG1 . ILE A 1 122 ? -5.653  11.439  2.243   1.00 21.95 ? 122  ILE A CG1 1 
ATOM   949  C CG2 . ILE A 1 122 ? -3.219  11.682  2.799   1.00 21.16 ? 122  ILE A CG2 1 
ATOM   950  C CD1 . ILE A 1 122 ? -5.730  12.401  1.082   1.00 25.17 ? 122  ILE A CD1 1 
ATOM   951  N N   . ILE A 1 123 ? -3.198  10.519  6.287   1.00 16.50 ? 123  ILE A N   1 
ATOM   952  C CA  . ILE A 1 123 ? -2.281  10.845  7.378   1.00 16.92 ? 123  ILE A CA  1 
ATOM   953  C C   . ILE A 1 123 ? -0.987  11.489  6.856   1.00 16.84 ? 123  ILE A C   1 
ATOM   954  O O   . ILE A 1 123 ? -0.537  12.517  7.367   1.00 17.19 ? 123  ILE A O   1 
ATOM   955  C CB  . ILE A 1 123 ? -1.947  9.573   8.198   1.00 15.33 ? 123  ILE A CB  1 
ATOM   956  C CG1 . ILE A 1 123 ? -3.237  9.012   8.812   1.00 15.00 ? 123  ILE A CG1 1 
ATOM   957  C CG2 . ILE A 1 123 ? -0.918  9.888   9.270   1.00 15.36 ? 123  ILE A CG2 1 
ATOM   958  C CD1 . ILE A 1 123 ? -3.073  7.670   9.533   1.00 13.58 ? 123  ILE A CD1 1 
ATOM   959  N N   . GLY A 1 124 ? -0.403  10.886  5.827   1.00 16.75 ? 124  GLY A N   1 
ATOM   960  C CA  . GLY A 1 124 ? 0.816   11.424  5.256   1.00 18.15 ? 124  GLY A CA  1 
ATOM   961  C C   . GLY A 1 124 ? 0.993   10.963  3.826   1.00 18.63 ? 124  GLY A C   1 
ATOM   962  O O   . GLY A 1 124 ? 0.174   10.198  3.310   1.00 17.66 ? 124  GLY A O   1 
ATOM   963  N N   . THR A 1 125 ? 2.057   11.428  3.179   1.00 19.98 ? 125  THR A N   1 
ATOM   964  C CA  . THR A 1 125 ? 2.335   11.041  1.802   1.00 21.15 ? 125  THR A CA  1 
ATOM   965  C C   . THR A 1 125 ? 3.828   10.865  1.598   1.00 20.11 ? 125  THR A C   1 
ATOM   966  O O   . THR A 1 125 ? 4.286   10.605  0.485   1.00 20.45 ? 125  THR A O   1 
ATOM   967  C CB  . THR A 1 125 ? 1.853   12.099  0.793   1.00 22.09 ? 125  THR A CB  1 
ATOM   968  O OG1 . THR A 1 125 ? 2.709   13.242  0.872   1.00 22.56 ? 125  THR A OG1 1 
ATOM   969  C CG2 . THR A 1 125 ? 0.420   12.508  1.084   1.00 21.03 ? 125  THR A CG2 1 
ATOM   970  N N   . GLN A 1 126 ? 4.595   11.011  2.670   1.00 20.31 ? 126  GLN A N   1 
ATOM   971  C CA  . GLN A 1 126 ? 6.038   10.857  2.555   1.00 19.64 ? 126  GLN A CA  1 
ATOM   972  C C   . GLN A 1 126 ? 6.582   9.701   3.396   1.00 18.00 ? 126  GLN A C   1 
ATOM   973  O O   . GLN A 1 126 ? 7.745   9.709   3.804   1.00 17.26 ? 126  GLN A O   1 
ATOM   974  C CB  . GLN A 1 126 ? 6.728   12.164  2.931   1.00 20.72 ? 126  GLN A CB  1 
ATOM   975  C CG  . GLN A 1 126 ? 6.291   13.334  2.071   1.00 23.72 ? 126  GLN A CG  1 
ATOM   976  C CD  . GLN A 1 126 ? 7.302   14.454  2.074   1.00 26.48 ? 126  GLN A CD  1 
ATOM   977  O OE1 . GLN A 1 126 ? 8.360   14.352  1.438   1.00 28.18 ? 126  GLN A OE1 1 
ATOM   978  N NE2 . GLN A 1 126 ? 6.998   15.528  2.799   1.00 26.17 ? 126  GLN A NE2 1 
ATOM   979  N N   . ALA A 1 127 ? 5.735   8.707   3.635   1.00 15.27 ? 127  ALA A N   1 
ATOM   980  C CA  . ALA A 1 127 ? 6.135   7.545   4.413   1.00 16.45 ? 127  ALA A CA  1 
ATOM   981  C C   . ALA A 1 127 ? 7.317   6.813   3.775   1.00 17.04 ? 127  ALA A C   1 
ATOM   982  O O   . ALA A 1 127 ? 8.002   6.044   4.449   1.00 18.09 ? 127  ALA A O   1 
ATOM   983  C CB  . ALA A 1 127 ? 4.960   6.599   4.583   1.00 13.79 ? 127  ALA A CB  1 
ATOM   984  N N   . ARG A 1 128 ? 7.568   7.040   2.485   1.00 17.37 ? 128  ARG A N   1 
ATOM   985  C CA  . ARG A 1 128 ? 8.694   6.375   1.828   1.00 18.02 ? 128  ARG A CA  1 
ATOM   986  C C   . ARG A 1 128 ? 10.018  6.860   2.399   1.00 18.01 ? 128  ARG A C   1 
ATOM   987  O O   . ARG A 1 128 ? 10.992  6.118   2.447   1.00 18.49 ? 128  ARG A O   1 
ATOM   988  C CB  . ARG A 1 128 ? 8.712   6.633   0.322   1.00 19.11 ? 128  ARG A CB  1 
ATOM   989  C CG  . ARG A 1 128 ? 9.914   5.971   -0.351  1.00 20.98 ? 128  ARG A CG  1 
ATOM   990  C CD  . ARG A 1 128 ? 10.451  6.782   -1.519  1.00 25.37 ? 128  ARG A CD  1 
ATOM   991  N NE  . ARG A 1 128 ? 11.823  7.244   -1.292  1.00 27.08 ? 128  ARG A NE  1 
ATOM   992  C CZ  . ARG A 1 128 ? 12.858  6.440   -1.062  1.00 29.39 ? 128  ARG A CZ  1 
ATOM   993  N NH1 . ARG A 1 128 ? 12.682  5.131   -1.026  1.00 31.82 ? 128  ARG A NH1 1 
ATOM   994  N NH2 . ARG A 1 128 ? 14.074  6.944   -0.880  1.00 32.10 ? 128  ARG A NH2 1 
ATOM   995  N N   . THR A 1 129 ? 10.044  8.115   2.827   1.00 17.97 ? 129  THR A N   1 
ATOM   996  C CA  . THR A 1 129 ? 11.251  8.706   3.386   1.00 17.57 ? 129  THR A CA  1 
ATOM   997  C C   . THR A 1 129 ? 11.331  8.498   4.894   1.00 18.43 ? 129  THR A C   1 
ATOM   998  O O   . THR A 1 129 ? 12.412  8.273   5.441   1.00 18.47 ? 129  THR A O   1 
ATOM   999  C CB  . THR A 1 129 ? 11.293  10.213  3.095   1.00 18.33 ? 129  THR A CB  1 
ATOM   1000 O OG1 . THR A 1 129 ? 11.291  10.422  1.676   1.00 17.75 ? 129  THR A OG1 1 
ATOM   1001 C CG2 . THR A 1 129 ? 12.545  10.839  3.691   1.00 18.99 ? 129  THR A CG2 1 
ATOM   1002 N N   . ARG A 1 130 ? 10.187  8.574   5.564   1.00 18.06 ? 130  ARG A N   1 
ATOM   1003 C CA  . ARG A 1 130 ? 10.146  8.413   7.009   1.00 17.93 ? 130  ARG A CA  1 
ATOM   1004 C C   . ARG A 1 130 ? 10.602  7.034   7.444   1.00 18.13 ? 130  ARG A C   1 
ATOM   1005 O O   . ARG A 1 130 ? 11.293  6.893   8.448   1.00 19.96 ? 130  ARG A O   1 
ATOM   1006 C CB  . ARG A 1 130 ? 8.737   8.664   7.526   1.00 17.84 ? 130  ARG A CB  1 
ATOM   1007 C CG  . ARG A 1 130 ? 8.193   10.013  7.139   1.00 20.42 ? 130  ARG A CG  1 
ATOM   1008 C CD  . ARG A 1 130 ? 8.986   11.146  7.777   1.00 20.62 ? 130  ARG A CD  1 
ATOM   1009 N NE  . ARG A 1 130 ? 8.474   12.418  7.298   1.00 21.89 ? 130  ARG A NE  1 
ATOM   1010 C CZ  . ARG A 1 130 ? 9.101   13.195  6.424   1.00 24.12 ? 130  ARG A CZ  1 
ATOM   1011 N NH1 . ARG A 1 130 ? 10.283  12.841  5.939   1.00 22.70 ? 130  ARG A NH1 1 
ATOM   1012 N NH2 . ARG A 1 130 ? 8.519   14.309  5.999   1.00 26.90 ? 130  ARG A NH2 1 
ATOM   1013 N N   . VAL A 1 131 ? 10.214  6.011   6.695   1.00 17.59 ? 131  VAL A N   1 
ATOM   1014 C CA  . VAL A 1 131 ? 10.604  4.662   7.057   1.00 19.06 ? 131  VAL A CA  1 
ATOM   1015 C C   . VAL A 1 131 ? 12.117  4.497   6.979   1.00 19.36 ? 131  VAL A C   1 
ATOM   1016 O O   . VAL A 1 131 ? 12.699  3.724   7.740   1.00 20.15 ? 131  VAL A O   1 
ATOM   1017 C CB  . VAL A 1 131 ? 9.935   3.617   6.156   1.00 17.86 ? 131  VAL A CB  1 
ATOM   1018 C CG1 . VAL A 1 131 ? 10.571  3.616   4.797   1.00 18.70 ? 131  VAL A CG1 1 
ATOM   1019 C CG2 . VAL A 1 131 ? 10.038  2.261   6.800   1.00 19.02 ? 131  VAL A CG2 1 
ATOM   1020 N N   . ILE A 1 132 ? 12.750  5.227   6.065   1.00 19.44 ? 132  ILE A N   1 
ATOM   1021 C CA  . ILE A 1 132 ? 14.203  5.166   5.902   1.00 19.93 ? 132  ILE A CA  1 
ATOM   1022 C C   . ILE A 1 132 ? 14.907  5.818   7.094   1.00 19.48 ? 132  ILE A C   1 
ATOM   1023 O O   . ILE A 1 132 ? 15.841  5.259   7.655   1.00 19.89 ? 132  ILE A O   1 
ATOM   1024 C CB  . ILE A 1 132 ? 14.667  5.896   4.607   1.00 19.97 ? 132  ILE A CB  1 
ATOM   1025 C CG1 . ILE A 1 132 ? 14.096  5.196   3.376   1.00 21.08 ? 132  ILE A CG1 1 
ATOM   1026 C CG2 . ILE A 1 132 ? 16.188  5.912   4.532   1.00 20.53 ? 132  ILE A CG2 1 
ATOM   1027 C CD1 . ILE A 1 132 ? 14.446  3.719   3.296   1.00 22.60 ? 132  ILE A CD1 1 
ATOM   1028 N N   . GLU A 1 133 ? 14.436  6.998   7.477   1.00 18.82 ? 133  GLU A N   1 
ATOM   1029 C CA  . GLU A 1 133 ? 15.010  7.747   8.585   1.00 20.21 ? 133  GLU A CA  1 
ATOM   1030 C C   . GLU A 1 133 ? 14.651  7.162   9.945   1.00 19.44 ? 133  GLU A C   1 
ATOM   1031 O O   . GLU A 1 133 ? 15.401  7.310   10.914  1.00 20.73 ? 133  GLU A O   1 
ATOM   1032 C CB  . GLU A 1 133 ? 14.502  9.187   8.552   1.00 20.48 ? 133  GLU A CB  1 
ATOM   1033 C CG  . GLU A 1 133 ? 14.480  9.817   7.184   1.00 22.27 ? 133  GLU A CG  1 
ATOM   1034 C CD  . GLU A 1 133 ? 13.812  11.182  7.194   1.00 24.79 ? 133  GLU A CD  1 
ATOM   1035 O OE1 . GLU A 1 133 ? 12.712  11.305  7.781   1.00 23.43 ? 133  GLU A OE1 1 
ATOM   1036 O OE2 . GLU A 1 133 ? 14.381  12.126  6.599   1.00 26.30 ? 133  GLU A OE2 1 
ATOM   1037 N N   . ASP A 1 134 ? 13.507  6.497   10.007  1.00 17.63 ? 134  ASP A N   1 
ATOM   1038 C CA  . ASP A 1 134 ? 12.999  5.942   11.252  1.00 17.76 ? 134  ASP A CA  1 
ATOM   1039 C C   . ASP A 1 134 ? 12.438  4.532   11.011  1.00 19.09 ? 134  ASP A C   1 
ATOM   1040 O O   . ASP A 1 134 ? 11.224  4.324   11.001  1.00 18.67 ? 134  ASP A O   1 
ATOM   1041 C CB  . ASP A 1 134 ? 11.927  6.906   11.758  1.00 17.04 ? 134  ASP A CB  1 
ATOM   1042 C CG  . ASP A 1 134 ? 11.261  6.445   13.020  1.00 17.93 ? 134  ASP A CG  1 
ATOM   1043 O OD1 . ASP A 1 134 ? 11.892  5.715   13.818  1.00 15.05 ? 134  ASP A OD1 1 
ATOM   1044 O OD2 . ASP A 1 134 ? 10.093  6.843   13.216  1.00 19.57 ? 134  ASP A OD2 1 
ATOM   1045 N N   . PRO A 1 135 ? 13.337  3.538   10.852  1.00 18.50 ? 135  PRO A N   1 
ATOM   1046 C CA  . PRO A 1 135 ? 13.067  2.117   10.597  1.00 18.21 ? 135  PRO A CA  1 
ATOM   1047 C C   . PRO A 1 135 ? 12.064  1.420   11.506  1.00 18.26 ? 135  PRO A C   1 
ATOM   1048 O O   . PRO A 1 135 ? 11.348  0.519   11.070  1.00 17.32 ? 135  PRO A O   1 
ATOM   1049 C CB  . PRO A 1 135 ? 14.455  1.467   10.703  1.00 19.11 ? 135  PRO A CB  1 
ATOM   1050 C CG  . PRO A 1 135 ? 15.410  2.586   10.459  1.00 17.92 ? 135  PRO A CG  1 
ATOM   1051 C CD  . PRO A 1 135 ? 14.764  3.737   11.170  1.00 18.96 ? 135  PRO A CD  1 
ATOM   1052 N N   . ASP A 1 136 ? 12.016  1.826   12.768  1.00 18.14 ? 136  ASP A N   1 
ATOM   1053 C CA  . ASP A 1 136 ? 11.114  1.188   13.717  1.00 18.83 ? 136  ASP A CA  1 
ATOM   1054 C C   . ASP A 1 136 ? 9.844   1.955   14.040  1.00 18.29 ? 136  ASP A C   1 
ATOM   1055 O O   . ASP A 1 136 ? 9.159   1.659   15.022  1.00 17.82 ? 136  ASP A O   1 
ATOM   1056 C CB  . ASP A 1 136 ? 11.881  0.841   14.992  1.00 17.97 ? 136  ASP A CB  1 
ATOM   1057 C CG  . ASP A 1 136 ? 12.940  -0.216  14.743  1.00 17.41 ? 136  ASP A CG  1 
ATOM   1058 O OD1 . ASP A 1 136 ? 12.572  -1.275  14.193  1.00 16.06 ? 136  ASP A OD1 1 
ATOM   1059 O OD2 . ASP A 1 136 ? 14.123  0.010   15.080  1.00 16.06 ? 136  ASP A OD2 1 
ATOM   1060 N N   . GLY A 1 137 ? 9.532   2.933   13.197  1.00 18.60 ? 137  GLY A N   1 
ATOM   1061 C CA  . GLY A 1 137 ? 8.322   3.714   13.369  1.00 19.21 ? 137  GLY A CA  1 
ATOM   1062 C C   . GLY A 1 137 ? 8.122   4.400   14.702  1.00 19.44 ? 137  GLY A C   1 
ATOM   1063 O O   . GLY A 1 137 ? 7.013   4.415   15.241  1.00 19.30 ? 137  GLY A O   1 
ATOM   1064 N N   . ALA A 1 138 ? 9.188   4.976   15.239  1.00 18.80 ? 138  ALA A N   1 
ATOM   1065 C CA  . ALA A 1 138 ? 9.092   5.675   16.509  1.00 20.34 ? 138  ALA A CA  1 
ATOM   1066 C C   . ALA A 1 138 ? 8.066   6.791   16.343  1.00 20.18 ? 138  ALA A C   1 
ATOM   1067 O O   . ALA A 1 138 ? 7.317   7.112   17.265  1.00 19.72 ? 138  ALA A O   1 
ATOM   1068 C CB  . ALA A 1 138 ? 10.459  6.261   16.901  1.00 21.26 ? 138  ALA A CB  1 
ATOM   1069 N N   . ASN A 1 139 ? 8.024   7.378   15.154  1.00 18.43 ? 139  ASN A N   1 
ATOM   1070 C CA  . ASN A 1 139 ? 7.076   8.447   14.912  1.00 18.88 ? 139  ASN A CA  1 
ATOM   1071 C C   . ASN A 1 139 ? 5.914   7.996   14.027  1.00 18.78 ? 139  ASN A C   1 
ATOM   1072 O O   . ASN A 1 139 ? 5.207   8.820   13.451  1.00 18.22 ? 139  ASN A O   1 
ATOM   1073 C CB  . ASN A 1 139 ? 7.802   9.661   14.322  1.00 18.62 ? 139  ASN A CB  1 
ATOM   1074 C CG  . ASN A 1 139 ? 8.853   10.216  15.273  1.00 18.92 ? 139  ASN A CG  1 
ATOM   1075 O OD1 . ASN A 1 139 ? 8.574   10.452  16.447  1.00 19.23 ? 139  ASN A OD1 1 
ATOM   1076 N ND2 . ASN A 1 139 ? 10.063  10.419  14.772  1.00 17.74 ? 139  ASN A ND2 1 
ATOM   1077 N N   . PHE A 1 140 ? 5.729   6.680   13.921  1.00 18.08 ? 140  PHE A N   1 
ATOM   1078 C CA  . PHE A 1 140 ? 4.625   6.112   13.147  1.00 19.30 ? 140  PHE A CA  1 
ATOM   1079 C C   . PHE A 1 140 ? 3.377   6.769   13.731  1.00 18.56 ? 140  PHE A C   1 
ATOM   1080 O O   . PHE A 1 140 ? 3.296   6.947   14.940  1.00 20.26 ? 140  PHE A O   1 
ATOM   1081 C CB  . PHE A 1 140 ? 4.558   4.595   13.378  1.00 17.24 ? 140  PHE A CB  1 
ATOM   1082 C CG  . PHE A 1 140 ? 3.315   3.936   12.821  1.00 15.78 ? 140  PHE A CG  1 
ATOM   1083 C CD1 . PHE A 1 140 ? 3.196   3.665   11.461  1.00 14.78 ? 140  PHE A CD1 1 
ATOM   1084 C CD2 . PHE A 1 140 ? 2.272   3.562   13.669  1.00 14.65 ? 140  PHE A CD2 1 
ATOM   1085 C CE1 . PHE A 1 140 ? 2.055   3.024   10.954  1.00 16.00 ? 140  PHE A CE1 1 
ATOM   1086 C CE2 . PHE A 1 140 ? 1.130   2.922   13.172  1.00 15.85 ? 140  PHE A CE2 1 
ATOM   1087 C CZ  . PHE A 1 140 ? 1.020   2.651   11.812  1.00 14.18 ? 140  PHE A CZ  1 
ATOM   1088 N N   . PRO A 1 141 ? 2.378   7.105   12.900  1.00 18.90 ? 141  PRO A N   1 
ATOM   1089 C CA  . PRO A 1 141 ? 2.223   6.947   11.450  1.00 17.74 ? 141  PRO A CA  1 
ATOM   1090 C C   . PRO A 1 141 ? 2.810   8.068   10.599  1.00 17.29 ? 141  PRO A C   1 
ATOM   1091 O O   . PRO A 1 141 ? 2.471   8.204   9.429   1.00 15.87 ? 141  PRO A O   1 
ATOM   1092 C CB  . PRO A 1 141 ? 0.720   6.867   11.294  1.00 18.80 ? 141  PRO A CB  1 
ATOM   1093 C CG  . PRO A 1 141 ? 0.276   7.893   12.276  1.00 16.64 ? 141  PRO A CG  1 
ATOM   1094 C CD  . PRO A 1 141 ? 1.097   7.523   13.495  1.00 17.64 ? 141  PRO A CD  1 
ATOM   1095 N N   . TRP A 1 142 ? 3.670   8.881   11.195  1.00 18.30 ? 142  TRP A N   1 
ATOM   1096 C CA  . TRP A 1 142 ? 4.327   9.974   10.478  1.00 18.98 ? 142  TRP A CA  1 
ATOM   1097 C C   . TRP A 1 142 ? 3.389   10.988  9.842   1.00 18.80 ? 142  TRP A C   1 
ATOM   1098 O O   . TRP A 1 142 ? 3.400   11.180  8.632   1.00 18.60 ? 142  TRP A O   1 
ATOM   1099 C CB  . TRP A 1 142 ? 5.246   9.402   9.400   1.00 18.02 ? 142  TRP A CB  1 
ATOM   1100 C CG  . TRP A 1 142 ? 6.291   8.503   9.941   1.00 17.08 ? 142  TRP A CG  1 
ATOM   1101 C CD1 . TRP A 1 142 ? 7.314   8.848   10.770  1.00 15.41 ? 142  TRP A CD1 1 
ATOM   1102 C CD2 . TRP A 1 142 ? 6.444   7.105   9.669   1.00 17.23 ? 142  TRP A CD2 1 
ATOM   1103 N NE1 . TRP A 1 142 ? 8.102   7.755   11.028  1.00 16.95 ? 142  TRP A NE1 1 
ATOM   1104 C CE2 . TRP A 1 142 ? 7.592   6.670   10.364  1.00 16.96 ? 142  TRP A CE2 1 
ATOM   1105 C CE3 . TRP A 1 142 ? 5.727   6.178   8.902   1.00 17.75 ? 142  TRP A CE3 1 
ATOM   1106 C CZ2 . TRP A 1 142 ? 8.044   5.341   10.316  1.00 16.49 ? 142  TRP A CZ2 1 
ATOM   1107 C CZ3 . TRP A 1 142 ? 6.175   4.858   8.854   1.00 16.80 ? 142  TRP A CZ3 1 
ATOM   1108 C CH2 . TRP A 1 142 ? 7.324   4.454   9.557   1.00 16.57 ? 142  TRP A CH2 1 
ATOM   1109 N N   . PRO A 1 143 ? 2.570   11.660  10.658  1.00 20.45 ? 143  PRO A N   1 
ATOM   1110 C CA  . PRO A 1 143 ? 1.622   12.667  10.176  1.00 23.62 ? 143  PRO A CA  1 
ATOM   1111 C C   . PRO A 1 143 ? 2.268   13.815  9.394   1.00 25.48 ? 143  PRO A C   1 
ATOM   1112 O O   . PRO A 1 143 ? 3.300   14.362  9.799   1.00 26.45 ? 143  PRO A O   1 
ATOM   1113 C CB  . PRO A 1 143 ? 0.975   13.169  11.468  1.00 23.04 ? 143  PRO A CB  1 
ATOM   1114 C CG  . PRO A 1 143 ? 1.020   11.968  12.358  1.00 21.03 ? 143  PRO A CG  1 
ATOM   1115 C CD  . PRO A 1 143 ? 2.405   11.442  12.107  1.00 20.52 ? 143  PRO A CD  1 
ATOM   1116 N N   . ASN A 1 144 ? 1.655   14.170  8.272   1.00 28.08 ? 144  ASN A N   1 
ATOM   1117 C CA  . ASN A 1 144 ? 2.120   15.282  7.452   1.00 29.85 ? 144  ASN A CA  1 
ATOM   1118 C C   . ASN A 1 144 ? 1.953   16.569  8.266   1.00 30.62 ? 144  ASN A C   1 
ATOM   1119 O O   . ASN A 1 144 ? 1.126   16.554  9.206   1.00 30.20 ? 144  ASN A O   1 
ATOM   1120 C CB  . ASN A 1 144 ? 1.268   15.377  6.183   1.00 29.65 ? 144  ASN A CB  1 
ATOM   1121 C CG  . ASN A 1 144 ? 1.969   14.801  4.964   1.00 30.90 ? 144  ASN A CG  1 
ATOM   1122 O OD1 . ASN A 1 144 ? 2.794   13.873  5.067   1.00 28.49 ? 144  ASN A OD1 1 
ATOM   1123 N ND2 . ASN A 1 144 ? 1.635   15.340  3.790   1.00 30.44 ? 144  ASN A ND2 1 
ATOM   1124 O OXT . ASN A 1 144 ? 2.630   17.578  7.953   1.00 31.15 ? 144  ASN A OXT 1 
HETATM 1125 O O   . HOH B 2 .   ? -12.025 -0.386  6.832   1.00 27.19 ? 2001 HOH A O   1 
HETATM 1126 O O   . HOH B 2 .   ? -10.629 11.194  1.339   1.00 12.01 ? 2002 HOH A O   1 
HETATM 1127 O O   . HOH B 2 .   ? -15.349 0.625   -8.658  1.00 33.88 ? 2003 HOH A O   1 
HETATM 1128 O O   . HOH B 2 .   ? -15.887 -3.320  1.782   1.00 20.92 ? 2004 HOH A O   1 
HETATM 1129 O O   . HOH B 2 .   ? -14.726 -4.867  0.006   1.00 15.70 ? 2005 HOH A O   1 
HETATM 1130 O O   . HOH B 2 .   ? -13.753 -11.619 -6.732  1.00 26.07 ? 2006 HOH A O   1 
HETATM 1131 O O   . HOH B 2 .   ? -8.441  -4.652  11.147  1.00 20.99 ? 2007 HOH A O   1 
HETATM 1132 O O   . HOH B 2 .   ? -1.198  7.940   -12.193 1.00 30.74 ? 2008 HOH A O   1 
HETATM 1133 O O   . HOH B 2 .   ? -2.462  2.249   13.445  1.00 14.16 ? 2009 HOH A O   1 
HETATM 1134 O O   . HOH B 2 .   ? -5.185  3.910   12.614  1.00 27.18 ? 2010 HOH A O   1 
HETATM 1135 O O   . HOH B 2 .   ? 11.216  -3.862  -8.452  1.00 18.33 ? 2011 HOH A O   1 
HETATM 1136 O O   . HOH B 2 .   ? 12.706  -1.679  -16.139 1.00 24.52 ? 2012 HOH A O   1 
HETATM 1137 O O   . HOH B 2 .   ? 11.361  -6.566  -10.513 1.00 30.58 ? 2013 HOH A O   1 
HETATM 1138 O O   . HOH B 2 .   ? 18.169  -1.703  -7.363  1.00 21.01 ? 2014 HOH A O   1 
HETATM 1139 O O   . HOH B 2 .   ? 15.386  3.001   -3.370  1.00 13.00 ? 2015 HOH A O   1 
HETATM 1140 O O   . HOH B 2 .   ? 13.662  -8.026  -10.003 1.00 28.21 ? 2016 HOH A O   1 
HETATM 1141 O O   . HOH B 2 .   ? 15.014  -3.082  -14.107 1.00 16.38 ? 2017 HOH A O   1 
HETATM 1142 O O   . HOH B 2 .   ? 5.027   11.051  -3.073  1.00 33.30 ? 2018 HOH A O   1 
HETATM 1143 O O   . HOH B 2 .   ? 18.122  -2.783  -4.929  1.00 34.17 ? 2019 HOH A O   1 
HETATM 1144 O O   . HOH B 2 .   ? 16.274  1.129   0.199   1.00 29.71 ? 2020 HOH A O   1 
HETATM 1145 O O   . HOH B 2 .   ? 8.097   10.056  -0.994  1.00 28.05 ? 2021 HOH A O   1 
HETATM 1146 O O   . HOH B 2 .   ? 13.127  -1.148  7.490   1.00 14.39 ? 2022 HOH A O   1 
HETATM 1147 O O   . HOH B 2 .   ? 15.988  -5.724  4.691   1.00 32.00 ? 2023 HOH A O   1 
HETATM 1148 O O   . HOH B 2 .   ? 4.651   -7.502  13.145  1.00 18.03 ? 2024 HOH A O   1 
HETATM 1149 O O   . HOH B 2 .   ? 8.368   -10.918 4.071   1.00 20.91 ? 2025 HOH A O   1 
HETATM 1150 O O   . HOH B 2 .   ? 4.713   -6.287  15.418  1.00 16.77 ? 2026 HOH A O   1 
HETATM 1151 O O   . HOH B 2 .   ? 14.188  -3.625  14.736  1.00 20.24 ? 2027 HOH A O   1 
HETATM 1152 O O   . HOH B 2 .   ? 9.632   -5.980  16.147  1.00 20.07 ? 2028 HOH A O   1 
HETATM 1153 O O   . HOH B 2 .   ? 6.637   -4.863  16.744  1.00 15.93 ? 2029 HOH A O   1 
HETATM 1154 O O   . HOH B 2 .   ? 16.956  -6.463  12.430  1.00 18.67 ? 2030 HOH A O   1 
HETATM 1155 O O   . HOH B 2 .   ? -2.095  -5.311  11.103  1.00 19.58 ? 2031 HOH A O   1 
HETATM 1156 O O   . HOH B 2 .   ? -2.443  -5.636  14.041  1.00 18.62 ? 2032 HOH A O   1 
HETATM 1157 O O   . HOH B 2 .   ? 4.208   2.843   20.208  1.00 31.95 ? 2033 HOH A O   1 
HETATM 1158 O O   . HOH B 2 .   ? -6.796  -4.746  14.460  1.00 15.35 ? 2034 HOH A O   1 
HETATM 1159 O O   . HOH B 2 .   ? -7.677  -2.500  14.156  1.00 17.48 ? 2035 HOH A O   1 
HETATM 1160 O O   . HOH B 2 .   ? -2.025  -9.304  5.431   1.00 31.48 ? 2036 HOH A O   1 
HETATM 1161 O O   . HOH B 2 .   ? -2.550  -2.891  -8.800  1.00 27.48 ? 2037 HOH A O   1 
HETATM 1162 O O   . HOH B 2 .   ? -0.962  5.922   -10.386 1.00 18.55 ? 2038 HOH A O   1 
HETATM 1163 O O   . HOH B 2 .   ? 5.907   -4.689  -15.072 1.00 24.99 ? 2039 HOH A O   1 
HETATM 1164 O O   . HOH B 2 .   ? -0.548  -1.362  -16.671 1.00 26.49 ? 2040 HOH A O   1 
HETATM 1165 O O   . HOH B 2 .   ? 10.648  -3.911  -6.140  1.00 20.13 ? 2041 HOH A O   1 
HETATM 1166 O O   . HOH B 2 .   ? -4.895  -2.491  -10.308 1.00 13.90 ? 2042 HOH A O   1 
HETATM 1167 O O   . HOH B 2 .   ? -5.342  -9.554  -10.508 1.00 17.61 ? 2043 HOH A O   1 
HETATM 1168 O O   . HOH B 2 .   ? -7.285  -9.318  -12.130 1.00 27.32 ? 2044 HOH A O   1 
HETATM 1169 O O   . HOH B 2 .   ? -9.885  -0.598  -15.068 1.00 15.35 ? 2045 HOH A O   1 
HETATM 1170 O O   . HOH B 2 .   ? -10.351 9.712   -4.415  1.00 25.19 ? 2046 HOH A O   1 
HETATM 1171 O O   . HOH B 2 .   ? 5.470   11.626  -6.656  1.00 25.27 ? 2047 HOH A O   1 
HETATM 1172 O O   . HOH B 2 .   ? 11.763  7.321   -9.471  1.00 32.81 ? 2048 HOH A O   1 
HETATM 1173 O O   . HOH B 2 .   ? 5.961   8.136   0.151   1.00 10.92 ? 2049 HOH A O   1 
HETATM 1174 O O   . HOH B 2 .   ? 3.082   8.848   6.729   1.00 14.92 ? 2050 HOH A O   1 
HETATM 1175 O O   . HOH B 2 .   ? -12.231 0.859   14.757  1.00 16.34 ? 2051 HOH A O   1 
HETATM 1176 O O   . HOH B 2 .   ? 2.897   14.573  -1.122  1.00 25.37 ? 2052 HOH A O   1 
HETATM 1177 O O   . HOH B 2 .   ? 5.670   17.292  4.939   1.00 28.02 ? 2053 HOH A O   1 
HETATM 1178 O O   . HOH B 2 .   ? 2.986   8.522   3.616   1.00 17.74 ? 2054 HOH A O   1 
HETATM 1179 O O   . HOH B 2 .   ? 9.151   11.449  0.748   1.00 20.55 ? 2055 HOH A O   1 
HETATM 1180 O O   . HOH B 2 .   ? 5.899   13.147  7.498   1.00 21.65 ? 2056 HOH A O   1 
HETATM 1181 O O   . HOH B 2 .   ? 13.386  3.714   14.620  1.00 26.13 ? 2057 HOH A O   1 
HETATM 1182 O O   . HOH B 2 .   ? 13.996  -1.865  11.441  1.00 23.41 ? 2058 HOH A O   1 
HETATM 1183 O O   . HOH B 2 .   ? 15.199  1.866   16.347  1.00 11.61 ? 2059 HOH A O   1 
HETATM 1184 O O   . HOH B 2 .   ? 9.846   2.892   18.846  1.00 20.01 ? 2060 HOH A O   1 
HETATM 1185 O O   . HOH B 2 .   ? 7.305   7.543   19.830  1.00 22.66 ? 2061 HOH A O   1 
HETATM 1186 O O   . HOH B 2 .   ? 10.252  10.821  11.730  1.00 15.83 ? 2062 HOH A O   1 
HETATM 1187 O O   . HOH B 2 .   ? 4.526   11.675  6.037   1.00 33.38 ? 2063 HOH A O   1 
# 
